data_8ZHO
#
_entry.id   8ZHO
#
loop_
_entity.id
_entity.type
_entity.pdbx_description
1 polymer 'Spike glycoprotein'
2 polymer 'Heavy chain of R1-32 Fab'
3 polymer 'Light chain of R1-32 Fab'
4 polymer 'Light chain of H18 Fab'
5 polymer 'Heavy chain of H18 Fab'
6 non-polymer 2-acetamido-2-deoxy-beta-D-glucopyranose
#
loop_
_entity_poly.entity_id
_entity_poly.type
_entity_poly.pdbx_seq_one_letter_code
_entity_poly.pdbx_strand_id
1 'polypeptide(L)'
;VSSQCVNLTTRTQLPPAYTNSFTRGVYYPDKVFRSSVLHSTQDLFLPFFSNVTWFHAIHVSGTNGTKRFDNPVLPFNDGV
YFASTEKSNIIRGWIFGTTLDSKTQSLLIVNNATNVVIKVCEFQFCNDPFLGVYYHKNNKSWMESEFRVYSSANNCTFEY
VSQPFLMDLEGKQGNFKNLREFVFKNIDGYFKIYSKHTPINLVRDLPQGFSALEPLVDLPIGINITRFQTLLALHRSYLT
PGDSSSGWTAGAAAYYVGYLQPRTFLLKYNENGTITDAVDCALDPLSETKCTLKSFTVEKGIYQTSNFRVQPTESIVRFP
NITNLCPFGEVFNATRFASVYAWNRKRISNCVADYSVLYNSASFSTFKCYGVSPTKLNDLCFTNVYADSFVIRGDEVRQI
APGQTGKIADYNYKLPDDFTGCVIAWNSNNLDSKVGGNYNYLYRLFRKSNLKPFERDISTEIYQAGSTPCNGVEGFNCYF
PLQSYGFQPTNGVGYQPYRVVVLSFELLHAPATVCGPKKSTNLVKNKCVNFNFNGLTGTGVLTESNKKFLPFQQFGRDIA
DTTDAVRDPQTLEILDITPCSFGGVSVITPGTNTSNQVAVLYQDVNCTEVPVAIHADQLTPTWRVYSTGSNVFQTRAGCL
IGAEHVNNSYECDIPIGAGICASYQT
;
C
2 'polypeptide(L)'
;EVQLVESGAEVKKPGSSVKVSCKASGGTFSSYAISWVRQAPGQGLEWMGGIIPILGIANYAQKFQGRVTITADKSTSTAY
MELSSLRSEDTAVYYCARENGYSGYGAAANFDLWGRGTLVTVSSASTKGPSVFPLAPSSKSTSGGTAALGCLVKDYFPEP
VTVSWNSGALTSGVHTFPAVLQSSGLYSLSSVVTVPSSSLGTQTYICNVNHKPSNTKVDKKVEPKSCD
;
D
3 'polypeptide(L)'
;QSVLTQPPSVSGAPGQRVTISCTGSSSNIGAGYDVHWYQQLPGTAPKLLIYGNSNRPSGVPDRFSGSKSGTSASLAITGL
QAEDEADYYCQSYDSSLSGSVFGGGTKLTVLGQPKAAPSVTLFPPSSEELQANKATLVCLISDFYPGAVTVAWKADSSPV
KAGVETTTPSKQSNNKYAASSYLSLTPEQWKSHRSYSCQVTHEGSTVEKTVAPT
;
E
4 'polypeptide(L)'
;MGWSCIILFLVATATGVHSANFMLTQPHSVSESPGKTVTISCTGSSGSIASNYVQWYQQRPGSAPTTVIYEDNQRPSGVP
DRFSGSIDSSSNSASLTISGLKTEDEADYYCQSYDSSNVVFGGGTKLTVLGTKLTVLGQPKAAPSVTLFPPSSEELQANK
ATLVCLISDFYPGAVTVAWKADSSPVKAGVETTTPSKQSNNKYAASSYLSLTPEQWKSHRSYSCQVTHEGSTVEKTVAPT
ECS
;
L
5 'polypeptide(L)'
;MGWSLILLFLVAVATRVLSQVQLQESGPGLVKPSETLSLTCTVSGGSVSSGGYFWSWIRQPPGKGLEWIGCIYYSGSTNY
NPSLKSRVTISVDTSKDQFSLKLSSVTAADTAVYYCARQLWLRGRFDYWGQGTLVTVSSASTKGPSVFPLAPSSKSTSGG
TAALGCLVKDYFPEPVTVSWNSGALTSGVHTFPAVLQSSGLYSLSSVVTVPSSSLGTQTYICNVNHKPSNTKVDKKVEPK
SCD
;
H
#
loop_
_chem_comp.id
_chem_comp.type
_chem_comp.name
_chem_comp.formula
NAG D-saccharide, beta linking 2-acetamido-2-deoxy-beta-D-glucopyranose 'C8 H15 N O6'
#
# COMPACT_ATOMS: atom_id res chain seq x y z
N THR A 23 -42.03 15.73 1.41
CA THR A 23 -42.41 14.37 1.02
C THR A 23 -42.36 14.21 -0.50
N ARG A 24 -41.57 15.06 -1.16
CA ARG A 24 -41.43 15.04 -2.61
C ARG A 24 -39.95 15.04 -2.97
N GLY A 25 -39.66 14.56 -4.17
CA GLY A 25 -38.30 14.56 -4.68
C GLY A 25 -37.43 13.42 -4.19
N VAL A 26 -38.00 12.41 -3.54
CA VAL A 26 -37.22 11.29 -3.03
C VAL A 26 -37.00 10.29 -4.16
N TYR A 27 -35.73 9.95 -4.39
CA TYR A 27 -35.37 9.01 -5.45
C TYR A 27 -34.48 7.90 -4.91
N TYR A 28 -33.93 7.07 -5.79
CA TYR A 28 -33.04 6.00 -5.39
C TYR A 28 -31.60 6.49 -5.43
N PRO A 29 -30.89 6.53 -4.30
CA PRO A 29 -29.51 7.01 -4.33
C PRO A 29 -28.52 6.00 -4.90
N ASP A 30 -28.83 4.70 -4.80
CA ASP A 30 -27.96 3.66 -5.29
C ASP A 30 -28.78 2.61 -6.03
N LYS A 31 -28.07 1.80 -6.83
CA LYS A 31 -28.70 0.75 -7.62
C LYS A 31 -28.78 -0.58 -6.88
N VAL A 32 -28.36 -0.63 -5.62
CA VAL A 32 -28.41 -1.88 -4.86
C VAL A 32 -29.85 -2.16 -4.45
N PHE A 33 -30.32 -3.36 -4.77
CA PHE A 33 -31.69 -3.74 -4.43
C PHE A 33 -31.80 -4.03 -2.94
N ARG A 34 -32.78 -3.40 -2.28
CA ARG A 34 -33.02 -3.58 -0.86
C ARG A 34 -34.47 -3.97 -0.64
N SER A 35 -34.70 -4.92 0.27
CA SER A 35 -36.03 -5.40 0.59
C SER A 35 -36.15 -5.59 2.09
N SER A 36 -37.16 -4.94 2.69
CA SER A 36 -37.47 -5.06 4.12
C SER A 36 -36.29 -4.66 5.00
N VAL A 37 -35.49 -3.70 4.54
CA VAL A 37 -34.34 -3.22 5.29
C VAL A 37 -34.29 -1.69 5.16
N LEU A 38 -34.09 -1.01 6.29
CA LEU A 38 -33.99 0.44 6.30
C LEU A 38 -32.52 0.85 6.26
N HIS A 39 -32.18 1.72 5.32
CA HIS A 39 -30.81 2.17 5.10
C HIS A 39 -30.73 3.67 5.23
N SER A 40 -29.67 4.15 5.87
CA SER A 40 -29.43 5.58 6.06
C SER A 40 -28.47 6.06 4.99
N THR A 41 -28.91 7.03 4.18
CA THR A 41 -28.10 7.57 3.10
C THR A 41 -27.83 9.05 3.35
N GLN A 42 -26.66 9.50 2.91
CA GLN A 42 -26.24 10.90 3.04
C GLN A 42 -25.92 11.41 1.64
N ASP A 43 -26.95 11.92 0.96
CA ASP A 43 -26.82 12.44 -0.39
C ASP A 43 -27.56 13.76 -0.48
N LEU A 44 -27.66 14.30 -1.69
CA LEU A 44 -28.36 15.56 -1.93
C LEU A 44 -29.85 15.26 -2.14
N PHE A 45 -30.67 15.64 -1.17
CA PHE A 45 -32.09 15.34 -1.18
C PHE A 45 -32.90 16.63 -0.99
N LEU A 46 -34.17 16.55 -1.32
CA LEU A 46 -35.08 17.68 -1.18
C LEU A 46 -35.41 17.88 0.30
N PRO A 47 -35.15 19.06 0.87
CA PRO A 47 -35.61 19.33 2.24
C PRO A 47 -37.14 19.31 2.32
N PHE A 48 -37.64 18.79 3.44
CA PHE A 48 -39.07 18.66 3.63
C PHE A 48 -39.71 20.02 3.88
N PHE A 49 -40.84 20.28 3.20
CA PHE A 49 -41.59 21.53 3.34
C PHE A 49 -40.74 22.76 3.05
N SER A 50 -39.89 22.66 2.03
CA SER A 50 -39.02 23.77 1.67
C SER A 50 -39.83 24.88 0.99
N ASN A 51 -39.36 26.11 1.15
CA ASN A 51 -40.01 27.28 0.55
C ASN A 51 -39.51 27.43 -0.89
N VAL A 52 -40.07 26.59 -1.76
CA VAL A 52 -39.67 26.61 -3.17
C VAL A 52 -40.30 27.82 -3.86
N THR A 53 -39.61 28.31 -4.89
CA THR A 53 -40.11 29.45 -5.65
C THR A 53 -41.18 29.01 -6.63
N TRP A 54 -42.22 29.83 -6.77
CA TRP A 54 -43.35 29.54 -7.63
C TRP A 54 -43.31 30.44 -8.85
N PHE A 55 -43.46 29.85 -10.04
CA PHE A 55 -43.49 30.59 -11.30
C PHE A 55 -44.84 30.38 -11.96
N HIS A 56 -45.46 31.48 -12.39
CA HIS A 56 -46.77 31.45 -13.02
C HIS A 56 -46.68 32.09 -14.41
N ALA A 57 -47.42 31.51 -15.36
CA ALA A 57 -47.49 32.03 -16.73
C ALA A 57 -48.93 31.87 -17.21
N ILE A 58 -49.74 32.90 -17.02
CA ILE A 58 -51.15 32.92 -17.40
C ILE A 58 -51.35 34.06 -18.39
N HIS A 59 -52.01 33.76 -19.51
CA HIS A 59 -52.27 34.78 -20.52
C HIS A 59 -53.23 35.86 -20.00
N VAL A 60 -54.25 35.44 -19.25
CA VAL A 60 -55.28 36.33 -18.69
C VAL A 60 -55.96 37.16 -19.78
N ARG A 68 -47.18 37.05 -18.47
CA ARG A 68 -46.33 36.61 -17.37
C ARG A 68 -45.37 35.52 -17.84
N PHE A 69 -44.73 35.74 -18.99
CA PHE A 69 -43.76 34.80 -19.54
C PHE A 69 -42.45 34.95 -18.77
N ASP A 70 -42.39 34.29 -17.62
CA ASP A 70 -41.24 34.37 -16.74
C ASP A 70 -40.32 33.19 -17.01
N ASN A 71 -39.14 33.47 -17.58
CA ASN A 71 -38.10 32.47 -17.81
C ASN A 71 -36.78 33.00 -17.29
N PRO A 72 -36.60 33.06 -15.97
CA PRO A 72 -35.38 33.63 -15.40
C PRO A 72 -34.25 32.60 -15.41
N VAL A 73 -33.09 33.05 -14.95
CA VAL A 73 -31.89 32.21 -14.84
C VAL A 73 -31.66 31.91 -13.37
N LEU A 74 -31.75 30.64 -13.01
CA LEU A 74 -31.56 30.25 -11.62
C LEU A 74 -30.18 29.62 -11.42
N PRO A 75 -29.50 29.98 -10.34
CA PRO A 75 -28.17 29.42 -10.09
C PRO A 75 -28.23 27.92 -9.80
N PHE A 76 -27.15 27.23 -10.19
CA PHE A 76 -27.02 25.79 -9.99
C PHE A 76 -25.97 25.58 -8.89
N ASN A 77 -26.41 25.58 -7.64
CA ASN A 77 -25.50 25.41 -6.52
C ASN A 77 -25.18 23.94 -6.29
N ASP A 78 -26.20 23.14 -5.98
CA ASP A 78 -26.00 21.72 -5.74
C ASP A 78 -27.08 20.85 -6.37
N GLY A 79 -28.01 21.42 -7.13
CA GLY A 79 -29.07 20.64 -7.74
C GLY A 79 -30.37 21.41 -7.84
N VAL A 80 -31.08 21.24 -8.96
CA VAL A 80 -32.34 21.92 -9.21
C VAL A 80 -33.44 20.87 -9.36
N TYR A 81 -34.49 21.00 -8.56
CA TYR A 81 -35.65 20.13 -8.63
C TYR A 81 -36.73 20.84 -9.43
N PHE A 82 -37.01 20.32 -10.62
CA PHE A 82 -37.97 20.93 -11.54
C PHE A 82 -39.31 20.23 -11.37
N ALA A 83 -40.24 20.87 -10.66
CA ALA A 83 -41.60 20.37 -10.49
C ALA A 83 -42.53 21.23 -11.35
N SER A 84 -43.17 20.60 -12.32
CA SER A 84 -44.06 21.32 -13.24
C SER A 84 -45.30 20.49 -13.52
N THR A 85 -46.45 21.15 -13.51
CA THR A 85 -47.69 20.55 -13.96
C THR A 85 -48.00 21.04 -15.38
N GLU A 86 -48.58 20.15 -16.18
CA GLU A 86 -48.78 20.41 -17.60
C GLU A 86 -50.15 19.95 -18.04
N LYS A 87 -50.73 20.71 -18.98
CA LYS A 87 -51.96 20.32 -19.65
C LYS A 87 -51.94 20.50 -21.16
N SER A 88 -50.97 21.26 -21.71
CA SER A 88 -50.95 21.50 -23.14
C SER A 88 -49.54 21.42 -23.73
N ASN A 89 -48.64 20.67 -23.08
CA ASN A 89 -47.27 20.42 -23.56
C ASN A 89 -46.51 21.73 -23.75
N ILE A 90 -46.28 22.41 -22.62
CA ILE A 90 -45.65 23.72 -22.63
C ILE A 90 -44.14 23.62 -22.44
N ILE A 91 -43.70 23.07 -21.30
CA ILE A 91 -42.28 23.02 -21.00
C ILE A 91 -41.62 21.96 -21.87
N ARG A 92 -40.55 22.35 -22.57
CA ARG A 92 -39.86 21.48 -23.51
C ARG A 92 -38.50 21.02 -23.02
N GLY A 93 -37.70 21.93 -22.45
CA GLY A 93 -36.37 21.55 -22.00
C GLY A 93 -35.71 22.71 -21.27
N TRP A 94 -34.46 22.46 -20.87
CA TRP A 94 -33.68 23.42 -20.11
C TRP A 94 -32.28 23.50 -20.69
N ILE A 95 -31.62 24.63 -20.43
CA ILE A 95 -30.25 24.88 -20.87
C ILE A 95 -29.34 24.97 -19.65
N PHE A 96 -28.22 24.25 -19.70
CA PHE A 96 -27.25 24.22 -18.61
C PHE A 96 -25.91 24.74 -19.11
N GLY A 97 -25.27 25.58 -18.31
CA GLY A 97 -23.99 26.15 -18.68
C GLY A 97 -23.49 27.08 -17.60
N THR A 98 -22.32 27.66 -17.86
CA THR A 98 -21.67 28.56 -16.92
C THR A 98 -21.90 30.03 -17.28
N THR A 99 -21.48 30.44 -18.48
CA THR A 99 -21.63 31.81 -18.93
C THR A 99 -22.71 32.00 -19.97
N LEU A 100 -23.05 30.95 -20.73
CA LEU A 100 -24.10 30.98 -21.75
C LEU A 100 -23.85 32.05 -22.80
N ASP A 101 -22.57 32.24 -23.17
CA ASP A 101 -22.19 33.25 -24.14
C ASP A 101 -21.12 32.75 -25.09
N SER A 102 -21.13 31.45 -25.39
CA SER A 102 -20.17 30.80 -26.29
C SER A 102 -18.73 30.99 -25.83
N LYS A 103 -18.52 31.08 -24.51
CA LYS A 103 -17.19 31.18 -23.93
C LYS A 103 -16.80 29.95 -23.13
N THR A 104 -17.77 29.21 -22.61
CA THR A 104 -17.52 27.97 -21.86
C THR A 104 -18.46 26.89 -22.38
N GLN A 105 -18.14 25.64 -22.05
CA GLN A 105 -18.94 24.53 -22.52
C GLN A 105 -20.31 24.54 -21.84
N SER A 106 -21.37 24.36 -22.65
CA SER A 106 -22.74 24.38 -22.17
C SER A 106 -23.50 23.21 -22.76
N LEU A 107 -24.54 22.78 -22.06
CA LEU A 107 -25.32 21.60 -22.41
C LEU A 107 -26.69 22.04 -22.95
N LEU A 108 -27.16 21.36 -24.00
CA LEU A 108 -28.48 21.58 -24.56
C LEU A 108 -29.37 20.39 -24.25
N ILE A 109 -30.56 20.66 -23.74
CA ILE A 109 -31.64 19.68 -23.70
C ILE A 109 -32.89 20.36 -24.24
N VAL A 110 -33.32 19.94 -25.42
CA VAL A 110 -34.50 20.52 -26.07
C VAL A 110 -35.31 19.38 -26.68
N ASN A 111 -36.63 19.42 -26.44
CA ASN A 111 -37.57 18.42 -26.93
C ASN A 111 -38.56 19.11 -27.86
N ASN A 112 -38.26 19.11 -29.15
CA ASN A 112 -39.14 19.70 -30.14
C ASN A 112 -40.22 18.69 -30.53
N ALA A 113 -40.97 18.99 -31.60
CA ALA A 113 -42.10 18.15 -31.99
C ALA A 113 -41.68 16.87 -32.69
N THR A 114 -40.40 16.70 -33.01
CA THR A 114 -39.93 15.54 -33.77
C THR A 114 -39.12 14.56 -32.93
N ASN A 115 -38.07 15.03 -32.27
CA ASN A 115 -37.14 14.14 -31.57
C ASN A 115 -36.77 14.78 -30.23
N VAL A 116 -35.73 14.23 -29.60
CA VAL A 116 -35.12 14.81 -28.41
C VAL A 116 -33.66 15.06 -28.73
N VAL A 117 -33.21 16.30 -28.54
CA VAL A 117 -31.86 16.72 -28.93
C VAL A 117 -31.09 17.06 -27.65
N ILE A 118 -29.96 16.38 -27.46
CA ILE A 118 -29.05 16.66 -26.35
C ILE A 118 -27.67 16.91 -26.94
N LYS A 119 -27.16 18.12 -26.77
CA LYS A 119 -25.88 18.52 -27.32
C LYS A 119 -25.07 19.28 -26.28
N VAL A 120 -23.76 19.14 -26.35
CA VAL A 120 -22.83 19.85 -25.46
C VAL A 120 -21.90 20.64 -26.37
N CYS A 121 -22.26 21.90 -26.66
CA CYS A 121 -21.45 22.77 -27.49
C CYS A 121 -21.43 24.17 -26.88
N GLU A 122 -20.60 25.03 -27.47
CA GLU A 122 -20.50 26.42 -27.03
C GLU A 122 -21.52 27.27 -27.77
N PHE A 123 -22.78 27.12 -27.34
CA PHE A 123 -23.89 27.80 -28.00
C PHE A 123 -23.90 29.28 -27.64
N GLN A 124 -24.26 30.12 -28.61
CA GLN A 124 -24.47 31.55 -28.40
C GLN A 124 -25.95 31.78 -28.15
N PHE A 125 -26.32 31.78 -26.87
CA PHE A 125 -27.72 31.86 -26.47
C PHE A 125 -28.26 33.26 -26.63
N CYS A 126 -29.53 33.36 -27.04
CA CYS A 126 -30.24 34.62 -27.11
C CYS A 126 -30.63 35.09 -25.72
N ASN A 127 -31.05 36.35 -25.62
CA ASN A 127 -31.48 36.90 -24.34
C ASN A 127 -32.74 36.23 -23.83
N ASP A 128 -33.71 35.98 -24.71
CA ASP A 128 -34.97 35.33 -24.35
C ASP A 128 -35.25 34.20 -25.34
N PRO A 129 -34.61 33.04 -25.15
CA PRO A 129 -34.89 31.89 -26.02
C PRO A 129 -36.31 31.38 -25.82
N PHE A 130 -36.90 30.92 -26.92
CA PHE A 130 -38.26 30.40 -26.89
C PHE A 130 -38.47 29.50 -28.11
N LEU A 131 -39.53 28.69 -28.03
CA LEU A 131 -39.94 27.83 -29.13
C LEU A 131 -41.31 28.27 -29.62
N GLY A 132 -41.40 28.56 -30.92
CA GLY A 132 -42.61 29.10 -31.50
C GLY A 132 -43.42 28.02 -32.21
N VAL A 133 -44.69 27.92 -31.83
CA VAL A 133 -45.64 27.00 -32.44
C VAL A 133 -46.79 27.82 -33.01
N TYR A 134 -47.14 27.56 -34.27
CA TYR A 134 -48.14 28.33 -34.98
C TYR A 134 -49.44 27.53 -35.11
N TYR A 135 -50.54 28.28 -35.23
CA TYR A 135 -51.87 27.70 -35.42
C TYR A 135 -52.52 28.35 -36.63
N HIS A 136 -53.27 27.56 -37.39
CA HIS A 136 -53.94 28.02 -38.60
C HIS A 136 -55.45 28.01 -38.40
N LYS A 137 -56.11 29.05 -38.89
CA LYS A 137 -57.56 29.14 -38.79
C LYS A 137 -58.27 28.24 -39.80
N ASN A 138 -57.65 28.03 -40.97
CA ASN A 138 -58.29 27.22 -42.00
C ASN A 138 -58.42 25.76 -41.58
N ASN A 139 -57.37 25.20 -40.98
CA ASN A 139 -57.38 23.82 -40.52
C ASN A 139 -56.86 23.74 -39.10
N LYS A 140 -57.53 22.95 -38.26
CA LYS A 140 -57.19 22.82 -36.85
C LYS A 140 -55.94 21.92 -36.74
N SER A 141 -54.78 22.56 -36.73
CA SER A 141 -53.51 21.85 -36.63
C SER A 141 -52.47 22.75 -36.00
N TRP A 142 -51.61 22.16 -35.18
CA TRP A 142 -50.52 22.87 -34.52
C TRP A 142 -49.19 22.32 -35.05
N MET A 143 -48.33 23.22 -35.52
CA MET A 143 -47.07 22.80 -36.11
C MET A 143 -45.99 23.81 -35.74
N GLU A 144 -44.85 23.32 -35.25
CA GLU A 144 -43.77 24.21 -34.84
C GLU A 144 -43.04 24.78 -36.05
N SER A 145 -42.79 26.09 -36.02
CA SER A 145 -42.11 26.77 -37.12
C SER A 145 -40.93 27.62 -36.69
N GLU A 146 -40.88 28.08 -35.44
CA GLU A 146 -39.77 28.89 -34.94
C GLU A 146 -38.88 28.07 -34.03
N PHE A 147 -37.57 28.14 -34.26
CA PHE A 147 -36.56 27.50 -33.42
C PHE A 147 -35.51 28.56 -33.09
N ARG A 148 -35.76 29.32 -32.03
CA ARG A 148 -34.89 30.41 -31.60
C ARG A 148 -34.35 30.06 -30.21
N VAL A 149 -33.25 29.31 -30.17
CA VAL A 149 -32.61 28.90 -28.93
C VAL A 149 -31.16 29.37 -28.88
N TYR A 150 -30.39 29.08 -29.93
CA TYR A 150 -28.98 29.44 -29.99
C TYR A 150 -28.67 30.05 -31.36
N SER A 151 -27.61 30.85 -31.39
CA SER A 151 -27.18 31.46 -32.64
C SER A 151 -26.35 30.49 -33.47
N SER A 152 -25.24 30.02 -32.93
CA SER A 152 -24.37 29.09 -33.64
C SER A 152 -23.57 28.28 -32.63
N ALA A 153 -23.05 27.15 -33.08
CA ALA A 153 -22.22 26.27 -32.27
C ALA A 153 -20.94 25.96 -33.04
N ASN A 154 -19.80 26.14 -32.38
CA ASN A 154 -18.50 25.94 -33.01
C ASN A 154 -17.93 24.55 -32.77
N ASN A 155 -17.72 24.18 -31.51
CA ASN A 155 -17.12 22.90 -31.14
C ASN A 155 -18.13 22.10 -30.33
N CYS A 156 -18.33 20.83 -30.71
CA CYS A 156 -19.27 19.95 -30.05
C CYS A 156 -18.56 18.68 -29.61
N THR A 157 -18.90 18.20 -28.41
CA THR A 157 -18.29 17.01 -27.83
C THR A 157 -19.25 15.84 -27.73
N PHE A 158 -20.45 16.05 -27.19
CA PHE A 158 -21.43 14.99 -26.99
C PHE A 158 -22.73 15.38 -27.68
N GLU A 159 -23.28 14.45 -28.47
CA GLU A 159 -24.55 14.67 -29.16
C GLU A 159 -25.39 13.41 -29.03
N TYR A 160 -26.67 13.59 -28.68
CA TYR A 160 -27.61 12.49 -28.52
C TYR A 160 -28.91 12.82 -29.24
N VAL A 161 -29.37 11.90 -30.08
CA VAL A 161 -30.61 12.06 -30.83
C VAL A 161 -31.50 10.85 -30.53
N SER A 162 -32.73 11.12 -30.10
CA SER A 162 -33.67 10.06 -29.77
C SER A 162 -34.48 9.65 -31.00
N GLN A 163 -35.30 8.61 -30.83
CA GLN A 163 -36.15 8.14 -31.90
C GLN A 163 -37.26 9.15 -32.19
N PRO A 164 -37.67 9.28 -33.45
CA PRO A 164 -38.75 10.22 -33.78
C PRO A 164 -40.09 9.78 -33.21
N PHE A 165 -40.92 10.78 -32.91
CA PHE A 165 -42.25 10.53 -32.39
C PHE A 165 -43.16 11.70 -32.75
N LEU A 166 -44.46 11.46 -32.70
CA LEU A 166 -45.46 12.48 -32.99
C LEU A 166 -46.02 13.02 -31.68
N MET A 167 -46.07 14.34 -31.58
CA MET A 167 -46.45 15.01 -30.34
C MET A 167 -47.62 15.93 -30.62
N ASP A 168 -48.62 15.90 -29.74
CA ASP A 168 -49.92 16.51 -30.02
C ASP A 168 -49.83 18.03 -30.12
N LEU A 169 -49.25 18.67 -29.11
CA LEU A 169 -49.12 20.14 -29.05
C LEU A 169 -50.47 20.84 -29.19
N GLU A 170 -51.51 20.28 -28.58
CA GLU A 170 -52.86 20.82 -28.65
C GLU A 170 -53.24 21.43 -27.31
N GLY A 171 -53.71 22.68 -27.34
CA GLY A 171 -54.14 23.32 -26.12
C GLY A 171 -55.44 22.76 -25.60
N LYS A 172 -55.59 22.80 -24.27
CA LYS A 172 -56.77 22.29 -23.59
C LYS A 172 -57.41 23.39 -22.76
N GLN A 173 -58.74 23.47 -22.80
CA GLN A 173 -59.48 24.45 -22.03
C GLN A 173 -59.77 23.99 -20.61
N GLY A 174 -59.44 22.76 -20.26
CA GLY A 174 -59.68 22.22 -18.94
C GLY A 174 -58.56 22.55 -17.98
N ASN A 175 -58.58 21.87 -16.84
CA ASN A 175 -57.57 22.07 -15.80
C ASN A 175 -56.31 21.26 -16.12
N PHE A 176 -55.33 21.37 -15.24
CA PHE A 176 -54.08 20.64 -15.41
C PHE A 176 -54.30 19.14 -15.21
N LYS A 177 -53.61 18.34 -16.01
CA LYS A 177 -53.76 16.88 -15.98
C LYS A 177 -52.46 16.14 -15.70
N ASN A 178 -51.35 16.57 -16.28
CA ASN A 178 -50.08 15.87 -16.18
C ASN A 178 -49.12 16.63 -15.28
N LEU A 179 -48.49 15.93 -14.35
CA LEU A 179 -47.48 16.49 -13.46
C LEU A 179 -46.14 15.83 -13.75
N ARG A 180 -45.11 16.64 -13.98
CA ARG A 180 -43.78 16.17 -14.29
C ARG A 180 -42.80 16.69 -13.26
N GLU A 181 -42.01 15.79 -12.68
CA GLU A 181 -40.99 16.12 -11.70
C GLU A 181 -39.63 15.64 -12.21
N PHE A 182 -38.63 16.51 -12.09
CA PHE A 182 -37.29 16.21 -12.58
C PHE A 182 -36.26 16.54 -11.50
N VAL A 183 -35.19 15.74 -11.44
CA VAL A 183 -34.10 15.94 -10.51
C VAL A 183 -32.80 16.04 -11.30
N PHE A 184 -32.05 17.11 -11.07
CA PHE A 184 -30.78 17.35 -11.74
C PHE A 184 -29.65 17.32 -10.72
N LYS A 185 -28.62 16.52 -11.00
CA LYS A 185 -27.47 16.39 -10.13
C LYS A 185 -26.20 16.44 -10.97
N ASN A 186 -25.15 17.06 -10.42
CA ASN A 186 -23.87 17.21 -11.11
C ASN A 186 -22.76 16.81 -10.13
N ILE A 187 -22.38 15.54 -10.15
CA ILE A 187 -21.31 15.01 -9.32
C ILE A 187 -20.26 14.38 -10.23
N ASP A 188 -18.99 14.75 -9.99
CA ASP A 188 -17.80 14.27 -10.74
C ASP A 188 -18.01 14.26 -12.25
N GLY A 189 -18.75 15.24 -12.76
CA GLY A 189 -18.98 15.35 -14.19
C GLY A 189 -20.04 14.43 -14.74
N TYR A 190 -20.77 13.72 -13.90
CA TYR A 190 -21.81 12.79 -14.33
C TYR A 190 -23.18 13.40 -14.08
N PHE A 191 -24.02 13.43 -15.11
CA PHE A 191 -25.37 13.96 -15.01
C PHE A 191 -26.35 12.81 -14.92
N LYS A 192 -27.10 12.75 -13.82
CA LYS A 192 -28.12 11.73 -13.61
C LYS A 192 -29.47 12.43 -13.52
N ILE A 193 -30.42 11.97 -14.34
CA ILE A 193 -31.75 12.55 -14.42
C ILE A 193 -32.75 11.53 -13.88
N TYR A 194 -33.58 11.97 -12.93
CA TYR A 194 -34.63 11.14 -12.35
C TYR A 194 -35.97 11.81 -12.64
N SER A 195 -36.94 11.02 -13.11
CA SER A 195 -38.24 11.57 -13.48
C SER A 195 -39.32 10.52 -13.23
N LYS A 196 -40.55 11.01 -13.06
CA LYS A 196 -41.70 10.14 -12.85
C LYS A 196 -42.95 10.92 -13.21
N HIS A 197 -43.86 10.29 -13.96
CA HIS A 197 -45.09 10.93 -14.40
C HIS A 197 -46.24 10.48 -13.52
N THR A 198 -46.97 11.44 -12.96
CA THR A 198 -48.11 11.15 -12.08
C THR A 198 -49.29 12.02 -12.53
N PRO A 199 -50.45 11.43 -12.82
CA PRO A 199 -51.60 12.23 -13.23
C PRO A 199 -52.27 12.88 -12.03
N ILE A 200 -52.51 14.18 -12.11
CA ILE A 200 -53.12 14.96 -11.04
C ILE A 200 -54.25 15.79 -11.60
N ASN A 201 -55.10 16.30 -10.70
CA ASN A 201 -56.23 17.12 -11.09
C ASN A 201 -56.33 18.41 -10.28
N LEU A 202 -55.28 18.78 -9.55
CA LEU A 202 -55.30 20.01 -8.77
C LEU A 202 -55.18 21.23 -9.68
N VAL A 203 -55.78 22.34 -9.24
CA VAL A 203 -55.89 23.53 -10.07
C VAL A 203 -54.58 24.31 -10.10
N ARG A 204 -54.13 24.78 -8.94
CA ARG A 204 -52.94 25.61 -8.86
C ARG A 204 -51.90 25.07 -7.90
N ASP A 205 -52.31 24.61 -6.72
CA ASP A 205 -51.38 24.17 -5.70
C ASP A 205 -50.68 22.88 -6.13
N LEU A 206 -49.41 22.76 -5.73
CA LEU A 206 -48.66 21.54 -5.98
C LEU A 206 -49.28 20.39 -5.18
N PRO A 207 -49.57 19.25 -5.81
CA PRO A 207 -50.25 18.16 -5.11
C PRO A 207 -49.37 17.56 -4.02
N GLN A 208 -50.02 17.08 -2.97
CA GLN A 208 -49.34 16.43 -1.86
C GLN A 208 -49.14 14.95 -2.17
N GLY A 209 -48.74 14.19 -1.17
CA GLY A 209 -48.50 12.76 -1.34
C GLY A 209 -47.03 12.46 -1.52
N PHE A 210 -46.76 11.18 -1.77
CA PHE A 210 -45.41 10.67 -1.94
C PHE A 210 -45.26 10.01 -3.30
N SER A 211 -44.13 10.26 -3.96
CA SER A 211 -43.82 9.66 -5.24
C SER A 211 -42.38 9.22 -5.25
N ALA A 212 -42.09 8.18 -6.04
CA ALA A 212 -40.75 7.63 -6.18
C ALA A 212 -40.23 7.87 -7.58
N LEU A 213 -39.00 8.35 -7.69
CA LEU A 213 -38.38 8.65 -8.97
C LEU A 213 -37.27 7.64 -9.26
N GLU A 214 -37.14 7.30 -10.53
CA GLU A 214 -36.18 6.29 -10.97
C GLU A 214 -35.30 6.83 -12.08
N PRO A 215 -34.05 6.39 -12.15
CA PRO A 215 -33.17 6.85 -13.23
C PRO A 215 -33.59 6.29 -14.58
N LEU A 216 -33.26 7.04 -15.63
CA LEU A 216 -33.49 6.61 -17.00
C LEU A 216 -32.24 6.63 -17.87
N VAL A 217 -31.32 7.56 -17.65
CA VAL A 217 -30.09 7.63 -18.42
C VAL A 217 -29.06 8.38 -17.60
N ASP A 218 -27.78 8.10 -17.86
CA ASP A 218 -26.66 8.78 -17.23
C ASP A 218 -25.84 9.48 -18.31
N LEU A 219 -25.64 10.79 -18.15
CA LEU A 219 -24.94 11.58 -19.15
C LEU A 219 -23.58 12.01 -18.63
N PRO A 220 -22.48 11.48 -19.17
CA PRO A 220 -21.13 11.93 -18.76
C PRO A 220 -20.71 13.21 -19.48
N ILE A 221 -21.38 14.31 -19.12
CA ILE A 221 -21.09 15.59 -19.76
C ILE A 221 -19.71 16.10 -19.37
N GLY A 222 -19.40 16.05 -18.08
CA GLY A 222 -18.09 16.47 -17.60
C GLY A 222 -17.80 17.95 -17.74
N ILE A 223 -18.80 18.81 -17.49
CA ILE A 223 -18.63 20.25 -17.54
C ILE A 223 -19.08 20.85 -16.21
N ASN A 224 -18.72 22.10 -16.00
CA ASN A 224 -19.09 22.84 -14.79
C ASN A 224 -20.31 23.70 -15.09
N ILE A 225 -21.38 23.50 -14.33
CA ILE A 225 -22.63 24.23 -14.51
C ILE A 225 -22.92 25.01 -13.23
N THR A 226 -23.13 26.31 -13.37
CA THR A 226 -23.44 27.17 -12.24
C THR A 226 -24.79 27.89 -12.36
N ARG A 227 -25.44 27.82 -13.51
CA ARG A 227 -26.74 28.46 -13.69
C ARG A 227 -27.50 27.74 -14.80
N PHE A 228 -28.83 27.91 -14.79
CA PHE A 228 -29.68 27.31 -15.80
C PHE A 228 -30.88 28.20 -16.04
N GLN A 229 -31.46 28.08 -17.23
CA GLN A 229 -32.62 28.87 -17.63
C GLN A 229 -33.69 27.95 -18.20
N THR A 230 -34.95 28.24 -17.89
CA THR A 230 -36.06 27.45 -18.39
C THR A 230 -36.48 27.92 -19.78
N LEU A 231 -36.74 26.95 -20.66
CA LEU A 231 -37.19 27.22 -22.02
C LEU A 231 -38.64 26.75 -22.15
N LEU A 232 -39.52 27.66 -22.53
CA LEU A 232 -40.94 27.38 -22.65
C LEU A 232 -41.35 27.38 -24.12
N ALA A 233 -42.65 27.23 -24.35
CA ALA A 233 -43.22 27.20 -25.69
C ALA A 233 -44.06 28.45 -25.92
N LEU A 234 -44.03 28.93 -27.17
CA LEU A 234 -44.74 30.14 -27.56
C LEU A 234 -45.78 29.77 -28.62
N HIS A 235 -47.00 30.26 -28.43
CA HIS A 235 -48.11 29.96 -29.32
C HIS A 235 -48.54 31.20 -30.09
N ARG A 236 -48.79 31.04 -31.39
CA ARG A 236 -49.22 32.11 -32.26
C ARG A 236 -50.41 31.65 -33.09
N SER A 237 -51.33 32.58 -33.34
CA SER A 237 -52.53 32.29 -34.13
C SER A 237 -53.04 33.60 -34.71
N TYR A 238 -54.26 33.57 -35.26
CA TYR A 238 -54.87 34.76 -35.82
C TYR A 238 -55.45 35.69 -34.75
N LEU A 239 -55.50 35.25 -33.49
CA LEU A 239 -56.06 36.04 -32.41
C LEU A 239 -55.02 36.91 -31.71
N THR A 240 -53.78 36.92 -32.17
CA THR A 240 -52.70 37.70 -31.57
C THR A 240 -52.06 38.56 -32.66
N PRO A 241 -52.68 39.67 -33.02
CA PRO A 241 -52.09 40.55 -34.03
C PRO A 241 -50.88 41.29 -33.48
N GLY A 242 -50.00 41.70 -34.41
CA GLY A 242 -48.81 42.44 -34.10
C GLY A 242 -47.60 41.84 -34.78
N ASP A 243 -46.42 42.26 -34.32
CA ASP A 243 -45.16 41.77 -34.87
C ASP A 243 -44.75 40.49 -34.15
N SER A 244 -43.52 40.04 -34.39
CA SER A 244 -43.05 38.80 -33.77
C SER A 244 -42.82 38.97 -32.27
N SER A 245 -42.43 40.17 -31.83
CA SER A 245 -42.12 40.40 -30.43
C SER A 245 -43.35 40.69 -29.58
N SER A 246 -44.51 40.93 -30.19
CA SER A 246 -45.72 41.24 -29.44
C SER A 246 -46.94 40.45 -29.88
N GLY A 247 -46.99 39.93 -31.09
CA GLY A 247 -48.14 39.19 -31.56
C GLY A 247 -48.09 37.72 -31.20
N TRP A 248 -48.17 37.41 -29.90
CA TRP A 248 -48.10 36.04 -29.43
C TRP A 248 -48.83 35.93 -28.10
N THR A 249 -49.17 34.69 -27.74
CA THR A 249 -49.86 34.40 -26.50
C THR A 249 -49.07 33.37 -25.70
N ALA A 250 -49.37 33.31 -24.41
CA ALA A 250 -48.69 32.40 -23.49
C ALA A 250 -49.68 31.35 -22.99
N GLY A 251 -49.30 30.09 -23.12
CA GLY A 251 -50.16 29.01 -22.63
C GLY A 251 -50.23 28.99 -21.11
N ALA A 252 -51.34 28.46 -20.61
CA ALA A 252 -51.55 28.37 -19.17
C ALA A 252 -50.72 27.23 -18.61
N ALA A 253 -49.66 27.58 -17.88
CA ALA A 253 -48.78 26.57 -17.30
C ALA A 253 -48.05 27.20 -16.11
N ALA A 254 -47.50 26.33 -15.26
CA ALA A 254 -46.74 26.77 -14.09
C ALA A 254 -45.67 25.72 -13.79
N TYR A 255 -44.62 26.18 -13.10
CA TYR A 255 -43.53 25.30 -12.73
C TYR A 255 -42.87 25.85 -11.47
N TYR A 256 -42.18 24.94 -10.75
CA TYR A 256 -41.51 25.29 -9.50
C TYR A 256 -40.08 24.77 -9.53
N VAL A 257 -39.19 25.48 -8.85
CA VAL A 257 -37.78 25.16 -8.79
C VAL A 257 -37.38 24.99 -7.34
N GLY A 258 -36.78 23.84 -7.01
CA GLY A 258 -36.31 23.58 -5.67
C GLY A 258 -34.84 23.18 -5.68
N TYR A 259 -34.20 23.39 -4.53
CA TYR A 259 -32.78 23.10 -4.36
C TYR A 259 -32.59 21.82 -3.56
N LEU A 260 -31.50 21.12 -3.86
CA LEU A 260 -31.19 19.83 -3.24
C LEU A 260 -30.04 20.04 -2.26
N GLN A 261 -30.38 20.40 -1.02
CA GLN A 261 -29.38 20.51 0.03
C GLN A 261 -28.99 19.12 0.52
N PRO A 262 -27.68 18.85 0.70
CA PRO A 262 -27.27 17.51 1.14
C PRO A 262 -27.63 17.24 2.59
N ARG A 263 -28.65 16.42 2.81
CA ARG A 263 -29.13 16.09 4.15
C ARG A 263 -29.30 14.58 4.27
N THR A 264 -29.18 14.09 5.51
CA THR A 264 -29.38 12.67 5.78
C THR A 264 -30.86 12.35 5.81
N PHE A 265 -31.22 11.22 5.23
CA PHE A 265 -32.62 10.81 5.12
C PHE A 265 -32.74 9.31 5.39
N LEU A 266 -33.94 8.89 5.77
CA LEU A 266 -34.28 7.49 5.94
C LEU A 266 -35.29 7.11 4.87
N LEU A 267 -35.01 6.04 4.13
CA LEU A 267 -35.84 5.60 3.03
C LEU A 267 -36.39 4.21 3.32
N LYS A 268 -37.69 4.02 3.10
CA LYS A 268 -38.34 2.73 3.29
C LYS A 268 -38.46 2.05 1.93
N TYR A 269 -37.70 0.97 1.73
CA TYR A 269 -37.72 0.22 0.49
C TYR A 269 -38.71 -0.93 0.63
N ASN A 270 -39.74 -0.95 -0.22
CA ASN A 270 -40.75 -1.97 -0.17
C ASN A 270 -40.23 -3.27 -0.77
N GLU A 271 -41.03 -4.34 -0.65
CA GLU A 271 -40.66 -5.62 -1.23
C GLU A 271 -40.65 -5.56 -2.76
N ASN A 272 -41.41 -4.64 -3.35
CA ASN A 272 -41.40 -4.45 -4.79
C ASN A 272 -40.22 -3.64 -5.29
N GLY A 273 -39.41 -3.10 -4.39
CA GLY A 273 -38.25 -2.30 -4.78
C GLY A 273 -38.54 -0.83 -5.00
N THR A 274 -39.76 -0.36 -4.72
CA THR A 274 -40.12 1.03 -4.89
C THR A 274 -40.27 1.69 -3.52
N ILE A 275 -39.71 2.88 -3.37
CA ILE A 275 -39.77 3.62 -2.12
C ILE A 275 -41.18 4.20 -1.96
N THR A 276 -41.81 3.92 -0.83
CA THR A 276 -43.16 4.38 -0.56
C THR A 276 -43.22 5.53 0.44
N ASP A 277 -42.19 5.74 1.24
CA ASP A 277 -42.17 6.82 2.21
C ASP A 277 -40.73 7.14 2.56
N ALA A 278 -40.54 8.33 3.14
CA ALA A 278 -39.22 8.79 3.55
C ALA A 278 -39.32 9.56 4.85
N VAL A 279 -38.20 9.62 5.57
CA VAL A 279 -38.11 10.30 6.86
C VAL A 279 -36.95 11.29 6.79
N ASP A 280 -37.22 12.54 7.15
CA ASP A 280 -36.19 13.57 7.22
C ASP A 280 -35.52 13.54 8.59
N CYS A 281 -34.20 13.70 8.60
CA CYS A 281 -33.42 13.72 9.82
C CYS A 281 -33.01 15.13 10.25
N ALA A 282 -33.47 16.16 9.54
CA ALA A 282 -33.10 17.53 9.88
C ALA A 282 -34.27 18.51 9.77
N LEU A 283 -35.50 18.03 9.60
CA LEU A 283 -36.64 18.94 9.46
C LEU A 283 -37.13 19.43 10.81
N ASP A 284 -37.51 18.52 11.69
CA ASP A 284 -38.09 18.85 12.98
C ASP A 284 -37.48 17.96 14.03
N PRO A 285 -37.50 18.37 15.31
CA PRO A 285 -37.04 17.47 16.38
C PRO A 285 -37.83 16.18 16.46
N LEU A 286 -39.12 16.21 16.13
CA LEU A 286 -39.89 14.96 16.07
C LEU A 286 -39.44 14.09 14.90
N SER A 287 -39.00 14.70 13.79
CA SER A 287 -38.53 13.92 12.65
C SER A 287 -37.17 13.31 12.92
N GLU A 288 -36.33 13.97 13.73
CA GLU A 288 -35.02 13.43 14.05
C GLU A 288 -35.10 12.22 14.97
N THR A 289 -36.19 12.06 15.72
CA THR A 289 -36.37 10.88 16.56
C THR A 289 -36.53 9.63 15.71
N LYS A 290 -37.22 9.75 14.57
CA LYS A 290 -37.38 8.61 13.66
C LYS A 290 -36.04 8.19 13.07
N CYS A 291 -35.18 9.17 12.75
CA CYS A 291 -33.87 8.86 12.19
C CYS A 291 -32.99 8.13 13.20
N THR A 292 -33.03 8.55 14.47
CA THR A 292 -32.23 7.89 15.50
C THR A 292 -32.76 6.49 15.80
N LEU A 293 -34.07 6.33 15.87
CA LEU A 293 -34.67 5.03 16.17
C LEU A 293 -34.73 4.09 14.98
N LYS A 294 -34.47 4.61 13.76
CA LYS A 294 -34.52 3.83 12.53
C LYS A 294 -35.88 3.15 12.33
N SER A 295 -36.95 3.88 12.66
CA SER A 295 -38.30 3.37 12.51
C SER A 295 -39.23 4.53 12.16
N PHE A 296 -40.36 4.20 11.54
CA PHE A 296 -41.34 5.19 11.14
C PHE A 296 -42.35 5.50 12.23
N THR A 297 -42.31 4.78 13.35
CA THR A 297 -43.21 5.02 14.48
C THR A 297 -42.38 5.25 15.73
N VAL A 298 -42.69 6.32 16.47
CA VAL A 298 -41.98 6.68 17.68
C VAL A 298 -42.94 6.51 18.85
N GLU A 299 -42.55 5.68 19.82
CA GLU A 299 -43.37 5.45 21.00
C GLU A 299 -43.10 6.52 22.05
N LYS A 300 -43.91 6.49 23.11
CA LYS A 300 -43.75 7.45 24.19
C LYS A 300 -42.49 7.15 25.00
N GLY A 301 -41.78 8.21 25.38
CA GLY A 301 -40.55 8.05 26.15
C GLY A 301 -39.67 9.27 25.98
N ILE A 302 -38.40 9.09 26.36
CA ILE A 302 -37.40 10.15 26.28
C ILE A 302 -36.33 9.72 25.27
N TYR A 303 -36.05 10.59 24.31
CA TYR A 303 -35.07 10.32 23.27
C TYR A 303 -34.14 11.51 23.13
N GLN A 304 -32.85 11.21 22.93
CA GLN A 304 -31.82 12.23 22.75
C GLN A 304 -31.24 12.04 21.34
N THR A 305 -31.69 12.87 20.39
CA THR A 305 -31.15 12.79 19.04
C THR A 305 -29.86 13.60 18.92
N SER A 306 -29.97 14.92 19.10
CA SER A 306 -28.86 15.87 18.99
C SER A 306 -29.39 17.25 19.33
N ASN A 307 -28.46 18.21 19.42
CA ASN A 307 -28.78 19.63 19.56
C ASN A 307 -29.12 20.21 18.19
N PHE A 308 -29.12 21.54 18.08
CA PHE A 308 -29.29 22.21 16.80
C PHE A 308 -28.24 21.70 15.81
N ARG A 309 -28.72 21.00 14.79
CA ARG A 309 -27.86 20.21 13.91
C ARG A 309 -27.99 20.71 12.48
N VAL A 310 -26.86 20.96 11.84
CA VAL A 310 -26.80 21.34 10.43
C VAL A 310 -26.06 20.24 9.68
N GLN A 311 -26.68 19.74 8.61
CA GLN A 311 -26.08 18.66 7.84
C GLN A 311 -24.82 19.15 7.15
N PRO A 312 -23.77 18.32 7.08
CA PRO A 312 -22.54 18.73 6.41
C PRO A 312 -22.76 18.90 4.91
N THR A 313 -22.05 19.88 4.33
CA THR A 313 -22.16 20.18 2.91
C THR A 313 -20.89 19.91 2.12
N GLU A 314 -19.73 19.90 2.77
CA GLU A 314 -18.45 19.70 2.11
C GLU A 314 -17.64 18.68 2.88
N SER A 315 -16.67 18.08 2.18
CA SER A 315 -15.72 17.15 2.78
C SER A 315 -14.31 17.61 2.43
N ILE A 316 -13.45 17.71 3.44
CA ILE A 316 -12.08 18.18 3.26
C ILE A 316 -11.12 17.16 3.86
N VAL A 317 -10.00 16.96 3.17
CA VAL A 317 -8.92 16.10 3.63
C VAL A 317 -7.62 16.87 3.55
N ARG A 318 -6.79 16.75 4.60
CA ARG A 318 -5.53 17.47 4.67
C ARG A 318 -4.41 16.51 5.00
N PHE A 319 -3.30 16.64 4.29
CA PHE A 319 -2.11 15.81 4.46
C PHE A 319 -0.89 16.68 4.25
N PRO A 320 0.26 16.30 4.83
CA PRO A 320 1.48 17.10 4.67
C PRO A 320 1.90 17.23 3.21
N ASN A 321 2.44 18.39 2.87
CA ASN A 321 2.78 18.74 1.49
C ASN A 321 4.19 18.31 1.11
N ILE A 322 4.75 17.29 1.76
CA ILE A 322 6.07 16.80 1.43
C ILE A 322 6.02 15.99 0.14
N THR A 323 6.42 16.61 -0.97
CA THR A 323 6.42 15.95 -2.27
C THR A 323 7.80 15.34 -2.55
N ASN A 324 8.12 14.31 -1.76
CA ASN A 324 9.36 13.58 -1.89
C ASN A 324 9.07 12.10 -1.84
N LEU A 325 9.73 11.33 -2.70
CA LEU A 325 9.53 9.89 -2.75
C LEU A 325 10.31 9.21 -1.64
N CYS A 326 9.69 8.23 -0.99
CA CYS A 326 10.34 7.49 0.08
C CYS A 326 11.40 6.56 -0.50
N PRO A 327 12.49 6.30 0.26
CA PRO A 327 13.55 5.41 -0.22
C PRO A 327 13.22 3.92 -0.03
N PHE A 328 12.08 3.49 -0.57
CA PHE A 328 11.72 2.08 -0.52
C PHE A 328 12.62 1.24 -1.42
N GLY A 329 13.04 1.81 -2.56
CA GLY A 329 13.79 1.04 -3.55
C GLY A 329 15.14 0.56 -3.04
N GLU A 330 15.80 1.36 -2.21
CA GLU A 330 17.12 0.99 -1.70
C GLU A 330 17.03 -0.23 -0.80
N VAL A 331 15.98 -0.32 0.03
CA VAL A 331 15.84 -1.46 0.93
C VAL A 331 15.51 -2.74 0.18
N PHE A 332 14.66 -2.66 -0.84
CA PHE A 332 14.23 -3.84 -1.59
C PHE A 332 15.17 -4.22 -2.73
N ASN A 333 16.06 -3.32 -3.14
CA ASN A 333 17.01 -3.60 -4.21
C ASN A 333 18.45 -3.36 -3.76
N ALA A 334 18.74 -3.67 -2.49
CA ALA A 334 20.09 -3.50 -1.97
C ALA A 334 21.04 -4.53 -2.61
N THR A 335 22.27 -4.09 -2.85
CA THR A 335 23.26 -4.99 -3.47
C THR A 335 23.62 -6.13 -2.53
N ARG A 336 23.81 -5.85 -1.24
CA ARG A 336 24.16 -6.86 -0.26
C ARG A 336 23.19 -6.78 0.90
N PHE A 337 22.64 -7.93 1.29
CA PHE A 337 21.72 -8.02 2.42
C PHE A 337 22.49 -8.41 3.68
N ALA A 338 22.00 -7.94 4.81
CA ALA A 338 22.66 -8.17 6.09
C ALA A 338 22.44 -9.60 6.57
N SER A 339 23.21 -10.00 7.57
CA SER A 339 23.12 -11.33 8.15
C SER A 339 21.87 -11.46 9.02
N VAL A 340 21.59 -12.69 9.43
CA VAL A 340 20.41 -12.96 10.26
C VAL A 340 20.56 -12.33 11.63
N TYR A 341 21.71 -12.55 12.28
CA TYR A 341 21.91 -12.02 13.63
C TYR A 341 22.13 -10.51 13.60
N ALA A 342 22.97 -10.03 12.68
CA ALA A 342 23.24 -8.61 12.54
C ALA A 342 22.45 -8.08 11.35
N TRP A 343 21.15 -7.90 11.56
CA TRP A 343 20.26 -7.42 10.52
C TRP A 343 20.25 -5.90 10.49
N ASN A 344 20.29 -5.34 9.28
CA ASN A 344 20.29 -3.89 9.12
C ASN A 344 18.95 -3.29 9.49
N ARG A 345 18.97 -2.01 9.89
CA ARG A 345 17.76 -1.29 10.24
C ARG A 345 17.83 0.11 9.63
N LYS A 346 16.77 0.49 8.92
CA LYS A 346 16.70 1.78 8.26
C LYS A 346 15.43 2.51 8.68
N ARG A 347 15.52 3.83 8.80
CA ARG A 347 14.39 4.67 9.18
C ARG A 347 13.92 5.46 7.97
N ILE A 348 12.62 5.42 7.71
CA ILE A 348 12.01 6.09 6.57
C ILE A 348 11.08 7.17 7.10
N SER A 349 11.30 8.42 6.67
CA SER A 349 10.52 9.54 7.14
C SER A 349 10.67 10.69 6.15
N ASN A 350 9.88 11.75 6.39
CA ASN A 350 9.91 12.99 5.60
C ASN A 350 9.61 12.71 4.12
N CYS A 351 8.68 11.80 3.86
CA CYS A 351 8.29 11.46 2.50
C CYS A 351 6.91 10.84 2.52
N VAL A 352 6.29 10.79 1.34
CA VAL A 352 4.99 10.15 1.18
C VAL A 352 5.22 8.68 0.83
N ALA A 353 4.55 7.79 1.54
CA ALA A 353 4.74 6.35 1.41
C ALA A 353 3.74 5.81 0.40
N ASP A 354 4.25 5.37 -0.75
CA ASP A 354 3.43 4.76 -1.80
C ASP A 354 3.65 3.25 -1.75
N TYR A 355 2.73 2.54 -1.08
CA TYR A 355 2.84 1.10 -0.95
C TYR A 355 2.30 0.36 -2.16
N SER A 356 1.72 1.06 -3.15
CA SER A 356 1.16 0.42 -4.33
C SER A 356 2.20 -0.31 -5.17
N VAL A 357 3.48 0.06 -5.05
CA VAL A 357 4.53 -0.70 -5.71
C VAL A 357 4.85 -1.98 -4.94
N LEU A 358 4.53 -2.05 -3.66
CA LEU A 358 4.86 -3.21 -2.83
C LEU A 358 3.75 -4.26 -2.83
N TYR A 359 2.51 -3.86 -2.54
CA TYR A 359 1.44 -4.84 -2.41
C TYR A 359 0.83 -5.26 -3.73
N ASN A 360 1.29 -4.71 -4.86
CA ASN A 360 0.74 -5.07 -6.16
C ASN A 360 1.82 -5.64 -7.07
N SER A 361 2.66 -6.52 -6.52
CA SER A 361 3.72 -7.14 -7.29
C SER A 361 3.70 -8.64 -7.05
N ALA A 362 4.12 -9.38 -8.08
CA ALA A 362 4.12 -10.84 -8.03
C ALA A 362 5.43 -11.43 -7.56
N SER A 363 6.47 -10.59 -7.49
CA SER A 363 7.82 -11.08 -7.09
C SER A 363 7.82 -11.45 -5.60
N PHE A 364 7.16 -10.64 -4.76
CA PHE A 364 7.18 -10.88 -3.31
C PHE A 364 6.55 -12.25 -3.00
N SER A 365 7.38 -13.24 -2.70
CA SER A 365 6.86 -14.62 -2.43
C SER A 365 6.01 -14.62 -1.15
N THR A 366 6.42 -13.83 -0.16
CA THR A 366 5.68 -13.79 1.14
C THR A 366 5.25 -12.34 1.42
N PHE A 367 3.94 -12.10 1.51
CA PHE A 367 3.43 -10.73 1.81
C PHE A 367 2.22 -10.85 2.76
N LYS A 368 2.47 -11.24 4.01
CA LYS A 368 1.36 -11.39 4.99
C LYS A 368 1.45 -10.26 6.02
N CYS A 369 0.33 -9.64 6.36
CA CYS A 369 0.34 -8.47 7.28
C CYS A 369 -0.68 -8.67 8.39
N TYR A 370 -0.41 -8.10 9.58
CA TYR A 370 -1.33 -8.25 10.74
C TYR A 370 -1.67 -6.87 11.29
N GLY A 371 -2.90 -6.39 11.02
CA GLY A 371 -3.33 -5.08 11.53
C GLY A 371 -2.97 -3.95 10.59
N VAL A 372 -2.16 -4.24 9.56
CA VAL A 372 -1.74 -3.21 8.58
C VAL A 372 -2.97 -2.76 7.78
N SER A 373 -3.89 -3.69 7.49
CA SER A 373 -5.10 -3.37 6.68
C SER A 373 -4.70 -2.89 5.29
N PRO A 374 -4.36 -3.80 4.35
CA PRO A 374 -4.00 -3.41 2.97
C PRO A 374 -5.12 -2.62 2.30
N THR A 375 -4.79 -1.85 1.24
CA THR A 375 -5.79 -1.01 0.52
C THR A 375 -6.32 0.08 1.47
N LYS A 376 -5.61 0.33 2.58
CA LYS A 376 -6.01 1.39 3.53
C LYS A 376 -4.75 2.08 4.07
N LEU A 377 -3.58 1.47 3.83
CA LEU A 377 -2.30 2.10 4.26
C LEU A 377 -2.22 3.51 3.67
N ASN A 378 -2.66 3.68 2.42
CA ASN A 378 -2.63 4.98 1.78
C ASN A 378 -3.38 6.04 2.57
N ASP A 379 -4.20 5.66 3.54
CA ASP A 379 -5.00 6.59 4.31
C ASP A 379 -4.42 6.91 5.68
N LEU A 380 -3.98 5.89 6.42
CA LEU A 380 -3.51 6.09 7.79
C LEU A 380 -2.10 6.68 7.80
N CYS A 381 -1.73 7.24 8.95
CA CYS A 381 -0.44 7.89 9.14
C CYS A 381 0.33 7.19 10.25
N PHE A 382 1.65 7.14 10.10
CA PHE A 382 2.53 6.53 11.10
C PHE A 382 3.63 7.50 11.48
N THR A 383 4.11 7.37 12.72
CA THR A 383 5.17 8.24 13.20
C THR A 383 6.47 8.03 12.43
N ASN A 384 6.83 6.76 12.19
CA ASN A 384 8.06 6.45 11.45
C ASN A 384 7.94 5.04 10.88
N VAL A 385 8.79 4.74 9.90
CA VAL A 385 8.84 3.45 9.25
C VAL A 385 10.22 2.85 9.47
N TYR A 386 10.26 1.63 9.99
CA TYR A 386 11.50 0.91 10.24
C TYR A 386 11.58 -0.29 9.30
N ALA A 387 12.70 -0.41 8.59
CA ALA A 387 12.90 -1.47 7.62
C ALA A 387 14.07 -2.33 8.03
N ASP A 388 13.86 -3.65 8.09
CA ASP A 388 14.89 -4.61 8.46
C ASP A 388 15.14 -5.54 7.30
N SER A 389 16.42 -5.70 6.94
CA SER A 389 16.82 -6.49 5.77
C SER A 389 17.71 -7.65 6.20
N PHE A 390 17.34 -8.86 5.81
CA PHE A 390 18.13 -10.05 6.09
C PHE A 390 17.69 -11.15 5.13
N VAL A 391 18.49 -12.22 5.07
CA VAL A 391 18.21 -13.38 4.23
C VAL A 391 18.13 -14.62 5.11
N ILE A 392 17.05 -15.39 4.95
CA ILE A 392 16.84 -16.64 5.67
C ILE A 392 16.22 -17.64 4.71
N ARG A 393 16.10 -18.89 5.16
CA ARG A 393 15.60 -19.95 4.31
C ARG A 393 14.07 -19.96 4.31
N GLY A 394 13.51 -20.81 3.43
CA GLY A 394 12.07 -20.89 3.30
C GLY A 394 11.38 -21.47 4.52
N ASP A 395 11.99 -22.49 5.12
CA ASP A 395 11.44 -23.09 6.33
C ASP A 395 11.52 -22.16 7.54
N GLU A 396 12.33 -21.10 7.47
CA GLU A 396 12.41 -20.13 8.56
C GLU A 396 11.72 -18.80 8.24
N VAL A 397 11.34 -18.57 6.98
CA VAL A 397 10.59 -17.37 6.65
C VAL A 397 9.12 -17.52 7.02
N ARG A 398 8.65 -18.75 7.24
CA ARG A 398 7.32 -18.99 7.76
C ARG A 398 7.25 -18.79 9.27
N GLN A 399 8.38 -18.56 9.93
CA GLN A 399 8.45 -18.41 11.37
C GLN A 399 8.47 -16.95 11.82
N ILE A 400 8.22 -16.02 10.91
CA ILE A 400 8.26 -14.60 11.24
C ILE A 400 6.86 -14.13 11.61
N ALA A 401 5.98 -15.08 11.91
CA ALA A 401 4.71 -14.75 12.54
C ALA A 401 4.99 -14.23 13.96
N PRO A 402 4.13 -13.33 14.48
CA PRO A 402 4.37 -12.80 15.83
C PRO A 402 4.41 -13.87 16.91
N GLY A 403 3.57 -14.90 16.81
CA GLY A 403 3.64 -16.01 17.76
C GLY A 403 4.19 -17.28 17.14
N GLN A 404 5.45 -17.59 17.43
CA GLN A 404 6.11 -18.79 16.93
C GLN A 404 7.39 -19.02 17.70
N THR A 405 7.90 -20.25 17.62
CA THR A 405 9.15 -20.63 18.26
C THR A 405 10.00 -21.43 17.29
N GLY A 406 11.31 -21.42 17.52
CA GLY A 406 12.23 -22.14 16.67
C GLY A 406 13.64 -21.65 16.86
N LYS A 407 14.44 -21.82 15.81
CA LYS A 407 15.84 -21.40 15.81
C LYS A 407 16.04 -19.99 15.25
N ILE A 408 14.97 -19.33 14.81
CA ILE A 408 15.04 -17.99 14.25
C ILE A 408 14.14 -17.02 15.01
N ALA A 409 12.87 -17.38 15.19
CA ALA A 409 11.93 -16.53 15.91
C ALA A 409 12.19 -16.47 17.40
N ASP A 410 13.02 -17.36 17.94
CA ASP A 410 13.30 -17.40 19.36
C ASP A 410 14.73 -17.04 19.72
N TYR A 411 15.67 -17.12 18.77
CA TYR A 411 17.08 -16.85 19.05
C TYR A 411 17.68 -15.75 18.18
N ASN A 412 17.08 -15.42 17.05
CA ASN A 412 17.65 -14.46 16.12
C ASN A 412 16.82 -13.20 15.98
N TYR A 413 15.52 -13.32 15.72
CA TYR A 413 14.65 -12.15 15.54
C TYR A 413 13.25 -12.52 15.99
N LYS A 414 12.81 -11.94 17.10
CA LYS A 414 11.49 -12.19 17.66
C LYS A 414 10.59 -10.99 17.41
N LEU A 415 9.40 -11.24 16.88
CA LEU A 415 8.44 -10.17 16.67
C LEU A 415 7.44 -10.11 17.83
N PRO A 416 7.10 -8.91 18.30
CA PRO A 416 6.14 -8.81 19.40
C PRO A 416 4.74 -9.21 18.97
N ASP A 417 3.92 -9.55 19.98
CA ASP A 417 2.55 -9.95 19.72
C ASP A 417 1.71 -8.80 19.18
N ASP A 418 1.98 -7.58 19.63
CA ASP A 418 1.29 -6.38 19.14
C ASP A 418 2.12 -5.63 18.11
N PHE A 419 2.85 -6.38 17.27
CA PHE A 419 3.68 -5.76 16.24
C PHE A 419 2.81 -5.08 15.19
N THR A 420 3.13 -3.82 14.91
CA THR A 420 2.45 -3.03 13.88
C THR A 420 3.36 -2.94 12.67
N GLY A 421 2.85 -3.30 11.51
CA GLY A 421 3.65 -3.52 10.33
C GLY A 421 3.67 -5.00 9.98
N CYS A 422 4.51 -5.34 9.00
CA CYS A 422 4.58 -6.73 8.55
C CYS A 422 5.88 -6.98 7.81
N VAL A 423 5.97 -8.15 7.17
CA VAL A 423 7.20 -8.69 6.63
C VAL A 423 6.99 -9.02 5.15
N ILE A 424 7.95 -8.63 4.32
CA ILE A 424 7.90 -8.84 2.88
C ILE A 424 9.10 -9.69 2.47
N ALA A 425 8.84 -10.80 1.78
CA ALA A 425 9.90 -11.72 1.38
C ALA A 425 9.67 -12.18 -0.05
N TRP A 426 10.77 -12.53 -0.72
CA TRP A 426 10.71 -13.08 -2.07
C TRP A 426 11.81 -14.12 -2.19
N ASN A 427 12.03 -14.62 -3.42
CA ASN A 427 13.00 -15.65 -3.70
C ASN A 427 14.27 -15.02 -4.26
N SER A 428 15.42 -15.55 -3.84
CA SER A 428 16.72 -15.05 -4.29
C SER A 428 17.67 -16.23 -4.47
N ASN A 429 17.75 -16.73 -5.69
CA ASN A 429 18.75 -17.72 -6.07
C ASN A 429 19.75 -17.20 -7.11
N ASN A 430 19.33 -16.27 -7.96
CA ASN A 430 20.28 -15.59 -8.84
C ASN A 430 21.26 -14.74 -8.03
N LEU A 431 20.79 -14.14 -6.95
CA LEU A 431 21.63 -13.37 -6.04
C LEU A 431 21.74 -14.10 -4.71
N ASP A 432 22.86 -13.87 -4.01
CA ASP A 432 23.17 -14.46 -2.71
C ASP A 432 23.21 -15.99 -2.76
N SER A 433 23.48 -16.57 -3.92
CA SER A 433 23.55 -18.02 -4.06
C SER A 433 24.44 -18.33 -5.27
N LYS A 434 25.67 -18.77 -5.01
CA LYS A 434 26.63 -19.10 -6.04
C LYS A 434 27.09 -20.54 -5.88
N VAL A 435 27.69 -21.08 -6.95
CA VAL A 435 28.18 -22.45 -6.93
C VAL A 435 29.38 -22.57 -6.00
N GLY A 436 29.62 -23.78 -5.52
CA GLY A 436 30.67 -24.02 -4.55
C GLY A 436 30.34 -23.62 -3.13
N GLY A 437 29.10 -23.25 -2.86
CA GLY A 437 28.69 -22.84 -1.52
C GLY A 437 28.72 -21.33 -1.36
N ASN A 438 27.77 -20.82 -0.58
CA ASN A 438 27.66 -19.41 -0.24
C ASN A 438 27.61 -19.30 1.28
N TYR A 439 28.78 -19.23 1.91
CA TYR A 439 28.90 -19.23 3.36
C TYR A 439 29.11 -17.83 3.92
N ASN A 440 28.49 -16.82 3.31
CA ASN A 440 28.64 -15.44 3.75
C ASN A 440 27.53 -14.98 4.69
N TYR A 441 26.62 -15.88 5.07
CA TYR A 441 25.50 -15.53 5.94
C TYR A 441 25.48 -16.47 7.13
N LEU A 442 25.31 -15.90 8.32
CA LEU A 442 25.33 -16.65 9.57
C LEU A 442 24.07 -16.37 10.38
N TYR A 443 23.73 -17.30 11.25
CA TYR A 443 22.58 -17.17 12.13
C TYR A 443 22.89 -17.78 13.49
N ARG A 444 22.19 -17.30 14.51
CA ARG A 444 22.41 -17.79 15.87
C ARG A 444 21.83 -19.19 16.02
N LEU A 445 22.61 -20.09 16.62
CA LEU A 445 22.17 -21.47 16.84
C LEU A 445 21.90 -21.80 18.31
N PHE A 446 22.67 -21.23 19.23
CA PHE A 446 22.52 -21.50 20.65
C PHE A 446 22.48 -20.19 21.42
N ARG A 447 21.60 -20.15 22.42
CA ARG A 447 21.49 -18.98 23.29
C ARG A 447 20.98 -19.42 24.66
N LYS A 448 21.40 -18.70 25.69
CA LYS A 448 21.05 -19.04 27.07
C LYS A 448 19.66 -18.54 27.47
N SER A 449 19.06 -17.63 26.71
CA SER A 449 17.78 -17.07 27.09
C SER A 449 17.01 -16.66 25.85
N ASN A 450 15.70 -16.48 26.03
CA ASN A 450 14.83 -16.08 24.92
C ASN A 450 15.12 -14.64 24.53
N LEU A 451 15.09 -14.37 23.23
CA LEU A 451 15.35 -13.03 22.73
C LEU A 451 14.13 -12.14 22.92
N LYS A 452 14.37 -10.91 23.35
CA LYS A 452 13.30 -9.95 23.50
C LYS A 452 12.83 -9.46 22.13
N PRO A 453 11.57 -9.05 22.00
CA PRO A 453 11.10 -8.51 20.72
C PRO A 453 11.84 -7.23 20.34
N PHE A 454 12.07 -7.08 19.04
CA PHE A 454 12.79 -5.93 18.47
C PHE A 454 14.17 -5.75 19.10
N GLU A 455 14.87 -6.86 19.33
CA GLU A 455 16.20 -6.84 19.90
C GLU A 455 17.15 -7.64 19.01
N ARG A 456 18.28 -7.03 18.68
CA ARG A 456 19.32 -7.68 17.88
C ARG A 456 20.55 -7.89 18.77
N ASP A 457 21.10 -9.11 18.74
CA ASP A 457 22.24 -9.46 19.55
C ASP A 457 23.38 -9.94 18.66
N ILE A 458 24.57 -9.40 18.89
CA ILE A 458 25.79 -9.81 18.20
C ILE A 458 26.76 -10.28 19.28
N SER A 459 26.74 -11.58 19.57
CA SER A 459 27.58 -12.17 20.61
C SER A 459 28.29 -13.39 20.02
N THR A 460 29.61 -13.32 19.92
CA THR A 460 30.43 -14.39 19.39
C THR A 460 30.99 -15.31 20.47
N GLU A 461 30.61 -15.09 21.72
CA GLU A 461 31.11 -15.91 22.82
C GLU A 461 30.60 -17.34 22.68
N ILE A 462 31.49 -18.31 22.93
CA ILE A 462 31.14 -19.72 22.78
C ILE A 462 30.08 -20.11 23.79
N TYR A 463 29.01 -20.72 23.30
CA TYR A 463 27.96 -21.21 24.19
C TYR A 463 28.45 -22.46 24.92
N GLN A 464 28.05 -22.59 26.18
CA GLN A 464 28.42 -23.72 27.02
C GLN A 464 27.16 -24.50 27.41
N ALA A 465 27.27 -25.83 27.39
CA ALA A 465 26.17 -26.71 27.74
C ALA A 465 26.37 -27.39 29.08
N GLY A 466 27.53 -28.01 29.30
CA GLY A 466 27.84 -28.66 30.55
C GLY A 466 28.40 -27.70 31.58
N SER A 467 28.84 -28.28 32.69
CA SER A 467 29.41 -27.52 33.79
C SER A 467 30.91 -27.24 33.61
N THR A 468 31.51 -27.76 32.55
CA THR A 468 32.92 -27.50 32.30
C THR A 468 33.14 -26.04 31.92
N PRO A 469 34.28 -25.47 32.31
CA PRO A 469 34.60 -24.09 31.91
C PRO A 469 34.75 -23.97 30.40
N CYS A 470 34.34 -22.82 29.87
CA CYS A 470 34.37 -22.53 28.44
C CYS A 470 34.97 -21.15 28.19
N ASN A 471 36.11 -20.88 28.83
CA ASN A 471 36.80 -19.59 28.71
C ASN A 471 37.55 -19.55 27.38
N GLY A 472 36.81 -19.34 26.31
CA GLY A 472 37.39 -19.24 24.98
C GLY A 472 38.00 -20.52 24.46
N VAL A 473 37.35 -21.66 24.69
CA VAL A 473 37.83 -22.96 24.23
C VAL A 473 36.71 -23.62 23.43
N GLU A 474 37.07 -24.17 22.27
CA GLU A 474 36.13 -24.84 21.38
C GLU A 474 36.15 -26.35 21.55
N GLY A 475 36.36 -26.83 22.78
CA GLY A 475 36.40 -28.25 23.05
C GLY A 475 35.03 -28.89 23.14
N PHE A 476 34.94 -29.92 23.98
CA PHE A 476 33.68 -30.63 24.15
C PHE A 476 32.65 -29.76 24.87
N ASN A 477 31.39 -29.89 24.44
CA ASN A 477 30.26 -29.14 24.99
C ASN A 477 30.49 -27.63 24.89
N CYS A 478 31.13 -27.20 23.81
CA CYS A 478 31.41 -25.78 23.60
C CYS A 478 31.39 -25.54 22.08
N TYR A 479 30.27 -25.05 21.58
CA TYR A 479 30.06 -24.83 20.16
C TYR A 479 29.87 -23.36 19.86
N PHE A 480 30.25 -22.96 18.65
CA PHE A 480 30.08 -21.57 18.23
C PHE A 480 28.60 -21.26 18.04
N PRO A 481 28.09 -20.16 18.61
CA PRO A 481 26.68 -19.82 18.43
C PRO A 481 26.31 -19.54 16.97
N LEU A 482 27.24 -19.01 16.18
CA LEU A 482 26.98 -18.71 14.79
C LEU A 482 27.25 -19.94 13.93
N GLN A 483 26.27 -20.33 13.12
CA GLN A 483 26.38 -21.47 12.22
C GLN A 483 26.25 -20.98 10.79
N SER A 484 27.11 -21.49 9.91
CA SER A 484 27.12 -21.06 8.52
C SER A 484 25.92 -21.62 7.77
N TYR A 485 25.53 -20.90 6.71
CA TYR A 485 24.40 -21.28 5.88
C TYR A 485 24.91 -21.84 4.56
N GLY A 486 24.43 -23.03 4.20
CA GLY A 486 24.78 -23.61 2.91
C GLY A 486 23.75 -23.32 1.85
N PHE A 487 23.96 -22.26 1.08
CA PHE A 487 23.01 -21.83 0.06
C PHE A 487 23.40 -22.38 -1.31
N GLN A 488 23.36 -23.71 -1.43
CA GLN A 488 23.64 -24.35 -2.70
C GLN A 488 22.47 -24.15 -3.65
N PRO A 489 22.73 -23.93 -4.95
CA PRO A 489 21.64 -23.77 -5.91
C PRO A 489 20.81 -25.03 -6.13
N THR A 490 21.33 -26.20 -5.77
CA THR A 490 20.64 -27.46 -6.01
C THR A 490 19.76 -27.90 -4.84
N ASN A 491 19.62 -27.07 -3.82
CA ASN A 491 18.82 -27.43 -2.66
C ASN A 491 17.32 -27.36 -2.99
N GLY A 492 16.51 -27.89 -2.08
CA GLY A 492 15.08 -27.89 -2.27
C GLY A 492 14.46 -26.53 -2.04
N VAL A 493 13.17 -26.45 -2.34
CA VAL A 493 12.45 -25.17 -2.22
C VAL A 493 12.33 -24.75 -0.77
N GLY A 494 12.37 -25.71 0.15
CA GLY A 494 12.39 -25.38 1.57
C GLY A 494 13.72 -24.84 2.05
N TYR A 495 14.81 -25.21 1.38
CA TYR A 495 16.16 -24.77 1.75
C TYR A 495 16.64 -23.58 0.93
N GLN A 496 15.78 -23.03 0.07
CA GLN A 496 16.19 -21.91 -0.77
C GLN A 496 16.41 -20.66 0.06
N PRO A 497 17.40 -19.82 -0.29
CA PRO A 497 17.61 -18.57 0.45
C PRO A 497 16.64 -17.50 -0.02
N TYR A 498 15.89 -16.92 0.92
CA TYR A 498 14.87 -15.93 0.63
C TYR A 498 15.30 -14.58 1.16
N ARG A 499 15.18 -13.55 0.32
CA ARG A 499 15.47 -12.18 0.74
C ARG A 499 14.25 -11.62 1.47
N VAL A 500 14.46 -11.21 2.72
CA VAL A 500 13.38 -10.85 3.64
C VAL A 500 13.53 -9.37 4.00
N VAL A 501 12.42 -8.63 3.92
CA VAL A 501 12.36 -7.24 4.34
C VAL A 501 11.16 -7.07 5.26
N VAL A 502 11.39 -6.54 6.46
CA VAL A 502 10.35 -6.36 7.46
C VAL A 502 10.05 -4.88 7.58
N LEU A 503 8.79 -4.50 7.37
CA LEU A 503 8.35 -3.12 7.51
C LEU A 503 7.69 -2.95 8.87
N SER A 504 8.20 -2.01 9.66
CA SER A 504 7.70 -1.75 11.00
C SER A 504 7.13 -0.34 11.07
N PHE A 505 5.90 -0.23 11.58
CA PHE A 505 5.24 1.05 11.79
C PHE A 505 4.98 1.23 13.27
N GLU A 506 5.15 2.46 13.75
CA GLU A 506 4.92 2.80 15.15
C GLU A 506 3.95 3.96 15.24
N LEU A 507 3.01 3.87 16.18
CA LEU A 507 2.06 4.94 16.47
C LEU A 507 2.48 5.60 17.78
N LEU A 508 2.79 6.89 17.71
CA LEU A 508 3.27 7.63 18.87
C LEU A 508 2.61 9.00 18.89
N HIS A 509 2.60 9.60 20.09
CA HIS A 509 2.06 10.95 20.26
C HIS A 509 3.09 11.94 19.75
N ALA A 510 3.13 12.09 18.43
CA ALA A 510 4.10 12.94 17.75
C ALA A 510 3.53 13.35 16.41
N PRO A 511 4.00 14.46 15.84
CA PRO A 511 3.58 14.82 14.48
C PRO A 511 4.00 13.77 13.47
N ALA A 512 3.08 13.41 12.59
CA ALA A 512 3.35 12.37 11.59
C ALA A 512 4.19 12.95 10.46
N THR A 513 5.36 12.35 10.22
CA THR A 513 6.25 12.79 9.16
C THR A 513 6.25 11.86 7.96
N VAL A 514 5.64 10.68 8.07
CA VAL A 514 5.44 9.79 6.93
C VAL A 514 3.97 9.39 6.89
N CYS A 515 3.35 9.52 5.71
CA CYS A 515 1.92 9.28 5.54
C CYS A 515 1.69 8.72 4.14
N GLY A 516 0.42 8.71 3.72
CA GLY A 516 0.05 8.21 2.43
C GLY A 516 0.12 9.25 1.33
N PRO A 517 -0.26 8.87 0.11
CA PRO A 517 -0.15 9.78 -1.03
C PRO A 517 -1.42 10.57 -1.32
N LYS A 518 -2.37 10.56 -0.40
CA LYS A 518 -3.65 11.21 -0.63
C LYS A 518 -3.49 12.72 -0.78
N LYS A 519 -4.36 13.30 -1.61
CA LYS A 519 -4.34 14.74 -1.88
C LYS A 519 -4.86 15.51 -0.68
N SER A 520 -4.45 16.78 -0.59
CA SER A 520 -4.89 17.68 0.46
C SER A 520 -5.69 18.82 -0.15
N THR A 521 -6.91 19.01 0.33
CA THR A 521 -7.81 20.05 -0.18
C THR A 521 -7.58 21.35 0.58
N ASN A 522 -8.49 22.31 0.39
CA ASN A 522 -8.39 23.60 1.06
C ASN A 522 -8.97 23.49 2.47
N LEU A 523 -9.04 24.62 3.18
CA LEU A 523 -9.53 24.67 4.54
C LEU A 523 -10.68 25.66 4.65
N VAL A 524 -11.72 25.28 5.39
CA VAL A 524 -12.87 26.14 5.63
C VAL A 524 -13.06 26.29 7.13
N LYS A 525 -13.67 27.40 7.52
CA LYS A 525 -13.84 27.74 8.93
C LYS A 525 -15.29 28.09 9.22
N ASN A 526 -15.70 27.84 10.48
CA ASN A 526 -17.02 28.19 11.00
C ASN A 526 -18.14 27.51 10.21
N LYS A 527 -17.88 26.29 9.74
CA LYS A 527 -18.87 25.51 9.01
C LYS A 527 -18.85 24.08 9.50
N CYS A 528 -20.02 23.45 9.46
CA CYS A 528 -20.14 22.03 9.80
C CYS A 528 -19.65 21.22 8.61
N VAL A 529 -18.39 20.83 8.64
CA VAL A 529 -17.72 20.18 7.51
C VAL A 529 -16.99 18.94 8.02
N ASN A 530 -17.16 17.83 7.29
CA ASN A 530 -16.42 16.62 7.60
C ASN A 530 -14.95 16.81 7.30
N PHE A 531 -14.09 16.41 8.23
CA PHE A 531 -12.65 16.61 8.11
C PHE A 531 -11.91 15.28 8.15
N ASN A 532 -10.79 15.22 7.45
CA ASN A 532 -9.91 14.05 7.42
C ASN A 532 -8.49 14.57 7.63
N PHE A 533 -8.07 14.65 8.88
CA PHE A 533 -6.76 15.19 9.24
C PHE A 533 -5.83 14.04 9.63
N ASN A 534 -4.74 13.90 8.88
CA ASN A 534 -3.66 12.92 9.09
C ASN A 534 -4.20 11.53 9.44
N GLY A 535 -5.22 11.11 8.69
CA GLY A 535 -5.81 9.80 8.89
C GLY A 535 -6.93 9.73 9.90
N LEU A 536 -7.26 10.84 10.56
CA LEU A 536 -8.34 10.89 11.53
C LEU A 536 -9.54 11.55 10.87
N THR A 537 -10.69 10.86 10.89
CA THR A 537 -11.90 11.33 10.24
C THR A 537 -12.96 11.63 11.28
N GLY A 538 -13.70 12.72 11.08
CA GLY A 538 -14.76 13.09 11.99
C GLY A 538 -15.55 14.25 11.44
N THR A 539 -16.65 14.54 12.12
CA THR A 539 -17.55 15.64 11.75
C THR A 539 -17.53 16.70 12.84
N GLY A 540 -17.40 17.96 12.44
CA GLY A 540 -17.35 19.04 13.40
C GLY A 540 -17.17 20.36 12.70
N VAL A 541 -17.05 21.41 13.51
CA VAL A 541 -16.87 22.78 13.03
C VAL A 541 -15.46 23.22 13.36
N LEU A 542 -14.75 23.74 12.35
CA LEU A 542 -13.37 24.17 12.51
C LEU A 542 -13.35 25.66 12.85
N THR A 543 -12.76 25.99 13.99
CA THR A 543 -12.68 27.38 14.46
C THR A 543 -11.27 27.68 14.94
N GLU A 544 -10.93 28.96 14.96
CA GLU A 544 -9.62 29.39 15.43
C GLU A 544 -9.49 29.16 16.94
N SER A 545 -8.28 28.82 17.37
CA SER A 545 -8.00 28.57 18.77
C SER A 545 -6.76 29.35 19.19
N ASN A 546 -6.76 29.83 20.43
CA ASN A 546 -5.64 30.57 20.99
C ASN A 546 -4.72 29.71 21.84
N LYS A 547 -4.96 28.40 21.89
CA LYS A 547 -4.14 27.51 22.71
C LYS A 547 -2.75 27.37 22.11
N LYS A 548 -1.75 27.26 22.98
CA LYS A 548 -0.37 27.05 22.59
C LYS A 548 -0.02 25.57 22.71
N PHE A 549 0.50 24.99 21.64
CA PHE A 549 0.79 23.56 21.58
C PHE A 549 2.28 23.32 21.72
N LEU A 550 2.66 22.42 22.61
CA LEU A 550 4.04 21.98 22.73
C LEU A 550 4.44 21.20 21.47
N PRO A 551 5.70 21.35 21.03
CA PRO A 551 6.06 20.97 19.64
C PRO A 551 5.87 19.49 19.30
N PHE A 552 6.09 18.57 20.22
CA PHE A 552 6.07 17.15 19.89
C PHE A 552 4.73 16.49 20.14
N GLN A 553 3.70 17.27 20.47
CA GLN A 553 2.34 16.76 20.61
C GLN A 553 1.50 17.31 19.46
N GLN A 554 0.69 16.45 18.84
CA GLN A 554 -0.09 16.83 17.68
C GLN A 554 -1.59 16.90 17.93
N PHE A 555 -2.14 16.00 18.74
CA PHE A 555 -3.58 15.99 19.03
C PHE A 555 -3.81 16.31 20.50
N GLY A 556 -4.92 16.98 20.77
CA GLY A 556 -5.34 17.29 22.12
C GLY A 556 -6.73 16.75 22.39
N ARG A 557 -6.95 16.35 23.64
CA ARG A 557 -8.22 15.77 24.05
C ARG A 557 -8.72 16.44 25.32
N ASP A 558 -10.05 16.47 25.47
CA ASP A 558 -10.69 17.06 26.64
C ASP A 558 -10.90 16.00 27.70
N ILE A 559 -11.72 16.32 28.70
CA ILE A 559 -12.02 15.37 29.78
C ILE A 559 -12.79 14.17 29.24
N ALA A 560 -13.68 14.40 28.27
CA ALA A 560 -14.50 13.34 27.69
C ALA A 560 -13.76 12.49 26.67
N ASP A 561 -12.43 12.65 26.56
CA ASP A 561 -11.59 11.87 25.64
C ASP A 561 -12.06 12.01 24.19
N THR A 562 -12.41 13.23 23.79
CA THR A 562 -12.80 13.54 22.43
C THR A 562 -11.78 14.48 21.79
N THR A 563 -11.61 14.34 20.48
CA THR A 563 -10.67 15.19 19.75
C THR A 563 -11.18 16.62 19.73
N ASP A 564 -10.29 17.57 20.03
CA ASP A 564 -10.66 18.97 20.12
C ASP A 564 -9.73 19.92 19.36
N ALA A 565 -8.52 19.50 19.01
CA ALA A 565 -7.58 20.37 18.32
C ALA A 565 -6.88 19.58 17.22
N VAL A 566 -6.49 20.30 16.16
CA VAL A 566 -5.80 19.73 15.02
C VAL A 566 -4.59 20.60 14.72
N ARG A 567 -3.42 19.97 14.59
CA ARG A 567 -2.19 20.71 14.34
C ARG A 567 -2.18 21.33 12.95
N ASP A 568 -2.74 20.63 11.95
CA ASP A 568 -2.77 21.03 10.55
C ASP A 568 -1.36 21.35 10.04
N PRO A 569 -0.53 20.34 9.80
CA PRO A 569 0.88 20.61 9.46
C PRO A 569 1.09 21.38 8.17
N GLN A 570 0.08 21.44 7.29
CA GLN A 570 0.21 22.25 6.08
C GLN A 570 0.35 23.74 6.42
N THR A 571 -0.42 24.21 7.41
CA THR A 571 -0.34 25.59 7.85
C THR A 571 0.29 25.76 9.22
N LEU A 572 0.49 24.66 9.96
CA LEU A 572 1.08 24.67 11.31
C LEU A 572 0.32 25.60 12.26
N GLU A 573 -1.01 25.58 12.15
CA GLU A 573 -1.87 26.41 12.99
C GLU A 573 -2.88 25.51 13.69
N ILE A 574 -3.00 25.68 15.01
CA ILE A 574 -3.93 24.88 15.80
C ILE A 574 -5.35 25.39 15.56
N LEU A 575 -6.24 24.48 15.20
CA LEU A 575 -7.64 24.79 14.92
C LEU A 575 -8.52 24.09 15.93
N ASP A 576 -9.39 24.86 16.58
CA ASP A 576 -10.33 24.29 17.53
C ASP A 576 -11.40 23.48 16.80
N ILE A 577 -11.78 22.35 17.40
CA ILE A 577 -12.81 21.47 16.85
C ILE A 577 -14.07 21.72 17.66
N THR A 578 -15.11 22.21 16.99
CA THR A 578 -16.39 22.48 17.63
C THR A 578 -17.42 21.46 17.17
N PRO A 579 -18.06 20.73 18.08
CA PRO A 579 -19.11 19.79 17.66
C PRO A 579 -20.27 20.51 17.01
N CYS A 580 -20.87 19.86 16.00
CA CYS A 580 -22.01 20.44 15.30
C CYS A 580 -23.24 20.51 16.20
N SER A 581 -23.38 19.54 17.11
CA SER A 581 -24.45 19.54 18.12
C SER A 581 -23.81 19.27 19.47
N PHE A 582 -23.88 20.25 20.37
CA PHE A 582 -23.22 20.18 21.67
C PHE A 582 -24.17 20.05 22.84
N GLY A 583 -25.34 20.69 22.78
CA GLY A 583 -26.26 20.67 23.89
C GLY A 583 -27.06 19.39 23.99
N GLY A 584 -27.72 19.23 25.14
CA GLY A 584 -28.58 18.08 25.36
C GLY A 584 -30.03 18.42 25.06
N VAL A 585 -30.68 17.54 24.30
CA VAL A 585 -32.06 17.75 23.86
C VAL A 585 -32.88 16.53 24.26
N SER A 586 -33.97 16.77 24.99
CA SER A 586 -34.92 15.72 25.33
C SER A 586 -36.23 16.00 24.61
N VAL A 587 -36.68 15.04 23.82
CA VAL A 587 -37.89 15.18 23.03
C VAL A 587 -39.02 14.42 23.71
N ILE A 588 -40.07 15.14 24.08
CA ILE A 588 -41.22 14.55 24.77
C ILE A 588 -42.25 14.22 23.70
N THR A 589 -42.17 13.00 23.16
CA THR A 589 -43.08 12.56 22.12
C THR A 589 -44.18 11.71 22.74
N PRO A 590 -45.44 12.14 22.72
CA PRO A 590 -46.56 11.32 23.23
C PRO A 590 -47.07 10.31 22.20
N GLY A 591 -46.15 9.53 21.65
CA GLY A 591 -46.48 8.57 20.61
C GLY A 591 -46.56 9.22 19.24
N THR A 592 -46.75 8.37 18.23
CA THR A 592 -46.89 8.81 16.85
C THR A 592 -48.34 8.80 16.38
N ASN A 593 -49.02 7.66 16.52
CA ASN A 593 -50.43 7.58 16.12
C ASN A 593 -51.33 8.35 17.09
N THR A 594 -50.93 8.47 18.35
CA THR A 594 -51.75 9.19 19.33
C THR A 594 -51.78 10.68 19.03
N SER A 595 -50.62 11.29 18.80
CA SER A 595 -50.55 12.72 18.54
C SER A 595 -49.27 13.01 17.76
N ASN A 596 -49.24 14.18 17.13
CA ASN A 596 -48.09 14.64 16.37
C ASN A 596 -47.33 15.77 17.05
N GLN A 597 -47.97 16.54 17.91
CA GLN A 597 -47.30 17.62 18.63
C GLN A 597 -46.32 17.05 19.64
N VAL A 598 -45.13 17.64 19.70
CA VAL A 598 -44.07 17.18 20.59
C VAL A 598 -43.54 18.36 21.40
N ALA A 599 -42.86 18.03 22.50
CA ALA A 599 -42.24 19.01 23.37
C ALA A 599 -40.75 18.76 23.44
N VAL A 600 -39.96 19.83 23.34
CA VAL A 600 -38.50 19.75 23.32
C VAL A 600 -37.98 20.32 24.64
N LEU A 601 -37.14 19.54 25.32
CA LEU A 601 -36.52 19.96 26.57
C LEU A 601 -35.02 20.09 26.37
N TYR A 602 -34.48 21.25 26.72
CA TYR A 602 -33.04 21.53 26.61
C TYR A 602 -32.45 21.49 28.01
N GLN A 603 -31.48 20.58 28.21
CA GLN A 603 -30.93 20.38 29.55
C GLN A 603 -30.02 21.53 29.96
N ASP A 604 -29.17 22.01 29.04
CA ASP A 604 -28.17 23.02 29.34
C ASP A 604 -28.59 24.41 28.89
N VAL A 605 -29.88 24.71 28.92
CA VAL A 605 -30.40 26.02 28.57
C VAL A 605 -31.21 26.56 29.74
N ASN A 606 -30.86 27.76 30.21
CA ASN A 606 -31.53 28.39 31.34
C ASN A 606 -32.42 29.50 30.78
N CYS A 607 -33.68 29.17 30.54
CA CYS A 607 -34.65 30.13 30.01
C CYS A 607 -35.10 31.10 31.10
N TRP A 623 -31.02 32.57 21.25
CA TRP A 623 -30.88 31.28 21.90
C TRP A 623 -30.54 30.19 20.89
N ARG A 624 -29.63 29.29 21.28
CA ARG A 624 -29.22 28.19 20.41
C ARG A 624 -30.17 27.00 20.58
N VAL A 625 -31.38 27.20 20.06
CA VAL A 625 -32.44 26.20 20.12
C VAL A 625 -33.02 26.02 18.72
N TYR A 626 -33.78 24.93 18.54
CA TYR A 626 -34.40 24.66 17.25
C TYR A 626 -35.42 25.73 16.89
N SER A 627 -36.26 26.12 17.85
CA SER A 627 -37.26 27.15 17.64
C SER A 627 -37.70 27.69 18.99
N THR A 628 -37.94 29.00 19.06
CA THR A 628 -38.44 29.60 20.29
C THR A 628 -39.86 29.13 20.60
N GLY A 629 -40.75 29.22 19.61
CA GLY A 629 -42.12 28.78 19.78
C GLY A 629 -42.86 29.59 20.83
N SER A 630 -43.59 28.88 21.69
CA SER A 630 -44.34 29.50 22.77
C SER A 630 -44.42 28.52 23.93
N ASN A 631 -45.09 28.95 25.01
CA ASN A 631 -45.26 28.16 26.23
C ASN A 631 -43.91 27.71 26.80
N VAL A 632 -42.96 28.64 26.85
CA VAL A 632 -41.62 28.33 27.34
C VAL A 632 -41.65 28.26 28.86
N PHE A 633 -41.24 27.11 29.41
CA PHE A 633 -41.21 26.89 30.84
C PHE A 633 -39.81 26.44 31.23
N GLN A 634 -39.27 27.04 32.30
CA GLN A 634 -37.95 26.73 32.80
C GLN A 634 -38.09 25.90 34.08
N THR A 635 -37.49 24.72 34.08
CA THR A 635 -37.51 23.82 35.23
C THR A 635 -36.09 23.66 35.77
N ARG A 636 -35.98 22.86 36.84
CA ARG A 636 -34.66 22.58 37.41
C ARG A 636 -33.82 21.70 36.49
N ALA A 637 -34.46 20.82 35.73
CA ALA A 637 -33.75 19.95 34.81
C ALA A 637 -33.39 20.64 33.50
N GLY A 638 -33.88 21.84 33.26
CA GLY A 638 -33.58 22.56 32.04
C GLY A 638 -34.78 23.39 31.60
N CYS A 639 -34.77 23.76 30.33
CA CYS A 639 -35.81 24.57 29.73
C CYS A 639 -36.69 23.69 28.84
N LEU A 640 -38.00 23.79 29.02
CA LEU A 640 -38.97 23.01 28.27
C LEU A 640 -39.82 23.94 27.42
N ILE A 641 -39.95 23.62 26.13
CA ILE A 641 -40.76 24.40 25.20
C ILE A 641 -41.77 23.49 24.53
N GLY A 642 -42.84 24.09 24.03
CA GLY A 642 -43.89 23.35 23.36
C GLY A 642 -44.90 22.67 24.27
N ALA A 643 -44.78 22.84 25.59
CA ALA A 643 -45.68 22.21 26.54
C ALA A 643 -46.25 23.28 27.47
N GLU A 644 -47.52 23.11 27.84
CA GLU A 644 -48.20 24.06 28.71
C GLU A 644 -48.03 23.63 30.17
N HIS A 645 -47.63 24.57 31.01
CA HIS A 645 -47.42 24.32 32.43
C HIS A 645 -48.65 24.75 33.21
N VAL A 646 -49.11 23.88 34.12
CA VAL A 646 -50.29 24.16 34.93
C VAL A 646 -49.89 24.16 36.40
N ASN A 647 -50.72 24.79 37.21
CA ASN A 647 -50.48 24.91 38.65
C ASN A 647 -51.02 23.72 39.43
N ASN A 648 -51.68 22.77 38.77
CA ASN A 648 -52.22 21.61 39.45
C ASN A 648 -51.13 20.56 39.66
N SER A 649 -51.50 19.43 40.26
CA SER A 649 -50.56 18.35 40.54
C SER A 649 -51.30 17.03 40.29
N TYR A 650 -51.03 16.40 39.15
CA TYR A 650 -51.61 15.13 38.78
C TYR A 650 -50.57 14.02 38.89
N GLU A 651 -50.97 12.82 38.50
CA GLU A 651 -50.06 11.68 38.52
C GLU A 651 -49.01 11.82 37.42
N CYS A 652 -47.84 11.24 37.67
CA CYS A 652 -46.73 11.33 36.73
C CYS A 652 -46.93 10.28 35.63
N ASP A 653 -47.17 10.75 34.41
CA ASP A 653 -47.34 9.88 33.25
C ASP A 653 -46.05 9.79 32.43
N ILE A 654 -45.53 10.93 31.99
CA ILE A 654 -44.26 11.00 31.28
C ILE A 654 -43.28 11.82 32.12
N PRO A 655 -42.37 11.15 32.82
CA PRO A 655 -41.42 11.89 33.67
C PRO A 655 -40.45 12.72 32.83
N ILE A 656 -40.08 13.87 33.39
CA ILE A 656 -39.16 14.80 32.76
C ILE A 656 -37.85 14.89 33.54
N GLY A 657 -37.93 15.03 34.84
CA GLY A 657 -36.75 15.13 35.69
C GLY A 657 -36.96 16.17 36.78
N ALA A 658 -36.35 15.92 37.94
CA ALA A 658 -36.42 16.80 39.11
C ALA A 658 -37.87 17.08 39.53
N GLY A 659 -38.70 16.04 39.50
CA GLY A 659 -40.07 16.17 39.93
C GLY A 659 -41.03 16.75 38.91
N ILE A 660 -40.58 16.98 37.68
CA ILE A 660 -41.43 17.54 36.64
C ILE A 660 -42.06 16.41 35.85
N CYS A 661 -43.37 16.47 35.66
CA CYS A 661 -44.11 15.47 34.90
C CYS A 661 -44.98 16.16 33.87
N ALA A 662 -45.19 15.48 32.74
CA ALA A 662 -46.00 16.00 31.65
C ALA A 662 -46.96 14.94 31.15
N SER A 663 -48.08 15.38 30.59
CA SER A 663 -49.08 14.48 30.06
C SER A 663 -49.87 15.19 28.97
N TYR A 664 -50.56 14.40 28.16
CA TYR A 664 -51.38 14.91 27.06
C TYR A 664 -52.83 15.01 27.53
N GLN A 665 -53.31 16.23 27.72
CA GLN A 665 -54.67 16.49 28.17
C GLN A 665 -55.40 17.34 27.13
N THR A 666 -56.62 17.74 27.48
CA THR A 666 -57.44 18.56 26.59
C THR A 666 -57.10 20.04 26.73
N VAL B 2 44.39 -8.62 26.26
CA VAL B 2 45.65 -9.11 25.72
C VAL B 2 46.34 -8.01 24.92
N GLN B 3 47.27 -8.39 24.06
CA GLN B 3 48.03 -7.45 23.25
C GLN B 3 48.01 -7.91 21.79
N LEU B 4 48.00 -6.93 20.88
CA LEU B 4 48.01 -7.18 19.45
C LEU B 4 49.25 -6.54 18.84
N VAL B 5 50.04 -7.34 18.13
CA VAL B 5 51.31 -6.89 17.57
C VAL B 5 51.27 -7.09 16.06
N GLU B 6 51.61 -6.04 15.31
CA GLU B 6 51.72 -6.10 13.87
C GLU B 6 53.20 -6.02 13.45
N SER B 7 53.42 -6.02 12.15
CA SER B 7 54.76 -5.94 11.60
C SER B 7 55.23 -4.48 11.54
N GLY B 8 56.46 -4.29 11.06
CA GLY B 8 57.04 -2.97 10.97
C GLY B 8 56.60 -2.22 9.73
N ALA B 9 57.16 -1.02 9.57
CA ALA B 9 56.83 -0.18 8.43
C ALA B 9 57.37 -0.78 7.14
N GLU B 10 56.59 -0.65 6.07
CA GLU B 10 56.95 -1.19 4.77
C GLU B 10 56.78 -0.12 3.70
N VAL B 11 57.57 -0.21 2.64
CA VAL B 11 57.50 0.68 1.49
C VAL B 11 57.23 -0.16 0.25
N LYS B 12 56.26 0.27 -0.55
CA LYS B 12 55.87 -0.50 -1.73
C LYS B 12 55.86 0.36 -2.98
N LYS B 13 55.34 -0.18 -4.08
CA LYS B 13 55.30 0.47 -5.38
C LYS B 13 53.87 0.85 -5.74
N PRO B 14 53.67 1.90 -6.55
CA PRO B 14 52.31 2.27 -6.96
C PRO B 14 51.73 1.29 -7.98
N GLY B 15 51.16 0.20 -7.48
CA GLY B 15 50.63 -0.84 -8.35
C GLY B 15 51.21 -2.21 -8.03
N SER B 16 51.68 -2.37 -6.80
CA SER B 16 52.25 -3.62 -6.32
C SER B 16 51.33 -4.25 -5.28
N SER B 17 51.80 -5.35 -4.69
CA SER B 17 51.06 -6.09 -3.68
C SER B 17 51.77 -5.99 -2.33
N VAL B 18 50.98 -5.92 -1.26
CA VAL B 18 51.50 -5.81 0.09
C VAL B 18 50.90 -6.93 0.94
N LYS B 19 51.60 -7.27 2.01
CA LYS B 19 51.15 -8.33 2.91
C LYS B 19 51.66 -8.04 4.32
N VAL B 20 50.73 -7.87 5.25
CA VAL B 20 51.04 -7.62 6.66
C VAL B 20 50.22 -8.56 7.52
N SER B 21 50.66 -8.74 8.76
CA SER B 21 50.02 -9.65 9.69
C SER B 21 49.86 -8.98 11.05
N CYS B 22 48.88 -9.47 11.82
CA CYS B 22 48.61 -9.01 13.18
C CYS B 22 48.75 -10.21 14.12
N LYS B 23 49.90 -10.32 14.76
CA LYS B 23 50.17 -11.44 15.66
C LYS B 23 49.70 -11.09 17.08
N ALA B 24 49.01 -12.04 17.71
CA ALA B 24 48.52 -11.86 19.07
C ALA B 24 49.55 -12.39 20.06
N SER B 25 49.88 -11.57 21.05
CA SER B 25 50.86 -11.93 22.08
C SER B 25 50.18 -11.86 23.45
N GLY B 26 50.52 -12.83 24.31
CA GLY B 26 49.92 -12.92 25.62
C GLY B 26 48.55 -13.56 25.64
N GLY B 27 48.07 -14.07 24.51
CA GLY B 27 46.76 -14.70 24.46
C GLY B 27 46.31 -14.87 23.03
N THR B 28 45.06 -15.32 22.89
CA THR B 28 44.46 -15.54 21.58
C THR B 28 43.09 -14.88 21.53
N PHE B 29 42.73 -14.40 20.36
CA PHE B 29 41.41 -13.78 20.16
C PHE B 29 40.38 -14.81 19.69
N SER B 30 40.28 -15.92 20.44
CA SER B 30 39.33 -16.97 20.11
C SER B 30 37.90 -16.49 20.32
N SER B 31 37.04 -16.79 19.35
CA SER B 31 35.63 -16.41 19.35
C SER B 31 35.44 -14.90 19.45
N TYR B 32 36.36 -14.14 18.85
CA TYR B 32 36.27 -12.68 18.81
C TYR B 32 36.60 -12.22 17.41
N ALA B 33 35.71 -11.41 16.82
CA ALA B 33 35.89 -10.97 15.45
C ALA B 33 37.06 -9.99 15.34
N ILE B 34 37.82 -10.11 14.26
CA ILE B 34 39.00 -9.29 14.00
C ILE B 34 38.72 -8.43 12.78
N SER B 35 38.82 -7.12 12.94
CA SER B 35 38.58 -6.17 11.86
C SER B 35 39.83 -5.33 11.61
N TRP B 36 39.82 -4.63 10.49
CA TRP B 36 40.94 -3.78 10.09
C TRP B 36 40.45 -2.36 9.84
N VAL B 37 41.14 -1.38 10.41
CA VAL B 37 40.77 0.02 10.28
C VAL B 37 41.99 0.79 9.78
N ARG B 38 41.81 1.54 8.70
CA ARG B 38 42.87 2.36 8.12
C ARG B 38 42.63 3.82 8.46
N GLN B 39 43.70 4.62 8.35
CA GLN B 39 43.63 6.04 8.66
C GLN B 39 44.63 6.77 7.78
N ALA B 40 44.12 7.57 6.85
CA ALA B 40 44.99 8.42 6.05
C ALA B 40 45.54 9.55 6.90
N PRO B 41 46.75 10.04 6.59
CA PRO B 41 47.32 11.17 7.35
C PRO B 41 46.49 12.43 7.12
N GLY B 42 45.91 12.95 8.20
CA GLY B 42 45.04 14.11 8.12
C GLY B 42 43.57 13.80 7.92
N GLN B 43 43.21 12.54 7.70
CA GLN B 43 41.83 12.13 7.50
C GLN B 43 41.38 11.24 8.65
N GLY B 44 40.09 10.93 8.65
CA GLY B 44 39.49 10.11 9.68
C GLY B 44 39.68 8.62 9.44
N LEU B 45 39.19 7.83 10.38
CA LEU B 45 39.28 6.39 10.29
C LEU B 45 38.31 5.84 9.24
N GLU B 46 38.63 4.67 8.70
CA GLU B 46 37.79 4.00 7.72
C GLU B 46 37.67 2.52 8.09
N TRP B 47 36.47 1.98 7.93
CA TRP B 47 36.23 0.55 8.13
C TRP B 47 36.25 -0.15 6.78
N MET B 48 37.06 -1.21 6.67
CA MET B 48 37.24 -1.86 5.38
C MET B 48 37.28 -3.38 5.42
N GLY B 49 37.02 -4.01 6.56
CA GLY B 49 37.04 -5.46 6.59
C GLY B 49 36.76 -6.00 7.99
N GLY B 50 36.66 -7.32 8.06
CA GLY B 50 36.39 -8.02 9.30
C GLY B 50 36.35 -9.53 9.13
N ILE B 51 36.90 -10.26 10.10
CA ILE B 51 36.99 -11.71 10.05
C ILE B 51 36.45 -12.29 11.35
N ILE B 52 35.57 -13.28 11.24
CA ILE B 52 35.26 -14.14 12.38
C ILE B 52 36.18 -15.36 12.28
N PRO B 53 37.21 -15.44 13.12
CA PRO B 53 38.25 -16.48 12.91
C PRO B 53 37.78 -17.89 13.18
N ILE B 54 36.67 -18.09 13.89
CA ILE B 54 36.19 -19.44 14.16
C ILE B 54 35.75 -20.12 12.87
N LEU B 55 35.00 -19.41 12.02
CA LEU B 55 34.54 -19.97 10.76
C LEU B 55 35.36 -19.52 9.56
N GLY B 56 36.23 -18.53 9.72
CA GLY B 56 37.08 -18.08 8.63
C GLY B 56 36.36 -17.43 7.47
N ILE B 57 35.41 -16.55 7.75
CA ILE B 57 34.65 -15.85 6.72
C ILE B 57 34.93 -14.36 6.84
N ALA B 58 35.29 -13.73 5.71
CA ALA B 58 35.66 -12.33 5.68
C ALA B 58 34.54 -11.51 5.04
N ASN B 59 34.16 -10.42 5.69
CA ASN B 59 33.17 -9.48 5.18
C ASN B 59 33.86 -8.15 4.91
N TYR B 60 33.72 -7.64 3.70
CA TYR B 60 34.37 -6.40 3.28
C TYR B 60 33.35 -5.28 3.14
N ALA B 61 33.86 -4.05 3.16
CA ALA B 61 33.03 -2.87 3.02
C ALA B 61 32.67 -2.65 1.55
N GLN B 62 31.67 -1.79 1.32
CA GLN B 62 31.20 -1.50 -0.02
C GLN B 62 32.05 -0.48 -0.75
N LYS B 63 32.96 0.20 -0.06
CA LYS B 63 33.80 1.20 -0.73
C LYS B 63 34.77 0.54 -1.70
N PHE B 64 35.38 -0.58 -1.30
CA PHE B 64 36.17 -1.39 -2.22
C PHE B 64 36.04 -2.85 -1.82
N GLN B 65 35.83 -3.72 -2.80
CA GLN B 65 35.74 -5.15 -2.55
C GLN B 65 36.52 -6.02 -3.53
N GLY B 66 36.81 -5.55 -4.74
CA GLY B 66 37.49 -6.35 -5.73
C GLY B 66 39.00 -6.25 -5.76
N ARG B 67 39.61 -5.53 -4.81
CA ARG B 67 41.04 -5.35 -4.79
C ARG B 67 41.71 -5.77 -3.48
N VAL B 68 40.94 -6.03 -2.43
CA VAL B 68 41.48 -6.38 -1.12
C VAL B 68 40.94 -7.74 -0.70
N THR B 69 41.84 -8.66 -0.37
CA THR B 69 41.49 -9.98 0.13
C THR B 69 42.13 -10.13 1.51
N ILE B 70 41.31 -10.34 2.54
CA ILE B 70 41.78 -10.47 3.91
C ILE B 70 41.52 -11.90 4.38
N THR B 71 42.49 -12.48 5.08
CA THR B 71 42.45 -13.86 5.53
C THR B 71 42.99 -13.98 6.94
N ALA B 72 42.69 -15.11 7.58
CA ALA B 72 43.16 -15.36 8.93
C ALA B 72 43.32 -16.86 9.14
N ASP B 73 44.14 -17.21 10.13
CA ASP B 73 44.40 -18.60 10.48
C ASP B 73 44.04 -18.81 11.94
N LYS B 74 43.17 -19.78 12.22
CA LYS B 74 42.76 -20.05 13.59
C LYS B 74 43.81 -20.82 14.37
N SER B 75 44.56 -21.70 13.69
CA SER B 75 45.55 -22.53 14.39
C SER B 75 46.68 -21.69 14.96
N THR B 76 47.21 -20.76 14.17
CA THR B 76 48.28 -19.89 14.63
C THR B 76 47.77 -18.60 15.26
N SER B 77 46.46 -18.35 15.22
CA SER B 77 45.83 -17.15 15.78
C SER B 77 46.45 -15.88 15.20
N THR B 78 46.45 -15.82 13.87
CA THR B 78 46.99 -14.68 13.14
C THR B 78 46.00 -14.25 12.07
N ALA B 79 46.01 -12.96 11.75
CA ALA B 79 45.20 -12.38 10.69
C ALA B 79 46.13 -11.77 9.65
N TYR B 80 45.92 -12.13 8.38
CA TYR B 80 46.80 -11.70 7.29
C TYR B 80 46.04 -10.77 6.36
N MET B 81 46.62 -9.61 6.09
CA MET B 81 46.03 -8.61 5.20
C MET B 81 46.81 -8.60 3.89
N GLU B 82 46.09 -8.78 2.78
CA GLU B 82 46.68 -8.74 1.44
C GLU B 82 45.93 -7.71 0.61
N LEU B 83 46.67 -6.83 -0.06
CA LEU B 83 46.09 -5.79 -0.88
C LEU B 83 46.75 -5.80 -2.26
N SER B 84 45.98 -5.42 -3.27
CA SER B 84 46.44 -5.40 -4.65
C SER B 84 46.11 -4.05 -5.27
N SER B 85 46.90 -3.69 -6.28
CA SER B 85 46.77 -2.43 -7.02
C SER B 85 46.87 -1.22 -6.08
N LEU B 86 48.03 -1.10 -5.45
CA LEU B 86 48.29 0.02 -4.55
C LEU B 86 48.42 1.32 -5.35
N ARG B 87 47.87 2.39 -4.80
CA ARG B 87 47.89 3.72 -5.42
C ARG B 87 48.59 4.70 -4.49
N SER B 88 48.75 5.93 -4.98
CA SER B 88 49.39 6.98 -4.19
C SER B 88 48.52 7.42 -3.03
N GLU B 89 47.19 7.43 -3.23
CA GLU B 89 46.27 7.84 -2.17
C GLU B 89 46.24 6.83 -1.02
N ASP B 90 46.57 5.56 -1.30
CA ASP B 90 46.49 4.51 -0.29
C ASP B 90 47.60 4.58 0.75
N THR B 91 48.44 5.61 0.74
CA THR B 91 49.48 5.79 1.75
C THR B 91 48.81 6.11 3.09
N ALA B 92 48.78 5.13 3.99
CA ALA B 92 48.11 5.28 5.27
C ALA B 92 48.69 4.26 6.25
N VAL B 93 48.08 4.16 7.42
CA VAL B 93 48.48 3.22 8.46
C VAL B 93 47.28 2.33 8.79
N TYR B 94 47.55 1.05 9.03
CA TYR B 94 46.51 0.05 9.20
C TYR B 94 46.60 -0.56 10.59
N TYR B 95 45.46 -0.68 11.26
CA TYR B 95 45.36 -1.26 12.58
C TYR B 95 44.45 -2.49 12.54
N CYS B 96 44.82 -3.52 13.27
CA CYS B 96 43.96 -4.69 13.45
C CYS B 96 43.08 -4.47 14.67
N ALA B 97 41.76 -4.40 14.43
CA ALA B 97 40.79 -4.08 15.48
C ALA B 97 40.03 -5.34 15.88
N ARG B 98 39.94 -5.58 17.18
CA ARG B 98 39.21 -6.72 17.73
C ARG B 98 37.80 -6.25 18.11
N GLU B 99 36.80 -6.79 17.43
CA GLU B 99 35.43 -6.44 17.74
C GLU B 99 34.98 -7.08 19.05
N ASN B 100 34.15 -6.35 19.80
CA ASN B 100 33.60 -6.83 21.07
C ASN B 100 32.11 -6.50 21.06
N GLY B 101 31.30 -7.46 20.60
CA GLY B 101 29.87 -7.24 20.50
C GLY B 101 29.15 -7.38 21.82
N TYR B 102 27.88 -7.00 21.82
CA TYR B 102 27.05 -7.06 23.01
C TYR B 102 25.59 -7.10 22.57
N SER B 103 24.71 -7.31 23.55
CA SER B 103 23.28 -7.41 23.31
C SER B 103 22.59 -6.12 23.72
N GLY B 104 21.81 -5.55 22.81
CA GLY B 104 21.10 -4.32 23.10
C GLY B 104 20.25 -3.92 21.91
N TYR B 105 19.47 -2.85 22.10
CA TYR B 105 18.63 -2.34 21.03
C TYR B 105 19.46 -1.79 19.88
N GLY B 106 20.54 -1.08 20.19
CA GLY B 106 21.43 -0.57 19.17
C GLY B 106 22.29 -1.67 18.56
N ALA B 107 23.14 -2.29 19.40
CA ALA B 107 24.00 -3.41 19.02
C ALA B 107 24.91 -3.06 17.85
N ALA B 108 25.78 -2.09 18.10
CA ALA B 108 26.79 -1.67 17.12
C ALA B 108 28.14 -2.22 17.54
N ALA B 109 28.87 -2.77 16.58
CA ALA B 109 30.18 -3.36 16.87
C ALA B 109 31.18 -2.30 17.29
N ASN B 110 31.93 -2.58 18.35
CA ASN B 110 32.93 -1.66 18.88
C ASN B 110 34.26 -2.38 18.99
N PHE B 111 35.34 -1.63 18.80
CA PHE B 111 36.70 -2.15 18.85
C PHE B 111 37.35 -1.71 20.15
N ASP B 112 37.55 -2.65 21.08
CA ASP B 112 38.14 -2.34 22.38
C ASP B 112 39.66 -2.45 22.35
N LEU B 113 40.21 -3.38 21.58
CA LEU B 113 41.65 -3.59 21.50
C LEU B 113 42.12 -3.29 20.09
N TRP B 114 43.21 -2.53 19.98
CA TRP B 114 43.75 -2.09 18.69
C TRP B 114 45.22 -2.47 18.61
N GLY B 115 45.71 -2.61 17.37
CA GLY B 115 47.10 -2.92 17.13
C GLY B 115 47.99 -1.70 17.23
N ARG B 116 49.27 -1.93 16.97
CA ARG B 116 50.28 -0.87 17.04
C ARG B 116 50.44 -0.10 15.73
N GLY B 117 49.78 -0.53 14.66
CA GLY B 117 49.86 0.19 13.40
C GLY B 117 50.96 -0.33 12.50
N THR B 118 50.73 -0.21 11.20
CA THR B 118 51.69 -0.64 10.18
C THR B 118 51.70 0.40 9.08
N LEU B 119 52.85 1.05 8.90
CA LEU B 119 52.95 2.08 7.86
C LEU B 119 53.13 1.42 6.50
N VAL B 120 52.21 1.72 5.58
CA VAL B 120 52.28 1.25 4.20
C VAL B 120 52.37 2.48 3.31
N THR B 121 53.54 2.71 2.73
CA THR B 121 53.78 3.86 1.88
C THR B 121 54.24 3.42 0.51
N VAL B 122 53.98 4.27 -0.49
CA VAL B 122 54.38 3.99 -1.87
C VAL B 122 55.36 5.06 -2.32
N SER B 123 56.25 4.67 -3.22
CA SER B 123 57.28 5.58 -3.74
C SER B 123 57.72 5.07 -5.09
N SER B 124 57.42 5.83 -6.15
CA SER B 124 57.83 5.43 -7.50
C SER B 124 59.35 5.46 -7.64
N ALA B 125 60.01 6.46 -7.06
CA ALA B 125 61.46 6.55 -7.14
C ALA B 125 62.10 5.46 -6.29
N SER B 126 63.17 4.86 -6.82
CA SER B 126 63.88 3.81 -6.12
C SER B 126 64.84 4.40 -5.09
N THR B 127 65.36 3.52 -4.24
CA THR B 127 66.30 3.95 -3.21
C THR B 127 67.64 4.32 -3.84
N LYS B 128 68.18 5.46 -3.43
CA LYS B 128 69.44 5.98 -3.94
C LYS B 128 70.40 6.23 -2.78
N GLY B 129 71.57 6.77 -3.10
CA GLY B 129 72.57 7.07 -2.12
C GLY B 129 72.50 8.51 -1.65
N PRO B 130 72.31 8.70 -0.35
CA PRO B 130 72.24 10.07 0.20
C PRO B 130 73.56 10.80 0.10
N SER B 131 73.47 12.12 -0.03
CA SER B 131 74.63 13.00 -0.12
C SER B 131 74.59 13.99 1.03
N VAL B 132 75.72 14.16 1.72
CA VAL B 132 75.84 15.05 2.86
C VAL B 132 76.86 16.12 2.54
N PHE B 133 76.50 17.38 2.77
CA PHE B 133 77.38 18.51 2.50
C PHE B 133 77.61 19.32 3.76
N PRO B 134 78.84 19.80 3.99
CA PRO B 134 79.11 20.59 5.21
C PRO B 134 78.46 21.96 5.16
N LEU B 135 78.21 22.51 6.34
CA LEU B 135 77.65 23.85 6.48
C LEU B 135 78.34 24.52 7.66
N ALA B 136 78.95 25.68 7.42
CA ALA B 136 79.69 26.41 8.43
C ALA B 136 79.25 27.86 8.45
N PRO B 137 79.26 28.51 9.62
CA PRO B 137 78.87 29.92 9.69
C PRO B 137 79.96 30.82 9.13
N SER B 138 79.53 32.02 8.75
CA SER B 138 80.42 33.03 8.20
C SER B 138 80.87 34.00 9.31
N SER B 139 81.71 34.96 8.92
CA SER B 139 82.19 35.95 9.87
C SER B 139 81.05 36.86 10.36
N LYS B 140 80.15 37.25 9.45
CA LYS B 140 79.03 38.09 9.84
C LYS B 140 78.04 37.37 10.73
N SER B 141 77.86 36.06 10.53
CA SER B 141 76.92 35.30 11.34
C SER B 141 77.42 35.06 12.76
N THR B 142 78.72 35.19 13.00
CA THR B 142 79.31 35.00 14.33
C THR B 142 79.58 36.38 14.92
N SER B 143 78.56 36.94 15.57
CA SER B 143 78.67 38.25 16.21
C SER B 143 78.85 38.17 17.72
N GLY B 144 78.39 37.09 18.35
CA GLY B 144 78.53 36.93 19.78
C GLY B 144 79.46 35.80 20.16
N GLY B 145 79.19 35.15 21.28
CA GLY B 145 79.98 34.04 21.76
C GLY B 145 79.54 32.67 21.30
N THR B 146 78.58 32.59 20.38
CA THR B 146 78.07 31.32 19.88
C THR B 146 77.95 31.37 18.36
N ALA B 147 78.01 30.19 17.75
CA ALA B 147 77.89 30.05 16.31
C ALA B 147 76.98 28.88 15.99
N ALA B 148 76.37 28.93 14.80
CA ALA B 148 75.46 27.89 14.33
C ALA B 148 76.14 27.12 13.21
N LEU B 149 76.26 25.80 13.39
CA LEU B 149 76.91 24.94 12.41
C LEU B 149 76.21 23.59 12.41
N GLY B 150 76.15 22.97 11.23
CA GLY B 150 75.49 21.69 11.12
C GLY B 150 75.80 21.02 9.80
N CYS B 151 75.12 19.90 9.56
CA CYS B 151 75.28 19.12 8.35
C CYS B 151 73.92 18.94 7.67
N LEU B 152 73.92 19.03 6.35
CA LEU B 152 72.71 18.89 5.55
C LEU B 152 72.80 17.63 4.70
N VAL B 153 71.74 16.82 4.71
CA VAL B 153 71.67 15.58 3.97
C VAL B 153 70.70 15.77 2.81
N LYS B 154 71.12 15.37 1.61
CA LYS B 154 70.33 15.54 0.40
C LYS B 154 70.04 14.18 -0.24
N ASP B 155 68.91 14.13 -0.95
CA ASP B 155 68.39 12.96 -1.67
C ASP B 155 68.54 11.67 -0.86
N TYR B 156 67.90 11.65 0.30
CA TYR B 156 67.87 10.49 1.17
C TYR B 156 66.46 9.92 1.22
N PHE B 157 66.37 8.59 1.32
CA PHE B 157 65.10 7.90 1.30
C PHE B 157 65.27 6.62 2.11
N PRO B 158 64.35 6.30 3.04
CA PRO B 158 63.12 7.04 3.38
C PRO B 158 63.32 8.09 4.47
N GLU B 159 62.21 8.53 5.06
CA GLU B 159 62.26 9.53 6.14
C GLU B 159 62.99 9.07 7.39
N PRO B 160 62.73 7.86 7.98
CA PRO B 160 63.38 7.54 9.26
C PRO B 160 64.88 7.29 9.14
N VAL B 161 65.65 8.35 8.98
CA VAL B 161 67.11 8.29 8.97
C VAL B 161 67.59 9.23 10.07
N THR B 162 67.99 8.67 11.21
CA THR B 162 68.41 9.48 12.34
C THR B 162 69.80 10.07 12.10
N VAL B 163 70.07 11.19 12.76
CA VAL B 163 71.35 11.89 12.68
C VAL B 163 71.94 11.96 14.08
N SER B 164 73.18 11.50 14.22
CA SER B 164 73.87 11.49 15.50
C SER B 164 75.06 12.45 15.45
N TRP B 165 75.25 13.20 16.53
CA TRP B 165 76.34 14.16 16.65
C TRP B 165 77.45 13.54 17.48
N ASN B 166 78.63 13.36 16.86
CA ASN B 166 79.82 12.78 17.49
C ASN B 166 79.52 11.41 18.09
N SER B 167 78.75 10.60 17.36
CA SER B 167 78.32 9.26 17.80
C SER B 167 77.60 9.31 19.14
N GLY B 168 76.73 10.31 19.31
CA GLY B 168 75.96 10.44 20.52
C GLY B 168 76.65 11.15 21.67
N ALA B 169 77.85 11.70 21.44
CA ALA B 169 78.56 12.41 22.50
C ALA B 169 77.97 13.78 22.79
N LEU B 170 77.14 14.31 21.90
CA LEU B 170 76.53 15.62 22.07
C LEU B 170 75.03 15.45 22.29
N THR B 171 74.52 15.99 23.38
CA THR B 171 73.11 15.89 23.72
C THR B 171 72.44 17.23 24.01
N SER B 172 73.19 18.31 24.13
CA SER B 172 72.65 19.63 24.44
C SER B 172 72.75 20.52 23.21
N GLY B 173 71.66 21.20 22.88
CA GLY B 173 71.63 22.10 21.74
C GLY B 173 71.36 21.44 20.40
N VAL B 174 71.13 20.13 20.37
CA VAL B 174 70.85 19.43 19.12
C VAL B 174 69.37 19.54 18.81
N HIS B 175 69.04 19.46 17.52
CA HIS B 175 67.67 19.56 17.06
C HIS B 175 67.48 18.69 15.83
N THR B 176 66.24 18.27 15.60
CA THR B 176 65.87 17.47 14.44
C THR B 176 64.81 18.21 13.64
N PHE B 177 65.05 18.35 12.33
CA PHE B 177 64.13 19.06 11.45
C PHE B 177 63.48 18.06 10.49
N PRO B 178 62.16 17.89 10.53
CA PRO B 178 61.51 16.99 9.56
C PRO B 178 61.61 17.52 8.14
N ALA B 179 61.62 16.60 7.19
CA ALA B 179 61.73 16.95 5.78
C ALA B 179 60.39 17.42 5.25
N VAL B 180 60.31 17.65 3.93
CA VAL B 180 59.12 18.17 3.30
C VAL B 180 58.98 17.53 1.91
N LEU B 181 57.75 17.33 1.48
CA LEU B 181 57.49 16.80 0.15
C LEU B 181 57.91 17.80 -0.92
N GLN B 182 58.54 17.30 -1.97
CA GLN B 182 59.02 18.12 -3.08
C GLN B 182 58.25 17.77 -4.35
N SER B 183 58.60 18.45 -5.44
CA SER B 183 57.95 18.20 -6.72
C SER B 183 58.32 16.83 -7.28
N SER B 184 59.55 16.37 -7.04
CA SER B 184 60.01 15.07 -7.52
C SER B 184 59.89 13.99 -6.46
N GLY B 185 59.24 14.28 -5.33
CA GLY B 185 59.12 13.31 -4.27
C GLY B 185 60.38 13.09 -3.46
N LEU B 186 61.32 14.04 -3.49
CA LEU B 186 62.57 13.93 -2.75
C LEU B 186 62.41 14.48 -1.34
N TYR B 187 63.19 13.93 -0.42
CA TYR B 187 63.17 14.33 0.98
C TYR B 187 64.50 14.99 1.34
N SER B 188 64.42 16.03 2.19
CA SER B 188 65.61 16.77 2.59
C SER B 188 65.41 17.32 3.99
N LEU B 189 66.23 16.88 4.93
CA LEU B 189 66.19 17.35 6.30
C LEU B 189 67.42 18.18 6.62
N SER B 190 67.38 18.86 7.76
CA SER B 190 68.45 19.74 8.21
C SER B 190 68.71 19.54 9.69
N SER B 191 69.88 19.99 10.14
CA SER B 191 70.24 19.89 11.55
C SER B 191 71.28 20.97 11.85
N VAL B 192 71.01 21.77 12.88
CA VAL B 192 71.89 22.84 13.30
C VAL B 192 72.03 22.82 14.81
N VAL B 193 73.25 23.07 15.31
CA VAL B 193 73.53 23.13 16.73
C VAL B 193 74.20 24.44 17.05
N THR B 194 74.14 24.83 18.33
CA THR B 194 74.75 26.05 18.82
C THR B 194 75.97 25.69 19.66
N VAL B 195 77.12 26.22 19.28
CA VAL B 195 78.38 25.90 19.97
C VAL B 195 79.17 27.18 20.19
N PRO B 196 79.94 27.23 21.28
CA PRO B 196 80.78 28.41 21.52
C PRO B 196 81.89 28.53 20.50
N SER B 197 82.30 29.79 20.25
CA SER B 197 83.33 30.06 19.25
C SER B 197 84.73 29.68 19.74
N SER B 198 84.92 29.52 21.04
CA SER B 198 86.24 29.15 21.55
C SER B 198 86.61 27.71 21.27
N SER B 199 85.63 26.85 20.98
CA SER B 199 85.87 25.45 20.68
C SER B 199 86.02 25.20 19.18
N LEU B 200 85.98 26.24 18.35
CA LEU B 200 86.08 26.06 16.91
C LEU B 200 87.51 25.79 16.45
N GLY B 201 88.51 26.11 17.27
CA GLY B 201 89.89 25.96 16.88
C GLY B 201 90.65 24.88 17.61
N THR B 202 89.98 24.14 18.50
CA THR B 202 90.63 23.11 19.28
C THR B 202 89.99 21.73 19.14
N GLN B 203 88.68 21.65 18.90
CA GLN B 203 87.99 20.38 18.74
C GLN B 203 87.07 20.48 17.53
N THR B 204 86.89 19.35 16.83
CA THR B 204 86.22 19.34 15.54
C THR B 204 84.80 18.80 15.66
N TYR B 205 84.00 19.06 14.63
CA TYR B 205 82.62 18.60 14.55
C TYR B 205 82.47 17.67 13.35
N ILE B 206 81.89 16.49 13.58
CA ILE B 206 81.61 15.53 12.52
C ILE B 206 80.18 15.04 12.69
N CYS B 207 79.59 14.61 11.58
CA CYS B 207 78.23 14.09 11.56
C CYS B 207 78.27 12.62 11.12
N ASN B 208 77.58 11.78 11.89
CA ASN B 208 77.49 10.35 11.60
C ASN B 208 76.06 10.02 11.18
N VAL B 209 75.90 9.52 9.97
CA VAL B 209 74.60 9.19 9.41
C VAL B 209 74.56 7.68 9.14
N ASN B 210 73.56 7.01 9.71
CA ASN B 210 73.38 5.58 9.52
C ASN B 210 72.12 5.34 8.69
N HIS B 211 72.26 4.52 7.65
CA HIS B 211 71.16 4.22 6.73
C HIS B 211 70.96 2.71 6.73
N LYS B 212 69.99 2.23 7.50
CA LYS B 212 69.72 0.80 7.58
C LYS B 212 69.27 0.18 6.26
N PRO B 213 68.31 0.73 5.51
CA PRO B 213 67.95 0.08 4.23
C PRO B 213 69.03 0.22 3.16
N SER B 214 69.80 1.32 3.16
CA SER B 214 70.81 1.55 2.13
C SER B 214 72.14 0.87 2.44
N ASN B 215 72.32 0.36 3.66
CA ASN B 215 73.54 -0.33 4.09
C ASN B 215 74.79 0.54 3.89
N THR B 216 74.68 1.82 4.22
CA THR B 216 75.79 2.75 4.09
C THR B 216 75.91 3.59 5.35
N LYS B 217 77.14 4.03 5.63
CA LYS B 217 77.43 4.88 6.78
C LYS B 217 78.69 5.66 6.46
N VAL B 218 78.53 6.94 6.10
CA VAL B 218 79.63 7.78 5.68
C VAL B 218 79.99 8.73 6.83
N ASP B 219 81.23 9.21 6.80
CA ASP B 219 81.73 10.16 7.77
C ASP B 219 82.31 11.37 7.03
N LYS B 220 81.93 12.56 7.46
CA LYS B 220 82.33 13.79 6.80
C LYS B 220 82.86 14.78 7.84
N LYS B 221 83.84 15.58 7.43
CA LYS B 221 84.48 16.56 8.29
C LYS B 221 83.96 17.96 7.95
N VAL B 222 83.61 18.72 8.98
CA VAL B 222 83.12 20.08 8.83
C VAL B 222 84.16 21.05 9.38
N GLU B 223 84.53 22.04 8.59
CA GLU B 223 85.52 23.02 8.98
C GLU B 223 84.98 24.43 8.75
N PRO B 224 85.44 25.41 9.54
CA PRO B 224 85.00 26.79 9.32
C PRO B 224 85.55 27.36 8.02
N LYS B 225 84.81 28.30 7.45
CA LYS B 225 85.23 28.93 6.21
C LYS B 225 86.44 29.83 6.44
N SER B 226 87.37 29.79 5.49
CA SER B 226 88.58 30.59 5.58
C SER B 226 88.40 32.00 5.04
N CYS B 227 87.57 32.18 4.01
CA CYS B 227 87.37 33.50 3.43
C CYS B 227 86.60 34.41 4.38
N ASP B 228 85.59 33.88 5.07
CA ASP B 228 84.81 34.67 6.00
C ASP B 228 84.51 33.90 7.28
N SER C 2 31.97 7.78 6.43
CA SER C 2 31.18 8.36 5.36
C SER C 2 30.45 9.61 5.82
N VAL C 3 29.12 9.55 5.86
CA VAL C 3 28.30 10.70 6.26
C VAL C 3 28.16 10.62 7.77
N LEU C 4 29.19 11.09 8.47
CA LEU C 4 29.22 11.18 9.92
C LEU C 4 29.87 12.49 10.33
N THR C 5 29.41 13.59 9.70
CA THR C 5 30.09 14.87 9.78
C THR C 5 30.17 15.39 11.21
N GLN C 6 31.34 15.92 11.56
CA GLN C 6 31.65 16.49 12.86
C GLN C 6 32.30 17.84 12.64
N PRO C 7 32.28 18.73 13.63
CA PRO C 7 33.03 20.00 13.51
C PRO C 7 34.51 19.75 13.30
N PRO C 8 35.15 20.53 12.44
CA PRO C 8 36.57 20.30 12.14
C PRO C 8 37.49 20.46 13.33
N SER C 9 37.19 21.39 14.23
CA SER C 9 38.01 21.61 15.41
C SER C 9 37.16 22.21 16.51
N VAL C 10 37.61 22.02 17.75
CA VAL C 10 36.95 22.56 18.93
C VAL C 10 37.98 23.22 19.83
N SER C 11 37.52 24.12 20.68
CA SER C 11 38.36 24.82 21.63
C SER C 11 37.78 24.66 23.03
N GLY C 12 38.66 24.68 24.03
CA GLY C 12 38.23 24.48 25.39
C GLY C 12 39.22 25.05 26.38
N ALA C 13 38.87 24.92 27.65
CA ALA C 13 39.66 25.40 28.78
C ALA C 13 39.84 24.28 29.79
N PRO C 14 40.91 24.33 30.59
CA PRO C 14 41.11 23.26 31.59
C PRO C 14 39.98 23.14 32.62
N GLY C 15 39.36 24.24 33.00
CA GLY C 15 38.31 24.23 34.00
C GLY C 15 36.89 24.34 33.48
N GLN C 16 36.69 24.28 32.16
CA GLN C 16 35.37 24.43 31.57
C GLN C 16 34.98 23.17 30.79
N ARG C 17 33.69 22.88 30.80
CA ARG C 17 33.16 21.71 30.11
C ARG C 17 33.09 21.94 28.60
N VAL C 18 33.40 20.90 27.84
CA VAL C 18 33.38 20.95 26.38
C VAL C 18 32.44 19.86 25.88
N THR C 19 31.51 20.23 25.01
CA THR C 19 30.52 19.31 24.45
C THR C 19 30.83 19.10 22.97
N ILE C 20 30.94 17.83 22.57
CA ILE C 20 31.24 17.44 21.20
C ILE C 20 30.00 16.79 20.61
N SER C 21 29.55 17.28 19.47
CA SER C 21 28.34 16.80 18.80
C SER C 21 28.72 16.02 17.56
N CYS C 22 28.15 14.81 17.42
CA CYS C 22 28.34 13.96 16.25
C CYS C 22 26.97 13.65 15.67
N THR C 23 26.68 14.21 14.49
CA THR C 23 25.40 14.03 13.83
C THR C 23 25.59 13.30 12.50
N GLY C 24 24.78 12.25 12.29
CA GLY C 24 24.82 11.49 11.05
C GLY C 24 23.56 11.62 10.22
N SER C 25 22.82 10.53 10.07
CA SER C 25 21.63 10.50 9.24
C SER C 25 20.63 9.53 9.86
N SER C 26 19.57 9.21 9.09
CA SER C 26 18.53 8.32 9.56
C SER C 26 18.83 6.85 9.30
N SER C 27 19.89 6.54 8.56
CA SER C 27 20.26 5.15 8.31
C SER C 27 21.31 4.63 9.27
N ASN C 28 22.09 5.52 9.90
CA ASN C 28 23.13 5.12 10.83
C ASN C 28 22.85 5.56 12.27
N ILE C 29 22.49 6.82 12.48
CA ILE C 29 22.25 7.34 13.82
C ILE C 29 20.76 7.36 14.15
N GLY C 30 19.91 7.76 13.19
CA GLY C 30 18.49 7.85 13.43
C GLY C 30 17.78 6.51 13.49
N ALA C 31 18.46 5.42 13.13
CA ALA C 31 17.87 4.09 13.12
C ALA C 31 17.90 3.41 14.48
N GLY C 32 18.48 4.05 15.49
CA GLY C 32 18.56 3.49 16.82
C GLY C 32 19.88 2.83 17.16
N TYR C 33 20.84 2.84 16.25
CA TYR C 33 22.13 2.22 16.52
C TYR C 33 22.94 3.05 17.52
N ASP C 34 23.62 2.35 18.42
CA ASP C 34 24.46 3.01 19.41
C ASP C 34 25.72 3.56 18.74
N VAL C 35 26.33 4.55 19.39
CA VAL C 35 27.53 5.20 18.87
C VAL C 35 28.67 4.93 19.84
N HIS C 36 29.85 4.60 19.28
CA HIS C 36 31.05 4.37 20.06
C HIS C 36 32.04 5.50 19.84
N TRP C 37 32.70 5.92 20.90
CA TRP C 37 33.66 7.02 20.86
C TRP C 37 35.07 6.48 21.02
N TYR C 38 36.00 7.01 20.21
CA TYR C 38 37.39 6.60 20.26
C TYR C 38 38.27 7.83 20.43
N GLN C 39 39.33 7.69 21.22
CA GLN C 39 40.30 8.75 21.46
C GLN C 39 41.64 8.35 20.86
N GLN C 40 42.19 9.23 20.01
CA GLN C 40 43.44 8.97 19.30
C GLN C 40 44.45 10.04 19.68
N LEU C 41 45.43 9.68 20.49
CA LEU C 41 46.50 10.60 20.83
C LEU C 41 47.41 10.82 19.62
N PRO C 42 48.07 11.98 19.54
CA PRO C 42 48.97 12.22 18.40
C PRO C 42 50.24 11.39 18.46
N GLY C 43 50.14 10.14 18.04
CA GLY C 43 51.28 9.22 18.08
C GLY C 43 50.93 7.91 18.75
N THR C 44 49.65 7.72 19.05
CA THR C 44 49.16 6.52 19.72
C THR C 44 47.92 6.04 18.99
N ALA C 45 47.82 4.71 18.81
CA ALA C 45 46.67 4.12 18.15
C ALA C 45 45.38 4.40 18.94
N PRO C 46 44.25 4.55 18.25
CA PRO C 46 43.00 4.87 18.96
C PRO C 46 42.56 3.74 19.89
N LYS C 47 41.87 4.13 20.95
CA LYS C 47 41.36 3.19 21.94
C LYS C 47 39.89 3.48 22.22
N LEU C 48 39.19 2.46 22.72
CA LEU C 48 37.78 2.61 23.04
C LEU C 48 37.59 3.54 24.23
N LEU C 49 36.66 4.48 24.11
CA LEU C 49 36.37 5.45 25.16
C LEU C 49 34.99 5.25 25.77
N ILE C 50 33.95 5.24 24.95
CA ILE C 50 32.58 5.05 25.44
C ILE C 50 31.88 4.10 24.48
N TYR C 51 31.27 3.05 25.03
CA TYR C 51 30.50 2.08 24.24
C TYR C 51 29.11 1.92 24.85
N GLY C 52 28.11 1.78 23.99
CA GLY C 52 26.74 1.65 24.44
C GLY C 52 26.09 2.93 24.90
N ASN C 53 26.74 4.09 24.69
CA ASN C 53 26.26 5.43 24.98
C ASN C 53 26.13 5.70 26.49
N SER C 54 26.36 4.69 27.31
CA SER C 54 26.30 4.86 28.77
C SER C 54 27.42 4.17 29.53
N ASN C 55 28.08 3.17 28.97
CA ASN C 55 29.08 2.40 29.70
C ASN C 55 30.48 2.94 29.43
N ARG C 56 31.41 2.56 30.31
CA ARG C 56 32.81 2.95 30.21
C ARG C 56 33.67 1.73 30.50
N PRO C 57 34.69 1.46 29.70
CA PRO C 57 35.56 0.31 29.93
C PRO C 57 36.52 0.58 31.08
N SER C 58 37.43 -0.38 31.30
CA SER C 58 38.42 -0.25 32.35
C SER C 58 39.56 0.65 31.90
N GLY C 59 40.08 1.44 32.83
CA GLY C 59 41.22 2.31 32.58
C GLY C 59 40.89 3.70 32.09
N VAL C 60 39.62 4.01 31.87
CA VAL C 60 39.23 5.34 31.40
C VAL C 60 38.80 6.17 32.61
N PRO C 61 39.17 7.45 32.68
CA PRO C 61 38.67 8.30 33.77
C PRO C 61 37.17 8.52 33.68
N ASP C 62 36.57 8.77 34.83
CA ASP C 62 35.12 8.99 34.92
C ASP C 62 34.70 10.36 34.40
N ARG C 63 35.65 11.24 34.08
CA ARG C 63 35.32 12.57 33.58
C ARG C 63 34.63 12.49 32.21
N PHE C 64 34.99 11.51 31.39
CA PHE C 64 34.39 11.38 30.07
C PHE C 64 32.97 10.84 30.18
N SER C 65 32.01 11.58 29.65
CA SER C 65 30.61 11.19 29.67
C SER C 65 30.01 11.37 28.28
N GLY C 66 29.05 10.51 27.94
CA GLY C 66 28.42 10.56 26.64
C GLY C 66 26.94 10.27 26.74
N SER C 67 26.20 10.75 25.75
CA SER C 67 24.77 10.54 25.67
C SER C 67 24.33 10.61 24.22
N LYS C 68 23.31 9.81 23.88
CA LYS C 68 22.78 9.75 22.52
C LYS C 68 21.27 9.94 22.58
N SER C 69 20.76 10.86 21.77
CA SER C 69 19.32 11.13 21.71
C SER C 69 18.97 11.65 20.33
N GLY C 70 17.87 11.15 19.78
CA GLY C 70 17.46 11.58 18.45
C GLY C 70 18.41 11.07 17.39
N THR C 71 18.80 11.96 16.48
CA THR C 71 19.73 11.62 15.41
C THR C 71 21.10 12.25 15.61
N SER C 72 21.44 12.60 16.84
CA SER C 72 22.73 13.21 17.15
C SER C 72 23.29 12.58 18.41
N ALA C 73 24.61 12.67 18.54
CA ALA C 73 25.33 12.14 19.70
C ALA C 73 26.06 13.28 20.41
N SER C 74 26.16 13.16 21.73
CA SER C 74 26.80 14.18 22.56
C SER C 74 27.85 13.53 23.46
N LEU C 75 28.99 14.20 23.59
CA LEU C 75 30.08 13.74 24.45
C LEU C 75 30.46 14.89 25.38
N ALA C 76 30.49 14.62 26.69
CA ALA C 76 30.77 15.63 27.70
C ALA C 76 32.06 15.26 28.43
N ILE C 77 32.98 16.22 28.48
CA ILE C 77 34.24 16.06 29.21
C ILE C 77 34.31 17.16 30.26
N THR C 78 34.54 16.76 31.52
CA THR C 78 34.59 17.74 32.61
C THR C 78 35.97 18.39 32.70
N GLY C 79 37.01 17.60 32.89
CA GLY C 79 38.37 18.10 33.00
C GLY C 79 39.10 18.02 31.67
N LEU C 80 39.95 19.02 31.41
CA LEU C 80 40.73 19.12 30.18
C LEU C 80 42.18 19.36 30.57
N GLN C 81 42.93 18.28 30.77
CA GLN C 81 44.34 18.39 31.14
C GLN C 81 45.19 18.62 29.90
N ALA C 82 46.51 18.66 30.10
CA ALA C 82 47.43 18.86 28.99
C ALA C 82 47.52 17.63 28.09
N GLU C 83 47.16 16.45 28.60
CA GLU C 83 47.16 15.22 27.82
C GLU C 83 45.86 15.00 27.06
N ASP C 84 44.88 15.91 27.20
CA ASP C 84 43.58 15.75 26.58
C ASP C 84 43.58 16.12 25.09
N GLU C 85 44.69 16.63 24.56
CA GLU C 85 44.78 16.97 23.14
C GLU C 85 44.80 15.69 22.33
N ALA C 86 43.65 15.31 21.77
CA ALA C 86 43.55 14.07 21.01
C ALA C 86 42.40 14.19 20.02
N ASP C 87 42.41 13.31 19.03
CA ASP C 87 41.36 13.26 18.01
C ASP C 87 40.25 12.34 18.47
N TYR C 88 39.02 12.85 18.45
CA TYR C 88 37.85 12.10 18.90
C TYR C 88 36.99 11.72 17.70
N TYR C 89 36.63 10.44 17.61
CA TYR C 89 35.84 9.92 16.51
C TYR C 89 34.60 9.23 17.06
N CYS C 90 33.51 9.32 16.30
CA CYS C 90 32.27 8.63 16.62
C CYS C 90 32.01 7.55 15.57
N GLN C 91 31.72 6.34 16.03
CA GLN C 91 31.55 5.19 15.15
C GLN C 91 30.24 4.48 15.47
N SER C 92 29.48 4.17 14.41
CA SER C 92 28.22 3.45 14.54
C SER C 92 28.09 2.48 13.38
N TYR C 93 26.95 1.80 13.31
CA TYR C 93 26.67 0.85 12.25
C TYR C 93 25.79 1.51 11.19
N ASP C 94 26.16 1.35 9.92
CA ASP C 94 25.45 1.93 8.81
C ASP C 94 24.72 0.83 8.05
N SER C 95 23.40 0.97 7.90
CA SER C 95 22.62 -0.03 7.20
C SER C 95 22.82 0.06 5.70
N SER C 96 22.92 1.29 5.16
CA SER C 96 23.09 1.46 3.73
C SER C 96 24.45 0.96 3.25
N LEU C 97 25.49 1.21 4.04
CA LEU C 97 26.84 0.79 3.67
C LEU C 97 27.15 -0.65 4.05
N SER C 98 26.26 -1.29 4.84
CA SER C 98 26.44 -2.68 5.29
C SER C 98 27.76 -2.87 6.03
N GLY C 99 28.13 -1.88 6.84
CA GLY C 99 29.39 -1.94 7.57
C GLY C 99 29.49 -0.78 8.53
N SER C 100 30.56 -0.80 9.32
CA SER C 100 30.80 0.25 10.29
C SER C 100 31.15 1.56 9.60
N VAL C 101 30.69 2.67 10.17
CA VAL C 101 30.95 4.00 9.65
C VAL C 101 31.65 4.82 10.74
N PHE C 102 32.66 5.58 10.35
CA PHE C 102 33.47 6.36 11.28
C PHE C 102 33.25 7.85 11.06
N GLY C 103 33.44 8.62 12.12
CA GLY C 103 33.27 10.06 12.05
C GLY C 103 34.46 10.77 11.42
N GLY C 104 34.24 12.04 11.09
CA GLY C 104 35.30 12.85 10.49
C GLY C 104 36.39 13.25 11.46
N GLY C 105 36.11 13.28 12.75
CA GLY C 105 37.11 13.62 13.75
C GLY C 105 37.07 15.08 14.15
N THR C 106 37.23 15.34 15.45
CA THR C 106 37.24 16.69 16.00
C THR C 106 38.62 16.95 16.61
N LYS C 107 39.20 18.10 16.28
CA LYS C 107 40.51 18.49 16.79
C LYS C 107 40.33 19.34 18.05
N LEU C 108 40.80 18.82 19.18
CA LEU C 108 40.73 19.51 20.46
C LEU C 108 42.14 19.92 20.87
N THR C 109 42.41 21.22 20.85
CA THR C 109 43.72 21.76 21.20
C THR C 109 43.54 22.81 22.30
N VAL C 110 44.21 22.61 23.42
CA VAL C 110 44.18 23.54 24.55
C VAL C 110 45.64 23.83 24.90
N LEU C 111 46.15 24.98 24.44
CA LEU C 111 47.53 25.34 24.70
C LEU C 111 47.65 26.85 24.74
N GLY C 112 48.73 27.32 25.38
CA GLY C 112 49.00 28.75 25.47
C GLY C 112 50.40 29.02 25.99
N GLN C 113 51.14 29.89 25.31
CA GLN C 113 52.53 30.17 25.65
C GLN C 113 52.85 31.61 25.24
N PRO C 114 53.81 32.26 25.91
CA PRO C 114 54.12 33.66 25.58
C PRO C 114 54.92 33.81 24.29
N LYS C 115 54.21 33.90 23.16
CA LYS C 115 54.85 34.04 21.86
C LYS C 115 55.65 35.34 21.77
N ALA C 116 56.75 35.28 21.02
CA ALA C 116 57.63 36.44 20.84
C ALA C 116 57.96 36.65 19.37
N ALA C 117 58.88 37.56 19.08
CA ALA C 117 59.24 37.86 17.70
C ALA C 117 60.06 36.71 17.11
N PRO C 118 59.84 36.36 15.85
CA PRO C 118 60.64 35.30 15.22
C PRO C 118 62.07 35.74 14.96
N SER C 119 62.97 34.76 14.92
CA SER C 119 64.37 34.97 14.60
C SER C 119 64.74 34.07 13.43
N VAL C 120 65.36 34.65 12.40
CA VAL C 120 65.69 33.92 11.19
C VAL C 120 67.17 34.05 10.92
N THR C 121 67.74 33.02 10.29
CA THR C 121 69.14 32.98 9.88
C THR C 121 69.22 32.49 8.44
N LEU C 122 70.08 33.14 7.66
CA LEU C 122 70.28 32.79 6.26
C LEU C 122 71.66 32.17 6.09
N PHE C 123 71.70 30.94 5.59
CA PHE C 123 72.96 30.23 5.38
C PHE C 123 73.19 30.03 3.88
N PRO C 124 74.13 30.74 3.27
CA PRO C 124 74.39 30.55 1.85
C PRO C 124 75.04 29.19 1.60
N PRO C 125 74.85 28.62 0.42
CA PRO C 125 75.52 27.34 0.11
C PRO C 125 77.03 27.50 0.06
N SER C 126 77.73 26.42 0.40
CA SER C 126 79.18 26.43 0.46
C SER C 126 79.78 26.24 -0.93
N SER C 127 81.11 26.21 -0.99
CA SER C 127 81.80 26.09 -2.26
C SER C 127 81.67 24.70 -2.86
N GLU C 128 81.64 23.65 -2.03
CA GLU C 128 81.57 22.29 -2.53
C GLU C 128 80.21 21.93 -3.10
N GLU C 129 79.19 22.75 -2.87
CA GLU C 129 77.86 22.50 -3.43
C GLU C 129 77.72 22.98 -4.87
N LEU C 130 78.69 23.75 -5.37
CA LEU C 130 78.61 24.28 -6.72
C LEU C 130 78.90 23.22 -7.78
N GLN C 131 79.69 22.21 -7.45
CA GLN C 131 80.04 21.17 -8.40
C GLN C 131 79.01 20.05 -8.48
N ALA C 132 77.94 20.12 -7.69
CA ALA C 132 76.89 19.12 -7.71
C ALA C 132 75.78 19.46 -8.72
N ASN C 133 75.96 20.52 -9.50
CA ASN C 133 74.98 20.96 -10.51
C ASN C 133 73.62 21.25 -9.87
N LYS C 134 73.64 21.80 -8.65
CA LYS C 134 72.42 22.18 -7.95
C LYS C 134 72.76 23.26 -6.95
N ALA C 135 71.73 24.02 -6.56
CA ALA C 135 71.87 25.08 -5.58
C ALA C 135 70.74 24.95 -4.56
N THR C 136 71.12 24.77 -3.29
CA THR C 136 70.16 24.59 -2.21
C THR C 136 70.25 25.80 -1.29
N LEU C 137 69.33 26.74 -1.46
CA LEU C 137 69.27 27.94 -0.63
C LEU C 137 68.36 27.66 0.56
N VAL C 138 68.95 27.51 1.74
CA VAL C 138 68.20 27.20 2.95
C VAL C 138 67.85 28.49 3.67
N CYS C 139 66.84 28.41 4.53
CA CYS C 139 66.39 29.56 5.33
C CYS C 139 65.94 28.99 6.69
N LEU C 140 66.85 29.00 7.65
CA LEU C 140 66.57 28.42 8.97
C LEU C 140 65.81 29.42 9.83
N ILE C 141 64.69 28.96 10.40
CA ILE C 141 63.85 29.78 11.25
C ILE C 141 63.71 29.09 12.61
N SER C 142 63.81 29.87 13.68
CA SER C 142 63.76 29.34 15.03
C SER C 142 63.19 30.40 15.96
N ASP C 143 62.80 29.95 17.16
CA ASP C 143 62.17 30.79 18.18
C ASP C 143 60.93 31.50 17.62
N PHE C 144 60.14 30.74 16.86
CA PHE C 144 58.97 31.26 16.18
C PHE C 144 57.80 30.32 16.42
N TYR C 145 56.65 30.66 15.83
CA TYR C 145 55.44 29.86 16.03
C TYR C 145 54.94 29.31 14.70
N PRO C 146 54.39 28.09 14.70
CA PRO C 146 53.88 27.51 13.44
C PRO C 146 52.58 28.13 12.97
N GLY C 147 51.94 29.00 13.75
CA GLY C 147 50.68 29.58 13.34
C GLY C 147 50.79 30.50 12.14
N ALA C 148 51.82 31.34 12.11
CA ALA C 148 52.03 32.30 11.02
C ALA C 148 53.43 32.09 10.45
N VAL C 149 53.52 31.27 9.41
CA VAL C 149 54.77 30.98 8.72
C VAL C 149 54.62 31.42 7.27
N THR C 150 55.37 32.44 6.88
CA THR C 150 55.42 32.91 5.50
C THR C 150 56.85 32.80 4.99
N VAL C 151 57.02 32.14 3.85
CA VAL C 151 58.33 31.95 3.23
C VAL C 151 58.26 32.60 1.85
N ALA C 152 58.85 33.78 1.72
CA ALA C 152 58.89 34.50 0.46
C ALA C 152 60.35 34.70 0.04
N TRP C 153 60.65 34.39 -1.22
CA TRP C 153 61.99 34.51 -1.76
C TRP C 153 62.02 35.61 -2.80
N LYS C 154 62.94 36.56 -2.63
CA LYS C 154 63.14 37.64 -3.59
C LYS C 154 64.62 37.79 -3.90
N ALA C 155 64.92 38.26 -5.11
CA ALA C 155 66.28 38.47 -5.56
C ALA C 155 66.54 39.94 -5.90
N ASP C 156 65.88 40.84 -5.16
CA ASP C 156 65.98 42.29 -5.23
C ASP C 156 65.45 42.87 -6.54
N SER C 157 64.94 42.04 -7.46
CA SER C 157 64.35 42.52 -8.70
C SER C 157 63.02 41.87 -9.04
N SER C 158 62.74 40.66 -8.55
CA SER C 158 61.50 39.96 -8.84
C SER C 158 61.30 38.86 -7.83
N PRO C 159 60.09 38.64 -7.34
CA PRO C 159 59.85 37.54 -6.40
C PRO C 159 60.04 36.19 -7.07
N VAL C 160 60.44 35.20 -6.27
CA VAL C 160 60.68 33.84 -6.75
C VAL C 160 59.46 33.00 -6.41
N LYS C 161 58.88 32.36 -7.43
CA LYS C 161 57.70 31.52 -7.28
C LYS C 161 57.99 30.06 -7.62
N ALA C 162 59.26 29.67 -7.68
CA ALA C 162 59.66 28.31 -8.00
C ALA C 162 60.58 27.78 -6.91
N GLY C 163 60.35 26.52 -6.52
CA GLY C 163 61.15 25.90 -5.49
C GLY C 163 60.81 26.31 -4.07
N VAL C 164 59.71 27.02 -3.86
CA VAL C 164 59.30 27.45 -2.53
C VAL C 164 58.40 26.38 -1.92
N GLU C 165 58.53 26.21 -0.60
CA GLU C 165 57.77 25.21 0.12
C GLU C 165 57.63 25.62 1.58
N THR C 166 56.71 24.96 2.27
CA THR C 166 56.48 25.19 3.69
C THR C 166 56.61 23.86 4.43
N THR C 167 57.39 23.85 5.50
CA THR C 167 57.64 22.65 6.28
C THR C 167 57.03 22.80 7.67
N THR C 168 56.38 21.73 8.13
CA THR C 168 55.77 21.76 9.46
C THR C 168 56.86 21.71 10.53
N PRO C 169 56.87 22.67 11.47
CA PRO C 169 57.90 22.66 12.50
C PRO C 169 57.70 21.54 13.51
N SER C 170 58.78 21.23 14.23
CA SER C 170 58.77 20.17 15.23
C SER C 170 59.04 20.76 16.61
N LYS C 171 58.47 20.12 17.62
CA LYS C 171 58.61 20.61 19.00
C LYS C 171 60.03 20.40 19.50
N GLN C 172 60.58 21.44 20.12
CA GLN C 172 61.92 21.38 20.71
C GLN C 172 61.82 20.84 22.13
N SER C 173 62.93 20.94 22.87
CA SER C 173 62.96 20.50 24.26
C SER C 173 62.59 21.61 25.25
N ASN C 174 62.32 22.82 24.76
CA ASN C 174 61.99 23.96 25.61
C ASN C 174 60.70 24.62 25.15
N ASN C 175 59.72 23.80 24.76
CA ASN C 175 58.39 24.27 24.35
C ASN C 175 58.46 25.27 23.19
N LYS C 176 59.24 24.92 22.17
CA LYS C 176 59.44 25.79 21.02
C LYS C 176 59.36 24.95 19.75
N TYR C 177 59.03 25.61 18.65
CA TYR C 177 58.94 24.98 17.34
C TYR C 177 59.99 25.56 16.40
N ALA C 178 60.66 24.68 15.66
CA ALA C 178 61.70 25.08 14.70
C ALA C 178 61.46 24.38 13.38
N ALA C 179 61.74 25.09 12.28
CA ALA C 179 61.55 24.55 10.95
C ALA C 179 62.60 25.14 10.03
N SER C 180 62.52 24.78 8.75
CA SER C 180 63.43 25.29 7.73
C SER C 180 62.76 25.17 6.37
N SER C 181 63.27 25.95 5.41
CA SER C 181 62.76 25.95 4.05
C SER C 181 63.92 25.82 3.08
N TYR C 182 63.71 25.05 2.02
CA TYR C 182 64.73 24.79 1.01
C TYR C 182 64.30 25.35 -0.33
N LEU C 183 65.24 25.96 -1.04
CA LEU C 183 65.01 26.51 -2.36
C LEU C 183 65.91 25.80 -3.37
N SER C 184 65.33 25.39 -4.49
CA SER C 184 66.06 24.66 -5.53
C SER C 184 66.41 25.62 -6.66
N LEU C 185 67.70 25.72 -6.96
CA LEU C 185 68.18 26.58 -8.03
C LEU C 185 69.33 25.85 -8.74
N THR C 186 70.01 26.57 -9.64
CA THR C 186 71.13 26.04 -10.39
C THR C 186 72.34 26.93 -10.17
N PRO C 187 73.55 26.35 -10.16
CA PRO C 187 74.76 27.18 -10.02
C PRO C 187 75.00 28.12 -11.19
N GLU C 188 74.41 27.87 -12.35
CA GLU C 188 74.59 28.75 -13.50
C GLU C 188 74.00 30.13 -13.25
N GLN C 189 72.81 30.18 -12.66
CA GLN C 189 72.16 31.44 -12.33
C GLN C 189 72.46 31.92 -10.92
N TRP C 190 73.23 31.15 -10.14
CA TRP C 190 73.56 31.55 -8.78
C TRP C 190 74.44 32.79 -8.76
N LYS C 191 75.42 32.87 -9.67
CA LYS C 191 76.31 34.02 -9.75
C LYS C 191 75.78 35.14 -10.63
N SER C 192 74.67 34.90 -11.35
CA SER C 192 74.12 35.94 -12.21
C SER C 192 73.48 37.05 -11.40
N HIS C 193 72.73 36.71 -10.36
CA HIS C 193 72.07 37.70 -9.52
C HIS C 193 73.02 38.20 -8.44
N ARG C 194 72.78 39.43 -7.99
CA ARG C 194 73.66 40.05 -7.02
C ARG C 194 73.53 39.41 -5.65
N SER C 195 72.29 39.22 -5.18
CA SER C 195 72.08 38.70 -3.84
C SER C 195 70.68 38.07 -3.75
N TYR C 196 70.48 37.31 -2.68
CA TYR C 196 69.20 36.69 -2.39
C TYR C 196 68.89 36.88 -0.91
N SER C 197 67.60 36.81 -0.57
CA SER C 197 67.17 37.04 0.80
C SER C 197 65.94 36.19 1.09
N CYS C 198 65.70 35.97 2.38
CA CYS C 198 64.55 35.20 2.87
C CYS C 198 63.73 36.10 3.78
N GLN C 199 62.43 36.17 3.51
CA GLN C 199 61.51 37.03 4.25
C GLN C 199 60.52 36.17 5.04
N VAL C 200 60.41 36.45 6.34
CA VAL C 200 59.47 35.76 7.21
C VAL C 200 58.58 36.80 7.89
N THR C 201 57.27 36.62 7.77
CA THR C 201 56.29 37.51 8.38
C THR C 201 55.51 36.74 9.43
N HIS C 202 55.38 37.32 10.63
CA HIS C 202 54.67 36.70 11.73
C HIS C 202 53.96 37.78 12.52
N GLU C 203 52.62 37.82 12.41
CA GLU C 203 51.76 38.78 13.10
C GLU C 203 52.17 40.23 12.79
N GLY C 204 52.49 40.48 11.52
CA GLY C 204 52.87 41.82 11.10
C GLY C 204 54.34 42.16 11.31
N SER C 205 55.13 41.26 11.87
CA SER C 205 56.54 41.50 12.12
C SER C 205 57.36 40.83 11.01
N THR C 206 58.09 41.63 10.25
CA THR C 206 58.89 41.13 9.13
C THR C 206 60.34 41.52 9.34
N VAL C 207 61.24 40.54 9.23
CA VAL C 207 62.68 40.74 9.40
C VAL C 207 63.36 40.28 8.12
N GLU C 208 64.26 41.12 7.60
CA GLU C 208 64.93 40.87 6.33
C GLU C 208 66.45 40.95 6.53
N LYS C 209 67.16 39.91 6.09
CA LYS C 209 68.62 39.92 6.04
C LYS C 209 69.06 39.48 4.67
N THR C 210 70.06 40.19 4.13
CA THR C 210 70.60 39.92 2.79
C THR C 210 72.04 39.47 2.90
N VAL C 211 72.34 38.32 2.31
CA VAL C 211 73.70 37.80 2.28
C VAL C 211 74.36 38.21 0.98
N ALA C 212 75.70 38.21 0.98
CA ALA C 212 76.47 38.59 -0.20
C ALA C 212 77.26 37.39 -0.70
N PRO C 213 76.82 36.73 -1.77
CA PRO C 213 77.62 35.61 -2.32
C PRO C 213 79.00 36.02 -2.82
N THR C 214 79.13 37.24 -3.33
CA THR C 214 80.42 37.70 -3.84
C THR C 214 80.97 38.84 -2.98
N ASN D 21 3.01 -25.58 -8.10
CA ASN D 21 2.17 -26.78 -8.06
C ASN D 21 1.57 -26.76 -6.63
N PHE D 22 1.07 -25.59 -6.26
CA PHE D 22 0.45 -25.39 -4.96
C PHE D 22 -1.06 -25.50 -5.10
N MET D 23 -1.65 -26.43 -4.34
CA MET D 23 -3.08 -26.67 -4.38
C MET D 23 -3.62 -26.78 -2.96
N LEU D 24 -4.92 -26.57 -2.81
CA LEU D 24 -5.58 -26.58 -1.51
C LEU D 24 -6.48 -27.81 -1.41
N THR D 25 -6.34 -28.56 -0.33
CA THR D 25 -7.10 -29.77 -0.10
C THR D 25 -8.20 -29.50 0.90
N GLN D 26 -9.43 -29.87 0.56
CA GLN D 26 -10.58 -29.65 1.41
C GLN D 26 -11.41 -30.91 1.56
N PRO D 27 -12.07 -31.09 2.70
CA PRO D 27 -13.04 -32.19 2.82
C PRO D 27 -14.22 -31.96 1.91
N HIS D 28 -14.65 -33.02 1.22
CA HIS D 28 -15.70 -32.89 0.23
C HIS D 28 -17.09 -32.75 0.85
N SER D 29 -17.34 -33.41 1.98
CA SER D 29 -18.66 -33.40 2.60
C SER D 29 -18.48 -33.41 4.11
N VAL D 30 -18.89 -32.33 4.77
CA VAL D 30 -18.88 -32.21 6.22
C VAL D 30 -20.31 -31.96 6.70
N SER D 31 -20.75 -32.73 7.68
CA SER D 31 -22.11 -32.64 8.18
C SER D 31 -22.10 -32.51 9.70
N GLU D 32 -22.98 -31.66 10.21
CA GLU D 32 -23.14 -31.46 11.64
C GLU D 32 -24.52 -30.88 11.91
N SER D 33 -25.13 -31.33 13.01
CA SER D 33 -26.47 -30.89 13.35
C SER D 33 -26.48 -29.42 13.76
N PRO D 34 -27.61 -28.72 13.60
CA PRO D 34 -27.64 -27.29 13.90
C PRO D 34 -27.41 -27.01 15.39
N GLY D 35 -26.78 -25.87 15.66
CA GLY D 35 -26.52 -25.42 17.01
C GLY D 35 -25.18 -25.84 17.57
N LYS D 36 -24.50 -26.79 16.94
CA LYS D 36 -23.23 -27.30 17.42
C LYS D 36 -22.08 -26.60 16.71
N THR D 37 -20.86 -27.09 16.94
CA THR D 37 -19.67 -26.53 16.33
C THR D 37 -19.08 -27.50 15.31
N VAL D 38 -18.33 -26.95 14.36
CA VAL D 38 -17.72 -27.74 13.30
C VAL D 38 -16.49 -26.99 12.80
N THR D 39 -15.46 -27.76 12.43
CA THR D 39 -14.20 -27.20 11.92
C THR D 39 -14.00 -27.65 10.48
N ILE D 40 -13.76 -26.69 9.59
CA ILE D 40 -13.53 -26.95 8.17
C ILE D 40 -12.06 -26.68 7.88
N SER D 41 -11.39 -27.67 7.29
CA SER D 41 -9.95 -27.61 7.04
C SER D 41 -9.66 -27.19 5.60
N CYS D 42 -8.45 -26.68 5.39
CA CYS D 42 -7.95 -26.31 4.07
C CYS D 42 -6.44 -26.46 4.09
N THR D 43 -5.95 -27.58 3.56
CA THR D 43 -4.54 -27.94 3.66
C THR D 43 -3.84 -27.72 2.32
N GLY D 44 -2.70 -27.04 2.36
CA GLY D 44 -1.87 -26.83 1.19
C GLY D 44 -0.79 -27.90 1.12
N SER D 45 -0.56 -28.40 -0.10
CA SER D 45 0.37 -29.51 -0.28
C SER D 45 1.82 -29.05 -0.26
N SER D 46 2.21 -28.21 -1.22
CA SER D 46 3.60 -27.79 -1.35
C SER D 46 3.87 -26.47 -0.63
N GLY D 47 3.15 -25.41 -1.02
CA GLY D 47 3.38 -24.11 -0.42
C GLY D 47 2.84 -24.02 1.00
N SER D 48 3.50 -23.21 1.81
CA SER D 48 3.07 -23.02 3.18
C SER D 48 1.81 -22.17 3.25
N ILE D 49 0.91 -22.52 4.17
CA ILE D 49 -0.34 -21.78 4.30
C ILE D 49 -0.10 -20.43 4.97
N ALA D 50 1.04 -20.26 5.64
CA ALA D 50 1.37 -18.97 6.24
C ALA D 50 2.03 -18.03 5.24
N SER D 51 2.41 -18.52 4.07
CA SER D 51 3.05 -17.67 3.06
C SER D 51 2.06 -16.66 2.49
N ASN D 52 0.81 -17.09 2.27
CA ASN D 52 -0.19 -16.25 1.62
C ASN D 52 -1.49 -16.29 2.40
N TYR D 53 -2.35 -15.31 2.12
CA TYR D 53 -3.63 -15.18 2.81
C TYR D 53 -4.59 -16.29 2.39
N VAL D 54 -5.62 -16.50 3.22
CA VAL D 54 -6.66 -17.48 2.97
C VAL D 54 -8.01 -16.75 3.04
N GLN D 55 -8.77 -16.82 1.95
CA GLN D 55 -10.10 -16.23 1.88
C GLN D 55 -11.15 -17.33 1.77
N TRP D 56 -12.17 -17.26 2.61
CA TRP D 56 -13.26 -18.23 2.61
C TRP D 56 -14.50 -17.60 1.96
N TYR D 57 -15.09 -18.32 1.01
CA TYR D 57 -16.24 -17.85 0.26
C TYR D 57 -17.41 -18.79 0.45
N GLN D 58 -18.55 -18.24 0.85
CA GLN D 58 -19.77 -19.01 1.04
C GLN D 58 -20.68 -18.77 -0.16
N GLN D 59 -20.87 -19.79 -0.98
CA GLN D 59 -21.66 -19.70 -2.20
C GLN D 59 -22.89 -20.58 -2.07
N ARG D 60 -24.07 -19.95 -2.00
CA ARG D 60 -25.32 -20.68 -2.02
C ARG D 60 -25.61 -21.18 -3.45
N PRO D 61 -26.35 -22.29 -3.59
CA PRO D 61 -26.70 -22.77 -4.93
C PRO D 61 -27.55 -21.74 -5.68
N GLY D 62 -27.27 -21.61 -6.97
CA GLY D 62 -27.96 -20.63 -7.80
C GLY D 62 -27.69 -19.20 -7.40
N SER D 63 -26.49 -18.89 -6.93
CA SER D 63 -26.15 -17.54 -6.51
C SER D 63 -24.64 -17.35 -6.62
N ALA D 64 -24.23 -16.08 -6.69
CA ALA D 64 -22.82 -15.76 -6.76
C ALA D 64 -22.16 -15.95 -5.40
N PRO D 65 -20.89 -16.34 -5.39
CA PRO D 65 -20.18 -16.48 -4.11
C PRO D 65 -20.00 -15.14 -3.41
N THR D 66 -19.99 -15.19 -2.08
CA THR D 66 -19.82 -14.01 -1.24
C THR D 66 -18.66 -14.24 -0.27
N THR D 67 -17.87 -13.19 -0.07
CA THR D 67 -16.71 -13.28 0.83
C THR D 67 -17.19 -13.31 2.27
N VAL D 68 -16.91 -14.40 2.98
CA VAL D 68 -17.33 -14.52 4.37
C VAL D 68 -16.17 -14.28 5.34
N ILE D 69 -14.93 -14.49 4.90
CA ILE D 69 -13.75 -14.28 5.73
C ILE D 69 -12.60 -13.84 4.82
N TYR D 70 -11.87 -12.81 5.27
CA TYR D 70 -10.70 -12.34 4.55
C TYR D 70 -9.61 -11.99 5.55
N GLU D 71 -8.36 -12.00 5.06
CA GLU D 71 -7.15 -11.76 5.87
C GLU D 71 -7.00 -12.78 7.00
N ASP D 72 -7.66 -13.93 6.85
CA ASP D 72 -7.51 -15.16 7.63
C ASP D 72 -8.06 -15.04 9.05
N ASN D 73 -8.37 -13.84 9.51
CA ASN D 73 -9.09 -13.68 10.76
C ASN D 73 -10.08 -12.52 10.77
N GLN D 74 -10.16 -11.72 9.70
CA GLN D 74 -10.99 -10.52 9.69
C GLN D 74 -12.35 -10.85 9.07
N ARG D 75 -13.39 -10.76 9.87
CA ARG D 75 -14.75 -10.92 9.35
C ARG D 75 -15.21 -9.64 8.69
N PRO D 76 -15.60 -9.66 7.42
CA PRO D 76 -16.10 -8.44 6.78
C PRO D 76 -17.46 -8.04 7.35
N SER D 77 -17.81 -6.77 7.16
CA SER D 77 -19.06 -6.24 7.68
C SER D 77 -20.25 -6.90 6.98
N GLY D 78 -21.16 -7.46 7.76
CA GLY D 78 -22.35 -8.13 7.27
C GLY D 78 -22.46 -9.58 7.69
N VAL D 79 -21.33 -10.28 7.78
CA VAL D 79 -21.34 -11.69 8.16
C VAL D 79 -21.53 -11.81 9.67
N PRO D 80 -22.09 -12.90 10.17
CA PRO D 80 -22.25 -13.07 11.62
C PRO D 80 -20.92 -13.32 12.30
N ASP D 81 -20.97 -13.31 13.64
CA ASP D 81 -19.77 -13.50 14.44
C ASP D 81 -19.26 -14.94 14.39
N ARG D 82 -20.14 -15.89 14.10
CA ARG D 82 -19.76 -17.30 14.16
C ARG D 82 -18.71 -17.68 13.11
N PHE D 83 -18.62 -16.93 12.02
CA PHE D 83 -17.65 -17.21 10.97
C PHE D 83 -16.28 -16.74 11.43
N SER D 84 -15.54 -17.64 12.06
CA SER D 84 -14.20 -17.36 12.58
C SER D 84 -13.21 -18.31 11.94
N GLY D 85 -12.04 -17.79 11.55
CA GLY D 85 -11.01 -18.58 10.90
C GLY D 85 -9.71 -18.56 11.69
N SER D 86 -8.94 -19.64 11.57
CA SER D 86 -7.65 -19.74 12.22
C SER D 86 -6.68 -20.41 11.27
N ILE D 87 -5.39 -20.14 11.48
CA ILE D 87 -4.33 -20.62 10.61
C ILE D 87 -3.34 -21.45 11.43
N ASP D 88 -3.06 -22.66 10.96
CA ASP D 88 -2.06 -23.54 11.57
C ASP D 88 -0.94 -23.73 10.56
N SER D 89 0.22 -23.12 10.84
CA SER D 89 1.35 -23.18 9.91
C SER D 89 2.15 -24.47 10.03
N SER D 90 2.07 -25.16 11.17
CA SER D 90 2.84 -26.39 11.34
C SER D 90 2.30 -27.51 10.46
N SER D 91 0.98 -27.64 10.38
CA SER D 91 0.35 -28.68 9.57
C SER D 91 -0.02 -28.21 8.18
N ASN D 92 0.30 -26.96 7.83
CA ASN D 92 0.01 -26.36 6.51
C ASN D 92 -1.48 -26.39 6.20
N SER D 93 -2.32 -26.26 7.23
CA SER D 93 -3.76 -26.37 7.08
C SER D 93 -4.44 -25.12 7.63
N ALA D 94 -5.33 -24.54 6.84
CA ALA D 94 -6.18 -23.44 7.28
C ALA D 94 -7.48 -23.98 7.84
N SER D 95 -7.99 -23.33 8.88
CA SER D 95 -9.16 -23.82 9.60
C SER D 95 -10.27 -22.78 9.58
N LEU D 96 -11.51 -23.26 9.49
CA LEU D 96 -12.70 -22.42 9.55
C LEU D 96 -13.66 -23.03 10.56
N THR D 97 -13.94 -22.28 11.62
CA THR D 97 -14.79 -22.76 12.71
C THR D 97 -16.15 -22.08 12.64
N ILE D 98 -17.21 -22.88 12.66
CA ILE D 98 -18.58 -22.39 12.67
C ILE D 98 -19.25 -22.87 13.95
N SER D 99 -19.87 -21.94 14.68
CA SER D 99 -20.55 -22.25 15.93
C SER D 99 -22.02 -21.85 15.82
N GLY D 100 -22.90 -22.75 16.27
CA GLY D 100 -24.32 -22.49 16.20
C GLY D 100 -24.85 -22.51 14.78
N LEU D 101 -24.85 -23.70 14.17
CA LEU D 101 -25.28 -23.84 12.79
C LEU D 101 -26.77 -23.55 12.64
N LYS D 102 -27.13 -22.91 11.53
CA LYS D 102 -28.50 -22.52 11.27
C LYS D 102 -28.91 -23.02 9.88
N THR D 103 -30.11 -22.63 9.46
CA THR D 103 -30.69 -23.17 8.23
C THR D 103 -29.99 -22.61 6.99
N GLU D 104 -29.76 -21.29 6.95
CA GLU D 104 -29.20 -20.67 5.76
C GLU D 104 -27.72 -20.95 5.57
N ASP D 105 -27.07 -21.63 6.53
CA ASP D 105 -25.66 -21.97 6.40
C ASP D 105 -25.39 -23.10 5.42
N GLU D 106 -26.43 -23.72 4.86
CA GLU D 106 -26.26 -24.81 3.90
C GLU D 106 -25.79 -24.25 2.55
N ALA D 107 -24.47 -24.12 2.39
CA ALA D 107 -23.90 -23.57 1.17
C ALA D 107 -22.49 -24.12 0.99
N ASP D 108 -21.96 -23.94 -0.22
CA ASP D 108 -20.61 -24.37 -0.54
C ASP D 108 -19.58 -23.41 0.04
N TYR D 109 -18.50 -23.95 0.57
CA TYR D 109 -17.41 -23.16 1.15
C TYR D 109 -16.11 -23.48 0.43
N TYR D 110 -15.42 -22.43 -0.02
CA TYR D 110 -14.16 -22.56 -0.74
C TYR D 110 -13.11 -21.70 -0.07
N CYS D 111 -11.89 -22.22 0.04
CA CYS D 111 -10.75 -21.46 0.57
C CYS D 111 -9.87 -21.02 -0.58
N GLN D 112 -9.47 -19.76 -0.55
CA GLN D 112 -8.69 -19.13 -1.61
C GLN D 112 -7.27 -18.88 -1.14
N SER D 113 -6.36 -18.77 -2.10
CA SER D 113 -4.98 -18.41 -1.83
C SER D 113 -4.44 -17.65 -3.04
N TYR D 114 -3.16 -17.28 -2.98
CA TYR D 114 -2.53 -16.53 -4.05
C TYR D 114 -1.36 -17.23 -4.71
N ASP D 115 -0.72 -18.19 -4.03
CA ASP D 115 0.44 -18.93 -4.53
C ASP D 115 1.54 -17.95 -4.93
N SER D 116 1.75 -17.79 -6.24
CA SER D 116 2.69 -16.80 -6.77
C SER D 116 2.18 -16.41 -8.16
N SER D 117 1.48 -15.27 -8.22
CA SER D 117 0.84 -14.76 -9.45
C SER D 117 -0.13 -15.77 -10.05
N ASN D 118 -0.77 -16.58 -9.21
CA ASN D 118 -1.73 -17.57 -9.69
C ASN D 118 -2.69 -17.90 -8.54
N VAL D 119 -3.89 -17.33 -8.61
CA VAL D 119 -4.88 -17.54 -7.55
C VAL D 119 -5.34 -19.00 -7.56
N VAL D 120 -5.27 -19.64 -6.40
CA VAL D 120 -5.59 -21.05 -6.25
C VAL D 120 -6.76 -21.18 -5.27
N PHE D 121 -7.82 -21.84 -5.70
CA PHE D 121 -8.99 -22.06 -4.87
C PHE D 121 -8.94 -23.45 -4.21
N GLY D 122 -9.93 -23.70 -3.35
CA GLY D 122 -10.03 -24.95 -2.64
C GLY D 122 -10.87 -25.99 -3.38
N GLY D 123 -10.90 -27.19 -2.79
CA GLY D 123 -11.67 -28.28 -3.39
C GLY D 123 -13.17 -28.05 -3.34
N GLY D 124 -13.67 -27.50 -2.23
CA GLY D 124 -15.09 -27.29 -2.04
C GLY D 124 -15.57 -28.06 -0.82
N THR D 125 -16.40 -27.41 -0.01
CA THR D 125 -16.93 -28.00 1.21
C THR D 125 -18.43 -27.76 1.29
N LYS D 126 -19.19 -28.84 1.47
CA LYS D 126 -20.64 -28.79 1.53
C LYS D 126 -21.05 -28.87 3.00
N LEU D 127 -21.10 -27.71 3.65
CA LEU D 127 -21.58 -27.65 5.03
C LEU D 127 -23.07 -27.96 5.09
N THR D 128 -23.41 -29.09 5.68
CA THR D 128 -24.77 -29.61 5.68
C THR D 128 -25.48 -29.20 6.96
N VAL D 129 -26.75 -28.78 6.82
CA VAL D 129 -27.53 -28.40 8.00
C VAL D 129 -27.80 -29.62 8.87
N LEU D 130 -28.24 -30.72 8.26
CA LEU D 130 -28.61 -31.96 8.96
C LEU D 130 -29.66 -31.69 10.04
N GLN D 139 -37.96 -43.00 9.25
CA GLN D 139 -38.34 -42.11 8.16
C GLN D 139 -39.38 -42.78 7.26
N PRO D 140 -40.52 -42.10 7.06
CA PRO D 140 -41.56 -42.66 6.19
C PRO D 140 -41.09 -42.77 4.75
N LYS D 141 -41.60 -43.79 4.05
CA LYS D 141 -41.27 -44.04 2.65
C LYS D 141 -42.50 -43.73 1.81
N ALA D 142 -42.35 -42.81 0.86
CA ALA D 142 -43.47 -42.41 0.01
C ALA D 142 -43.64 -43.39 -1.14
N ALA D 143 -44.90 -43.62 -1.53
CA ALA D 143 -45.22 -44.61 -2.54
C ALA D 143 -44.84 -44.11 -3.93
N PRO D 144 -44.21 -44.96 -4.75
CA PRO D 144 -43.80 -44.54 -6.09
C PRO D 144 -44.93 -44.64 -7.12
N SER D 145 -45.73 -43.59 -7.23
CA SER D 145 -46.78 -43.55 -8.26
C SER D 145 -46.15 -43.54 -9.65
N VAL D 146 -46.53 -44.52 -10.47
CA VAL D 146 -45.94 -44.73 -11.79
C VAL D 146 -47.03 -44.65 -12.85
N THR D 147 -46.75 -43.90 -13.92
CA THR D 147 -47.64 -43.83 -15.07
C THR D 147 -46.82 -43.98 -16.34
N LEU D 148 -47.33 -44.78 -17.28
CA LEU D 148 -46.65 -45.09 -18.53
C LEU D 148 -47.53 -44.69 -19.70
N PHE D 149 -46.90 -44.18 -20.77
CA PHE D 149 -47.59 -43.76 -21.97
C PHE D 149 -46.97 -44.40 -23.20
N PRO D 150 -47.78 -44.74 -24.20
CA PRO D 150 -47.24 -45.23 -25.47
C PRO D 150 -46.91 -44.09 -26.40
N PRO D 151 -46.17 -44.35 -27.48
CA PRO D 151 -45.95 -43.30 -28.49
C PRO D 151 -47.26 -42.86 -29.14
N SER D 152 -47.35 -41.58 -29.44
CA SER D 152 -48.56 -41.02 -30.01
C SER D 152 -48.64 -41.29 -31.51
N SER D 153 -49.84 -41.11 -32.06
CA SER D 153 -50.04 -41.28 -33.50
C SER D 153 -49.30 -40.21 -34.29
N GLU D 154 -49.24 -38.99 -33.74
CA GLU D 154 -48.52 -37.91 -34.41
C GLU D 154 -47.02 -38.20 -34.47
N GLU D 155 -46.49 -38.85 -33.43
CA GLU D 155 -45.09 -39.24 -33.45
C GLU D 155 -44.83 -40.36 -34.46
N LEU D 156 -45.81 -41.25 -34.63
CA LEU D 156 -45.63 -42.39 -35.54
C LEU D 156 -45.60 -41.95 -37.01
N GLN D 157 -46.44 -40.98 -37.39
CA GLN D 157 -46.37 -40.48 -38.77
C GLN D 157 -45.14 -39.61 -38.99
N ALA D 158 -44.50 -39.17 -37.91
CA ALA D 158 -43.20 -38.51 -37.98
C ALA D 158 -42.05 -39.50 -38.00
N ASN D 159 -42.34 -40.80 -38.15
CA ASN D 159 -41.34 -41.88 -38.21
C ASN D 159 -40.49 -41.92 -36.94
N LYS D 160 -41.12 -41.67 -35.79
CA LYS D 160 -40.46 -41.75 -34.49
C LYS D 160 -41.37 -42.49 -33.52
N ALA D 161 -40.76 -42.97 -32.43
CA ALA D 161 -41.51 -43.66 -31.39
C ALA D 161 -40.74 -43.54 -30.08
N THR D 162 -41.44 -43.12 -29.02
CA THR D 162 -40.80 -42.95 -27.71
C THR D 162 -41.79 -43.34 -26.63
N LEU D 163 -41.37 -44.28 -25.77
CA LEU D 163 -42.16 -44.68 -24.61
C LEU D 163 -41.72 -43.87 -23.40
N VAL D 164 -42.68 -43.19 -22.76
CA VAL D 164 -42.40 -42.28 -21.66
C VAL D 164 -42.93 -42.91 -20.38
N CYS D 165 -42.02 -43.19 -19.45
CA CYS D 165 -42.38 -43.71 -18.13
C CYS D 165 -42.21 -42.60 -17.11
N LEU D 166 -43.20 -42.46 -16.22
CA LEU D 166 -43.26 -41.33 -15.30
C LEU D 166 -43.32 -41.86 -13.87
N ILE D 167 -42.42 -41.37 -13.03
CA ILE D 167 -42.35 -41.74 -11.62
C ILE D 167 -42.51 -40.47 -10.79
N SER D 168 -43.35 -40.52 -9.77
CA SER D 168 -43.62 -39.33 -8.98
C SER D 168 -44.00 -39.71 -7.55
N ASP D 169 -43.90 -38.72 -6.67
CA ASP D 169 -44.38 -38.79 -5.28
C ASP D 169 -43.67 -39.86 -4.46
N PHE D 170 -42.42 -40.18 -4.76
CA PHE D 170 -41.70 -41.20 -4.02
C PHE D 170 -40.60 -40.56 -3.16
N TYR D 171 -40.28 -41.24 -2.05
CA TYR D 171 -39.19 -40.86 -1.16
C TYR D 171 -38.67 -42.16 -0.57
N PRO D 172 -37.34 -42.37 -0.52
CA PRO D 172 -36.24 -41.48 -0.91
C PRO D 172 -36.07 -41.33 -2.42
N GLY D 173 -35.32 -40.32 -2.86
CA GLY D 173 -35.15 -40.05 -4.27
C GLY D 173 -34.10 -40.91 -4.94
N ALA D 174 -34.20 -42.23 -4.74
CA ALA D 174 -33.31 -43.18 -5.39
C ALA D 174 -34.15 -44.32 -5.95
N VAL D 175 -34.31 -44.35 -7.27
CA VAL D 175 -35.12 -45.36 -7.95
C VAL D 175 -34.33 -45.90 -9.13
N THR D 176 -34.66 -47.14 -9.51
CA THR D 176 -34.10 -47.77 -10.70
C THR D 176 -35.24 -48.20 -11.60
N VAL D 177 -35.09 -47.93 -12.90
CA VAL D 177 -36.11 -48.23 -13.90
C VAL D 177 -35.53 -49.19 -14.93
N ALA D 178 -36.27 -50.26 -15.22
CA ALA D 178 -35.86 -51.25 -16.19
C ALA D 178 -37.01 -51.48 -17.17
N TRP D 179 -36.77 -51.16 -18.45
CA TRP D 179 -37.77 -51.38 -19.48
C TRP D 179 -37.84 -52.85 -19.84
N LYS D 180 -38.97 -53.24 -20.44
CA LYS D 180 -39.19 -54.62 -20.85
C LYS D 180 -39.76 -54.67 -22.26
N ALA D 181 -39.37 -55.70 -23.03
CA ALA D 181 -39.98 -55.89 -24.36
C ALA D 181 -41.08 -56.96 -24.21
N ASP D 182 -41.23 -57.86 -25.19
CA ASP D 182 -42.20 -58.97 -25.02
C ASP D 182 -41.68 -59.89 -23.92
N SER D 183 -40.37 -60.17 -23.93
CA SER D 183 -39.74 -61.02 -22.88
C SER D 183 -38.24 -60.73 -22.89
N SER D 184 -37.86 -59.47 -22.67
CA SER D 184 -36.46 -59.07 -22.78
C SER D 184 -36.24 -57.78 -22.02
N PRO D 185 -35.13 -57.64 -21.28
CA PRO D 185 -34.78 -56.33 -20.70
C PRO D 185 -34.22 -55.40 -21.78
N VAL D 186 -34.85 -54.25 -21.93
CA VAL D 186 -34.46 -53.28 -22.96
C VAL D 186 -33.50 -52.26 -22.35
N LYS D 187 -32.37 -52.05 -23.02
CA LYS D 187 -31.35 -51.13 -22.52
C LYS D 187 -31.02 -50.06 -23.55
N ALA D 188 -31.05 -50.44 -24.83
CA ALA D 188 -30.73 -49.50 -25.89
C ALA D 188 -31.87 -48.49 -26.07
N GLY D 189 -31.48 -47.23 -26.26
CA GLY D 189 -32.45 -46.16 -26.41
C GLY D 189 -33.08 -45.67 -25.13
N VAL D 190 -32.64 -46.18 -23.98
CA VAL D 190 -33.21 -45.80 -22.69
C VAL D 190 -32.51 -44.56 -22.17
N GLU D 191 -33.28 -43.51 -21.92
CA GLU D 191 -32.78 -42.28 -21.32
C GLU D 191 -33.68 -41.97 -20.12
N THR D 192 -33.07 -41.55 -19.02
CA THR D 192 -33.78 -41.34 -17.76
C THR D 192 -33.34 -40.04 -17.10
N THR D 193 -34.26 -39.48 -16.31
CA THR D 193 -34.00 -38.26 -15.55
C THR D 193 -33.74 -38.61 -14.09
N THR D 194 -32.82 -37.87 -13.48
CA THR D 194 -32.50 -38.08 -12.07
C THR D 194 -33.69 -37.67 -11.20
N PRO D 195 -33.92 -38.33 -10.07
CA PRO D 195 -35.02 -37.93 -9.18
C PRO D 195 -34.80 -36.54 -8.60
N SER D 196 -35.76 -35.65 -8.83
CA SER D 196 -35.72 -34.29 -8.35
C SER D 196 -36.83 -34.06 -7.33
N LYS D 197 -36.52 -33.26 -6.32
CA LYS D 197 -37.45 -33.05 -5.21
C LYS D 197 -38.68 -32.25 -5.65
N GLN D 198 -39.85 -32.73 -5.24
CA GLN D 198 -41.11 -32.09 -5.59
C GLN D 198 -41.45 -30.99 -4.59
N SER D 199 -42.61 -30.38 -4.79
CA SER D 199 -43.10 -29.36 -3.85
C SER D 199 -43.61 -29.96 -2.56
N ASN D 200 -44.06 -31.21 -2.58
CA ASN D 200 -44.60 -31.88 -1.40
C ASN D 200 -43.55 -32.77 -0.72
N ASN D 201 -42.29 -32.38 -0.78
CA ASN D 201 -41.13 -33.02 -0.14
C ASN D 201 -40.82 -34.40 -0.72
N LYS D 202 -41.52 -34.85 -1.76
CA LYS D 202 -41.23 -36.13 -2.39
C LYS D 202 -40.36 -35.89 -3.62
N TYR D 203 -40.14 -36.94 -4.41
CA TYR D 203 -39.28 -36.88 -5.58
C TYR D 203 -40.02 -37.38 -6.81
N ALA D 204 -39.53 -36.95 -7.97
CA ALA D 204 -40.12 -37.33 -9.25
C ALA D 204 -39.01 -37.59 -10.26
N ALA D 205 -39.26 -38.55 -11.15
CA ALA D 205 -38.28 -38.94 -12.16
C ALA D 205 -39.02 -39.51 -13.38
N SER D 206 -38.31 -39.57 -14.50
CA SER D 206 -38.87 -40.07 -15.75
C SER D 206 -37.89 -40.98 -16.46
N SER D 207 -38.44 -41.82 -17.33
CA SER D 207 -37.65 -42.69 -18.20
C SER D 207 -38.22 -42.62 -19.61
N TYR D 208 -37.32 -42.64 -20.60
CA TYR D 208 -37.70 -42.50 -22.01
C TYR D 208 -37.08 -43.64 -22.80
N LEU D 209 -37.91 -44.44 -23.45
CA LEU D 209 -37.45 -45.53 -24.30
C LEU D 209 -37.72 -45.13 -25.76
N SER D 210 -36.66 -44.72 -26.46
CA SER D 210 -36.79 -44.35 -27.87
C SER D 210 -36.78 -45.59 -28.74
N LEU D 211 -37.72 -45.66 -29.66
CA LEU D 211 -37.87 -46.83 -30.53
C LEU D 211 -38.18 -46.39 -31.95
N THR D 212 -38.13 -47.35 -32.86
CA THR D 212 -38.63 -47.18 -34.21
C THR D 212 -40.11 -47.54 -34.25
N PRO D 213 -40.85 -47.05 -35.26
CA PRO D 213 -42.26 -47.47 -35.38
C PRO D 213 -42.43 -48.97 -35.59
N GLU D 214 -41.45 -49.66 -36.17
CA GLU D 214 -41.55 -51.10 -36.34
C GLU D 214 -41.29 -51.81 -35.02
N GLN D 215 -40.36 -51.29 -34.21
CA GLN D 215 -40.04 -51.94 -32.93
C GLN D 215 -41.21 -51.83 -31.95
N TRP D 216 -41.94 -50.72 -32.01
CA TRP D 216 -43.12 -50.54 -31.15
C TRP D 216 -44.22 -51.55 -31.47
N LYS D 217 -44.35 -51.95 -32.74
CA LYS D 217 -45.41 -52.85 -33.16
C LYS D 217 -44.96 -54.28 -33.38
N SER D 218 -43.65 -54.56 -33.38
CA SER D 218 -43.19 -55.93 -33.53
C SER D 218 -43.43 -56.76 -32.27
N HIS D 219 -43.48 -56.13 -31.11
CA HIS D 219 -43.73 -56.80 -29.86
C HIS D 219 -45.19 -56.60 -29.44
N ARG D 220 -45.72 -57.59 -28.73
CA ARG D 220 -47.12 -57.53 -28.29
C ARG D 220 -47.35 -56.44 -27.26
N SER D 221 -46.39 -56.23 -26.35
CA SER D 221 -46.56 -55.25 -25.30
C SER D 221 -45.20 -54.76 -24.83
N TYR D 222 -45.19 -53.55 -24.27
CA TYR D 222 -44.01 -52.97 -23.63
C TYR D 222 -44.39 -52.54 -22.23
N SER D 223 -43.51 -52.82 -21.26
CA SER D 223 -43.78 -52.52 -19.87
C SER D 223 -42.62 -51.76 -19.25
N CYS D 224 -42.94 -50.90 -18.29
CA CYS D 224 -41.95 -50.15 -17.52
C CYS D 224 -42.04 -50.60 -16.07
N GLN D 225 -40.90 -51.01 -15.51
CA GLN D 225 -40.83 -51.46 -14.13
C GLN D 225 -39.97 -50.50 -13.32
N VAL D 226 -40.51 -50.03 -12.19
CA VAL D 226 -39.82 -49.11 -11.30
C VAL D 226 -39.60 -49.81 -9.97
N THR D 227 -38.36 -49.85 -9.52
CA THR D 227 -37.99 -50.49 -8.26
C THR D 227 -37.69 -49.41 -7.22
N HIS D 228 -38.33 -49.53 -6.05
CA HIS D 228 -38.16 -48.56 -4.99
C HIS D 228 -38.24 -49.27 -3.65
N GLU D 229 -37.14 -49.21 -2.88
CA GLU D 229 -37.03 -49.83 -1.57
C GLU D 229 -37.35 -51.32 -1.62
N GLY D 230 -36.89 -51.98 -2.68
CA GLY D 230 -37.14 -53.40 -2.86
C GLY D 230 -38.43 -53.70 -3.60
N SER D 231 -39.46 -52.89 -3.36
CA SER D 231 -40.74 -53.09 -4.02
C SER D 231 -40.66 -52.66 -5.49
N THR D 232 -41.52 -53.27 -6.30
CA THR D 232 -41.54 -53.01 -7.73
C THR D 232 -42.95 -52.64 -8.16
N VAL D 233 -43.06 -51.53 -8.91
CA VAL D 233 -44.33 -51.08 -9.48
C VAL D 233 -44.19 -51.12 -10.99
N GLU D 234 -45.13 -51.78 -11.65
CA GLU D 234 -45.05 -52.04 -13.09
C GLU D 234 -46.29 -51.51 -13.79
N LYS D 235 -46.07 -50.81 -14.90
CA LYS D 235 -47.12 -50.42 -15.84
C LYS D 235 -46.73 -50.91 -17.23
N THR D 236 -47.74 -51.27 -18.01
CA THR D 236 -47.52 -51.81 -19.35
C THR D 236 -48.48 -51.15 -20.35
N VAL D 237 -48.08 -51.16 -21.61
CA VAL D 237 -48.90 -50.66 -22.71
C VAL D 237 -48.75 -51.60 -23.90
N ALA D 238 -49.70 -51.53 -24.81
CA ALA D 238 -49.71 -52.33 -26.03
C ALA D 238 -50.20 -51.46 -27.17
N PRO D 239 -49.78 -51.75 -28.41
CA PRO D 239 -50.31 -51.01 -29.56
C PRO D 239 -51.79 -51.26 -29.78
N THR D 240 -52.61 -50.24 -29.56
CA THR D 240 -54.06 -50.38 -29.69
C THR D 240 -54.66 -49.17 -30.41
N GLN E 20 -23.49 2.29 -4.92
CA GLN E 20 -22.26 1.51 -4.96
C GLN E 20 -21.89 1.17 -6.41
N VAL E 21 -21.32 -0.03 -6.59
CA VAL E 21 -20.91 -0.51 -7.90
C VAL E 21 -21.46 -1.91 -8.10
N GLN E 22 -21.61 -2.30 -9.37
CA GLN E 22 -22.13 -3.62 -9.71
C GLN E 22 -21.48 -4.08 -11.01
N LEU E 23 -21.55 -5.39 -11.24
CA LEU E 23 -20.96 -6.02 -12.41
C LEU E 23 -22.02 -6.79 -13.16
N GLN E 24 -22.11 -6.57 -14.48
CA GLN E 24 -23.05 -7.27 -15.34
C GLN E 24 -22.30 -7.92 -16.48
N GLU E 25 -22.61 -9.18 -16.76
CA GLU E 25 -21.99 -9.93 -17.82
C GLU E 25 -22.90 -10.03 -19.04
N SER E 26 -22.29 -10.23 -20.19
CA SER E 26 -23.02 -10.35 -21.46
C SER E 26 -22.36 -11.45 -22.29
N GLY E 27 -22.72 -11.51 -23.56
CA GLY E 27 -22.21 -12.52 -24.44
C GLY E 27 -23.17 -13.69 -24.59
N PRO E 28 -22.94 -14.52 -25.61
CA PRO E 28 -23.83 -15.66 -25.83
C PRO E 28 -23.71 -16.71 -24.74
N GLY E 29 -24.83 -17.39 -24.48
CA GLY E 29 -24.85 -18.52 -23.56
C GLY E 29 -24.41 -19.83 -24.15
N LEU E 30 -24.07 -19.85 -25.44
CA LEU E 30 -23.60 -21.04 -26.13
C LEU E 30 -22.29 -20.75 -26.82
N VAL E 31 -21.54 -21.83 -27.07
CA VAL E 31 -20.38 -21.78 -27.97
C VAL E 31 -20.19 -23.19 -28.53
N LYS E 32 -19.88 -23.26 -29.82
CA LYS E 32 -19.63 -24.53 -30.47
C LYS E 32 -18.22 -25.02 -30.12
N PRO E 33 -17.99 -26.33 -30.18
CA PRO E 33 -16.64 -26.84 -29.92
C PRO E 33 -15.64 -26.35 -30.96
N SER E 34 -14.39 -26.21 -30.51
CA SER E 34 -13.28 -25.69 -31.33
C SER E 34 -13.61 -24.32 -31.91
N GLU E 35 -14.18 -23.44 -31.09
CA GLU E 35 -14.50 -22.08 -31.52
C GLU E 35 -13.91 -21.07 -30.55
N THR E 36 -14.30 -19.80 -30.71
CA THR E 36 -13.80 -18.71 -29.88
C THR E 36 -14.92 -18.19 -28.98
N LEU E 37 -14.64 -18.12 -27.68
CA LEU E 37 -15.59 -17.59 -26.72
C LEU E 37 -15.48 -16.09 -26.61
N SER E 38 -16.62 -15.43 -26.40
CA SER E 38 -16.68 -13.97 -26.26
C SER E 38 -17.62 -13.65 -25.10
N LEU E 39 -17.04 -13.34 -23.94
CA LEU E 39 -17.79 -12.96 -22.74
C LEU E 39 -17.32 -11.59 -22.29
N THR E 40 -18.27 -10.67 -22.12
CA THR E 40 -17.98 -9.29 -21.76
C THR E 40 -18.61 -8.98 -20.42
N CYS E 41 -17.82 -8.42 -19.50
CA CYS E 41 -18.30 -7.99 -18.19
C CYS E 41 -18.32 -6.47 -18.16
N THR E 42 -19.49 -5.90 -17.86
CA THR E 42 -19.70 -4.46 -17.84
C THR E 42 -19.81 -3.97 -16.41
N VAL E 43 -19.11 -2.89 -16.09
CA VAL E 43 -19.11 -2.30 -14.75
C VAL E 43 -20.03 -1.09 -14.75
N SER E 44 -20.99 -1.09 -13.83
CA SER E 44 -21.96 -0.01 -13.70
C SER E 44 -21.82 0.62 -12.32
N GLY E 45 -21.78 1.95 -12.28
CA GLY E 45 -21.63 2.67 -11.03
C GLY E 45 -20.20 2.90 -10.59
N GLY E 46 -19.22 2.63 -11.43
CA GLY E 46 -17.84 2.84 -11.08
C GLY E 46 -16.97 3.00 -12.31
N SER E 47 -15.66 3.07 -12.07
CA SER E 47 -14.69 3.25 -13.14
C SER E 47 -13.65 2.14 -13.07
N VAL E 48 -13.31 1.59 -14.24
CA VAL E 48 -12.31 0.54 -14.30
C VAL E 48 -10.91 1.10 -14.03
N SER E 49 -10.58 2.23 -14.63
CA SER E 49 -9.24 2.79 -14.50
C SER E 49 -9.00 3.35 -13.09
N SER E 50 -9.98 4.04 -12.54
CA SER E 50 -9.81 4.69 -11.24
C SER E 50 -9.79 3.67 -10.12
N GLY E 51 -8.97 3.95 -9.11
CA GLY E 51 -8.90 3.13 -7.91
C GLY E 51 -7.83 2.07 -7.92
N GLY E 52 -7.34 1.68 -9.09
CA GLY E 52 -6.35 0.62 -9.20
C GLY E 52 -6.86 -0.73 -8.74
N TYR E 53 -8.06 -1.09 -9.19
CA TYR E 53 -8.71 -2.33 -8.78
C TYR E 53 -8.49 -3.38 -9.84
N PHE E 54 -8.00 -4.55 -9.43
CA PHE E 54 -7.78 -5.65 -10.35
C PHE E 54 -9.11 -6.29 -10.76
N TRP E 55 -9.15 -6.81 -11.98
CA TRP E 55 -10.33 -7.46 -12.52
C TRP E 55 -9.96 -8.88 -12.94
N SER E 56 -10.76 -9.86 -12.51
CA SER E 56 -10.45 -11.26 -12.74
C SER E 56 -11.71 -12.01 -13.19
N TRP E 57 -11.49 -13.05 -14.00
CA TRP E 57 -12.55 -13.95 -14.42
C TRP E 57 -12.42 -15.28 -13.69
N ILE E 58 -13.52 -15.74 -13.09
CA ILE E 58 -13.55 -16.99 -12.35
C ILE E 58 -14.74 -17.79 -12.83
N ARG E 59 -14.49 -19.04 -13.22
CA ARG E 59 -15.53 -19.94 -13.70
C ARG E 59 -15.75 -21.07 -12.71
N GLN E 60 -16.92 -21.69 -12.80
CA GLN E 60 -17.28 -22.78 -11.91
C GLN E 60 -18.17 -23.79 -12.63
N PRO E 61 -17.69 -25.02 -12.84
CA PRO E 61 -18.54 -26.04 -13.45
C PRO E 61 -19.67 -26.43 -12.51
N PRO E 62 -20.81 -26.88 -13.05
CA PRO E 62 -21.92 -27.30 -12.20
C PRO E 62 -21.56 -28.52 -11.37
N GLY E 63 -21.65 -28.38 -10.05
CA GLY E 63 -21.28 -29.45 -9.14
C GLY E 63 -19.81 -29.56 -8.83
N LYS E 64 -18.99 -28.65 -9.34
CA LYS E 64 -17.54 -28.65 -9.11
C LYS E 64 -17.14 -27.35 -8.42
N GLY E 65 -15.85 -27.28 -8.06
CA GLY E 65 -15.34 -26.11 -7.37
C GLY E 65 -15.03 -24.96 -8.31
N LEU E 66 -14.72 -23.81 -7.71
CA LEU E 66 -14.37 -22.63 -8.49
C LEU E 66 -12.99 -22.78 -9.09
N GLU E 67 -12.82 -22.27 -10.31
CA GLU E 67 -11.55 -22.32 -11.01
C GLU E 67 -11.17 -20.90 -11.43
N TRP E 68 -9.92 -20.53 -11.13
CA TRP E 68 -9.41 -19.21 -11.49
C TRP E 68 -8.85 -19.24 -12.91
N ILE E 69 -9.28 -18.30 -13.73
CA ILE E 69 -8.88 -18.26 -15.13
C ILE E 69 -7.72 -17.29 -15.30
N GLY E 70 -7.94 -16.02 -14.95
CA GLY E 70 -6.90 -15.02 -15.09
C GLY E 70 -7.37 -13.70 -14.49
N CYS E 71 -6.42 -12.77 -14.39
CA CYS E 71 -6.68 -11.46 -13.83
C CYS E 71 -6.07 -10.38 -14.72
N ILE E 72 -6.67 -9.20 -14.70
CA ILE E 72 -6.19 -8.06 -15.47
C ILE E 72 -6.23 -6.82 -14.58
N TYR E 73 -5.41 -5.85 -14.95
CA TYR E 73 -5.36 -4.54 -14.30
C TYR E 73 -6.01 -3.53 -15.23
N TYR E 74 -5.99 -2.26 -14.83
CA TYR E 74 -6.43 -1.21 -15.74
C TYR E 74 -5.39 -0.98 -16.84
N SER E 75 -4.15 -1.33 -16.58
CA SER E 75 -3.10 -1.32 -17.59
C SER E 75 -3.09 -2.67 -18.31
N GLY E 76 -2.03 -2.93 -19.07
CA GLY E 76 -1.91 -4.16 -19.84
C GLY E 76 -1.35 -5.35 -19.10
N SER E 77 -1.25 -5.29 -17.77
CA SER E 77 -0.74 -6.41 -17.00
C SER E 77 -1.72 -7.57 -17.02
N THR E 78 -1.22 -8.76 -17.32
CA THR E 78 -2.06 -9.96 -17.41
C THR E 78 -1.31 -11.15 -16.83
N ASN E 79 -2.03 -11.95 -16.04
CA ASN E 79 -1.52 -13.22 -15.54
C ASN E 79 -2.60 -14.29 -15.70
N TYR E 80 -2.19 -15.45 -16.19
CA TYR E 80 -3.13 -16.52 -16.54
C TYR E 80 -2.80 -17.79 -15.77
N ASN E 81 -3.81 -18.66 -15.65
CA ASN E 81 -3.61 -19.96 -15.03
C ASN E 81 -2.69 -20.83 -15.88
N PRO E 82 -1.79 -21.61 -15.26
CA PRO E 82 -0.91 -22.48 -16.05
C PRO E 82 -1.64 -23.52 -16.87
N SER E 83 -2.78 -24.03 -16.37
CA SER E 83 -3.56 -24.98 -17.15
C SER E 83 -4.30 -24.31 -18.28
N LEU E 84 -4.62 -23.02 -18.13
CA LEU E 84 -5.33 -22.25 -19.15
C LEU E 84 -4.41 -21.30 -19.91
N LYS E 85 -3.09 -21.51 -19.82
CA LYS E 85 -2.16 -20.64 -20.52
C LYS E 85 -2.24 -20.85 -22.03
N SER E 86 -1.86 -19.80 -22.76
CA SER E 86 -1.87 -19.74 -24.23
C SER E 86 -3.27 -19.89 -24.83
N ARG E 87 -4.32 -19.77 -24.01
CA ARG E 87 -5.69 -19.84 -24.49
C ARG E 87 -6.57 -18.70 -24.01
N VAL E 88 -6.10 -17.88 -23.08
CA VAL E 88 -6.90 -16.82 -22.48
C VAL E 88 -6.39 -15.48 -23.01
N THR E 89 -7.30 -14.69 -23.59
CA THR E 89 -6.99 -13.36 -24.09
C THR E 89 -8.02 -12.40 -23.52
N ILE E 90 -7.59 -11.52 -22.63
CA ILE E 90 -8.47 -10.57 -21.94
C ILE E 90 -7.97 -9.16 -22.22
N SER E 91 -8.91 -8.27 -22.58
CA SER E 91 -8.59 -6.88 -22.87
C SER E 91 -9.57 -5.97 -22.16
N VAL E 92 -9.12 -4.74 -21.90
CA VAL E 92 -9.91 -3.75 -21.19
C VAL E 92 -10.19 -2.58 -22.12
N ASP E 93 -11.46 -2.22 -22.26
CA ASP E 93 -11.89 -1.08 -23.06
C ASP E 93 -12.33 0.02 -22.09
N THR E 94 -11.44 0.99 -21.86
CA THR E 94 -11.73 2.05 -20.90
C THR E 94 -12.80 3.01 -21.43
N SER E 95 -12.89 3.18 -22.75
CA SER E 95 -13.88 4.08 -23.32
C SER E 95 -15.30 3.59 -23.06
N LYS E 96 -15.53 2.29 -23.18
CA LYS E 96 -16.84 1.71 -22.93
C LYS E 96 -17.03 1.23 -21.50
N ASP E 97 -16.01 1.40 -20.64
CA ASP E 97 -16.06 1.02 -19.22
C ASP E 97 -16.40 -0.47 -19.07
N GLN E 98 -15.67 -1.31 -19.80
CA GLN E 98 -15.94 -2.74 -19.81
C GLN E 98 -14.66 -3.49 -20.16
N PHE E 99 -14.63 -4.76 -19.79
CA PHE E 99 -13.52 -5.65 -20.11
C PHE E 99 -14.07 -7.00 -20.53
N SER E 100 -13.42 -7.61 -21.52
CA SER E 100 -13.89 -8.86 -22.11
C SER E 100 -12.76 -9.88 -22.12
N LEU E 101 -13.16 -11.16 -22.12
CA LEU E 101 -12.22 -12.27 -22.14
C LEU E 101 -12.50 -13.15 -23.35
N LYS E 102 -11.44 -13.59 -24.02
CA LYS E 102 -11.54 -14.45 -25.20
C LYS E 102 -10.90 -15.79 -24.89
N LEU E 103 -11.63 -16.87 -25.17
CA LEU E 103 -11.13 -18.23 -24.97
C LEU E 103 -11.06 -18.94 -26.31
N SER E 104 -9.92 -19.57 -26.59
CA SER E 104 -9.69 -20.26 -27.85
C SER E 104 -9.66 -21.77 -27.63
N SER E 105 -10.15 -22.50 -28.64
CA SER E 105 -10.23 -23.96 -28.64
C SER E 105 -11.04 -24.47 -27.43
N VAL E 106 -12.28 -24.02 -27.37
CA VAL E 106 -13.18 -24.39 -26.28
C VAL E 106 -13.68 -25.82 -26.53
N THR E 107 -13.63 -26.64 -25.49
CA THR E 107 -14.03 -28.04 -25.55
C THR E 107 -15.28 -28.26 -24.72
N ALA E 108 -15.71 -29.53 -24.65
CA ALA E 108 -16.91 -29.88 -23.88
C ALA E 108 -16.67 -29.82 -22.39
N ALA E 109 -15.42 -29.80 -21.94
CA ALA E 109 -15.10 -29.70 -20.52
C ALA E 109 -15.09 -28.26 -20.02
N ASP E 110 -15.33 -27.29 -20.89
CA ASP E 110 -15.35 -25.89 -20.51
C ASP E 110 -16.73 -25.41 -20.06
N THR E 111 -17.70 -26.31 -19.94
CA THR E 111 -19.04 -25.96 -19.50
C THR E 111 -18.98 -25.54 -18.04
N ALA E 112 -19.09 -24.24 -17.79
CA ALA E 112 -18.96 -23.70 -16.44
C ALA E 112 -19.72 -22.38 -16.36
N VAL E 113 -19.99 -21.97 -15.12
CA VAL E 113 -20.66 -20.70 -14.85
C VAL E 113 -19.58 -19.65 -14.66
N TYR E 114 -19.52 -18.69 -15.58
CA TYR E 114 -18.46 -17.68 -15.58
C TYR E 114 -18.87 -16.48 -14.74
N TYR E 115 -17.97 -16.03 -13.88
CA TYR E 115 -18.17 -14.87 -13.03
C TYR E 115 -17.06 -13.86 -13.27
N CYS E 116 -17.43 -12.59 -13.35
CA CYS E 116 -16.46 -11.50 -13.33
C CYS E 116 -16.52 -10.82 -11.96
N ALA E 117 -15.36 -10.62 -11.36
CA ALA E 117 -15.30 -10.09 -10.00
C ALA E 117 -14.18 -9.07 -9.90
N ARG E 118 -14.50 -7.91 -9.32
CA ARG E 118 -13.48 -6.92 -9.01
C ARG E 118 -12.62 -7.42 -7.86
N GLN E 119 -11.33 -7.10 -7.91
CA GLN E 119 -10.37 -7.49 -6.88
C GLN E 119 -9.84 -6.23 -6.22
N LEU E 120 -10.23 -6.00 -4.97
CA LEU E 120 -9.77 -4.83 -4.24
C LEU E 120 -8.25 -4.89 -4.02
N TRP E 121 -7.74 -6.07 -3.72
CA TRP E 121 -6.31 -6.29 -3.51
C TRP E 121 -5.81 -7.35 -4.48
N LEU E 122 -4.49 -7.31 -4.73
CA LEU E 122 -3.88 -8.31 -5.61
C LEU E 122 -3.97 -9.70 -5.01
N ARG E 123 -3.71 -9.83 -3.71
CA ARG E 123 -3.80 -11.11 -3.01
C ARG E 123 -4.98 -11.16 -2.05
N GLY E 124 -5.96 -10.27 -2.24
CA GLY E 124 -7.07 -10.13 -1.31
C GLY E 124 -8.35 -10.74 -1.83
N ARG E 125 -9.46 -10.29 -1.24
CA ARG E 125 -10.77 -10.84 -1.52
C ARG E 125 -11.29 -10.38 -2.88
N PHE E 126 -12.09 -11.23 -3.52
CA PHE E 126 -12.94 -10.81 -4.62
C PHE E 126 -14.19 -10.22 -3.99
N ASP E 127 -14.16 -8.90 -3.76
CA ASP E 127 -15.17 -8.26 -2.91
C ASP E 127 -16.55 -8.27 -3.54
N TYR E 128 -16.64 -8.06 -4.85
CA TYR E 128 -17.92 -7.92 -5.53
C TYR E 128 -17.98 -8.94 -6.66
N TRP E 129 -18.95 -9.85 -6.59
CA TRP E 129 -19.14 -10.88 -7.60
C TRP E 129 -20.36 -10.56 -8.45
N GLY E 130 -20.17 -10.58 -9.77
CA GLY E 130 -21.28 -10.43 -10.68
C GLY E 130 -22.12 -11.69 -10.78
N GLN E 131 -23.30 -11.55 -11.39
CA GLN E 131 -24.18 -12.68 -11.58
C GLN E 131 -23.58 -13.66 -12.57
N GLY E 132 -23.93 -14.94 -12.40
CA GLY E 132 -23.31 -15.98 -13.19
C GLY E 132 -23.99 -16.28 -14.50
N THR E 133 -23.25 -16.11 -15.60
CA THR E 133 -23.75 -16.49 -16.91
C THR E 133 -23.49 -17.98 -17.16
N LEU E 134 -24.44 -18.64 -17.80
CA LEU E 134 -24.38 -20.07 -18.06
C LEU E 134 -23.89 -20.30 -19.49
N VAL E 135 -22.80 -21.05 -19.63
CA VAL E 135 -22.22 -21.38 -20.92
C VAL E 135 -22.31 -22.90 -21.10
N THR E 136 -22.96 -23.33 -22.18
CA THR E 136 -23.14 -24.75 -22.49
C THR E 136 -22.46 -25.04 -23.82
N VAL E 137 -21.34 -25.73 -23.76
CA VAL E 137 -20.59 -26.11 -24.97
C VAL E 137 -21.08 -27.47 -25.44
N SER E 138 -21.61 -27.51 -26.67
CA SER E 138 -22.10 -28.76 -27.23
C SER E 138 -22.09 -28.65 -28.74
N SER E 139 -22.15 -29.82 -29.39
CA SER E 139 -22.03 -29.92 -30.84
C SER E 139 -23.41 -29.80 -31.48
N ALA E 140 -23.52 -30.19 -32.75
CA ALA E 140 -24.74 -30.17 -33.58
C ALA E 140 -25.15 -28.71 -33.77
N SER E 141 -26.43 -28.37 -33.65
CA SER E 141 -26.88 -27.01 -33.96
C SER E 141 -28.20 -26.75 -33.27
N THR E 142 -28.57 -25.47 -33.22
CA THR E 142 -29.82 -25.04 -32.60
C THR E 142 -30.99 -25.47 -33.47
N LYS E 143 -31.77 -26.45 -32.98
CA LYS E 143 -32.92 -26.96 -33.69
C LYS E 143 -34.10 -27.07 -32.74
N GLY E 144 -35.29 -26.76 -33.26
CA GLY E 144 -36.49 -26.71 -32.46
C GLY E 144 -36.99 -28.07 -32.01
N PRO E 145 -37.90 -28.09 -31.05
CA PRO E 145 -38.38 -29.36 -30.50
C PRO E 145 -39.52 -29.95 -31.33
N SER E 146 -39.78 -31.23 -31.07
CA SER E 146 -40.94 -31.93 -31.58
C SER E 146 -41.82 -32.33 -30.40
N VAL E 147 -43.06 -31.86 -30.40
CA VAL E 147 -43.96 -32.02 -29.27
C VAL E 147 -44.93 -33.15 -29.58
N PHE E 148 -45.01 -34.13 -28.68
CA PHE E 148 -45.91 -35.26 -28.82
C PHE E 148 -46.78 -35.40 -27.58
N PRO E 149 -48.07 -35.68 -27.75
CA PRO E 149 -48.96 -35.80 -26.59
C PRO E 149 -48.80 -37.14 -25.89
N LEU E 150 -49.23 -37.18 -24.63
CA LEU E 150 -49.24 -38.38 -23.81
C LEU E 150 -50.70 -38.70 -23.50
N ALA E 151 -51.27 -39.60 -24.28
CA ALA E 151 -52.71 -39.86 -24.22
C ALA E 151 -53.04 -40.73 -23.00
N PRO E 152 -53.86 -40.26 -22.07
CA PRO E 152 -54.23 -41.09 -20.92
C PRO E 152 -55.17 -42.21 -21.33
N SER E 153 -55.16 -43.28 -20.53
CA SER E 153 -56.00 -44.44 -20.78
C SER E 153 -56.29 -45.13 -19.45
N SER E 154 -56.87 -46.33 -19.51
CA SER E 154 -57.17 -47.08 -18.31
C SER E 154 -55.89 -47.55 -17.62
N LYS E 155 -54.83 -47.80 -18.39
CA LYS E 155 -53.54 -48.19 -17.82
C LYS E 155 -52.71 -46.99 -17.40
N SER E 156 -53.18 -45.77 -17.64
CA SER E 156 -52.49 -44.55 -17.23
C SER E 156 -53.05 -43.96 -15.95
N THR E 157 -53.97 -44.65 -15.29
CA THR E 157 -54.56 -44.19 -14.04
C THR E 157 -54.42 -45.27 -12.98
N SER E 158 -54.15 -44.85 -11.75
CA SER E 158 -53.99 -45.75 -10.61
C SER E 158 -54.85 -45.22 -9.46
N GLY E 159 -56.11 -45.63 -9.44
CA GLY E 159 -57.04 -45.19 -8.40
C GLY E 159 -58.04 -44.17 -8.95
N GLY E 160 -58.34 -43.16 -8.13
CA GLY E 160 -59.31 -42.15 -8.54
C GLY E 160 -58.75 -41.06 -9.42
N THR E 161 -57.44 -40.98 -9.56
CA THR E 161 -56.79 -39.92 -10.34
C THR E 161 -56.08 -40.50 -11.55
N ALA E 162 -55.89 -39.65 -12.56
CA ALA E 162 -55.22 -40.03 -13.79
C ALA E 162 -54.12 -39.03 -14.08
N ALA E 163 -53.16 -39.46 -14.90
CA ALA E 163 -52.03 -38.62 -15.28
C ALA E 163 -52.01 -38.39 -16.78
N LEU E 164 -51.45 -37.24 -17.18
CA LEU E 164 -51.26 -36.91 -18.58
C LEU E 164 -50.09 -35.94 -18.67
N GLY E 165 -49.55 -35.80 -19.89
CA GLY E 165 -48.41 -34.94 -20.07
C GLY E 165 -48.15 -34.66 -21.53
N CYS E 166 -47.00 -34.02 -21.78
CA CYS E 166 -46.57 -33.69 -23.13
C CYS E 166 -45.09 -34.04 -23.27
N LEU E 167 -44.73 -34.65 -24.40
CA LEU E 167 -43.36 -35.09 -24.65
C LEU E 167 -42.64 -34.04 -25.49
N VAL E 168 -41.53 -33.53 -24.97
CA VAL E 168 -40.68 -32.58 -25.67
C VAL E 168 -39.39 -33.31 -26.01
N LYS E 169 -39.22 -33.64 -27.29
CA LYS E 169 -38.14 -34.50 -27.74
C LYS E 169 -37.30 -33.82 -28.82
N ASP E 170 -36.00 -34.09 -28.79
CA ASP E 170 -35.06 -33.73 -29.85
C ASP E 170 -35.01 -32.21 -30.07
N TYR E 171 -34.55 -31.51 -29.04
CA TYR E 171 -34.34 -30.08 -29.13
C TYR E 171 -32.93 -29.73 -28.64
N PHE E 172 -32.45 -28.59 -29.10
CA PHE E 172 -31.19 -28.02 -28.66
C PHE E 172 -31.21 -26.53 -28.95
N PRO E 173 -30.76 -25.68 -28.01
CA PRO E 173 -30.25 -25.98 -26.67
C PRO E 173 -31.30 -25.84 -25.57
N GLU E 174 -30.84 -25.84 -24.33
CA GLU E 174 -31.64 -25.45 -23.18
C GLU E 174 -31.82 -23.93 -23.18
N PRO E 175 -32.90 -23.42 -22.57
CA PRO E 175 -34.01 -24.11 -21.92
C PRO E 175 -35.32 -24.10 -22.71
N VAL E 176 -36.27 -24.93 -22.31
CA VAL E 176 -37.63 -24.87 -22.82
C VAL E 176 -38.57 -24.65 -21.63
N THR E 177 -39.66 -23.95 -21.89
CA THR E 177 -40.66 -23.64 -20.89
C THR E 177 -41.99 -24.26 -21.31
N VAL E 178 -42.56 -25.08 -20.43
CA VAL E 178 -43.84 -25.74 -20.69
C VAL E 178 -44.85 -25.26 -19.67
N SER E 179 -45.98 -24.76 -20.15
CA SER E 179 -47.07 -24.31 -19.30
C SER E 179 -48.36 -24.97 -19.75
N TRP E 180 -49.22 -25.28 -18.77
CA TRP E 180 -50.47 -25.98 -19.04
C TRP E 180 -51.62 -24.99 -19.00
N ASN E 181 -52.39 -24.93 -20.09
CA ASN E 181 -53.55 -24.06 -20.24
C ASN E 181 -53.18 -22.59 -19.97
N SER E 182 -52.04 -22.17 -20.54
CA SER E 182 -51.52 -20.81 -20.42
C SER E 182 -51.33 -20.40 -18.96
N GLY E 183 -50.82 -21.33 -18.15
CA GLY E 183 -50.53 -21.07 -16.76
C GLY E 183 -51.71 -21.22 -15.82
N ALA E 184 -52.89 -21.59 -16.32
CA ALA E 184 -54.05 -21.74 -15.45
C ALA E 184 -53.95 -23.00 -14.59
N LEU E 185 -53.21 -24.01 -15.07
CA LEU E 185 -53.05 -25.27 -14.35
C LEU E 185 -51.65 -25.34 -13.78
N THR E 186 -51.54 -25.31 -12.45
CA THR E 186 -50.24 -25.33 -11.79
C THR E 186 -50.16 -26.45 -10.76
N SER E 187 -51.31 -26.82 -10.18
CA SER E 187 -51.33 -27.85 -9.15
C SER E 187 -51.13 -29.22 -9.78
N GLY E 188 -50.20 -29.99 -9.22
CA GLY E 188 -49.87 -31.30 -9.76
C GLY E 188 -48.98 -31.30 -10.98
N VAL E 189 -48.52 -30.12 -11.42
CA VAL E 189 -47.70 -30.02 -12.62
C VAL E 189 -46.25 -30.30 -12.24
N HIS E 190 -45.62 -31.23 -12.96
CA HIS E 190 -44.23 -31.62 -12.72
C HIS E 190 -43.46 -31.54 -14.03
N THR E 191 -42.60 -30.53 -14.14
CA THR E 191 -41.72 -30.37 -15.29
C THR E 191 -40.35 -30.96 -14.94
N PHE E 192 -39.93 -31.96 -15.69
CA PHE E 192 -38.74 -32.71 -15.32
C PHE E 192 -37.48 -32.06 -15.92
N PRO E 193 -36.34 -32.20 -15.24
CA PRO E 193 -35.09 -31.71 -15.81
C PRO E 193 -34.72 -32.46 -17.08
N ALA E 194 -34.13 -31.74 -18.02
CA ALA E 194 -33.74 -32.33 -19.29
C ALA E 194 -32.49 -33.20 -19.13
N VAL E 195 -32.40 -34.23 -19.98
CA VAL E 195 -31.27 -35.14 -19.99
C VAL E 195 -30.79 -35.31 -21.43
N LEU E 196 -29.54 -35.72 -21.58
CA LEU E 196 -28.91 -35.82 -22.89
C LEU E 196 -29.24 -37.16 -23.54
N GLN E 197 -29.69 -37.12 -24.79
CA GLN E 197 -30.03 -38.34 -25.51
C GLN E 197 -28.77 -39.06 -25.98
N SER E 198 -28.99 -40.21 -26.65
CA SER E 198 -27.88 -40.95 -27.22
C SER E 198 -27.26 -40.19 -28.40
N SER E 199 -28.03 -39.33 -29.06
CA SER E 199 -27.55 -38.51 -30.15
C SER E 199 -27.11 -37.12 -29.69
N GLY E 200 -26.90 -36.94 -28.39
CA GLY E 200 -26.53 -35.63 -27.87
C GLY E 200 -27.61 -34.59 -28.01
N LEU E 201 -28.86 -34.95 -27.71
CA LEU E 201 -30.00 -34.06 -27.85
C LEU E 201 -30.73 -33.95 -26.52
N TYR E 202 -31.21 -32.75 -26.21
CA TYR E 202 -31.94 -32.54 -24.96
C TYR E 202 -33.39 -32.98 -25.11
N SER E 203 -33.95 -33.53 -24.03
CA SER E 203 -35.33 -34.00 -24.05
C SER E 203 -35.87 -33.99 -22.63
N LEU E 204 -37.18 -33.75 -22.51
CA LEU E 204 -37.87 -33.77 -21.21
C LEU E 204 -39.36 -33.96 -21.46
N SER E 205 -40.13 -33.93 -20.38
CA SER E 205 -41.58 -33.92 -20.44
C SER E 205 -42.13 -33.20 -19.22
N SER E 206 -43.28 -32.56 -19.39
CA SER E 206 -44.01 -31.92 -18.30
C SER E 206 -45.36 -32.61 -18.16
N VAL E 207 -45.69 -33.00 -16.93
CA VAL E 207 -46.86 -33.84 -16.66
C VAL E 207 -47.76 -33.14 -15.64
N VAL E 208 -48.96 -33.69 -15.49
CA VAL E 208 -49.93 -33.18 -14.52
C VAL E 208 -50.88 -34.32 -14.16
N THR E 209 -51.25 -34.38 -12.88
CA THR E 209 -52.18 -35.39 -12.39
C THR E 209 -53.57 -34.77 -12.22
N VAL E 210 -54.58 -35.43 -12.78
CA VAL E 210 -55.95 -34.91 -12.77
C VAL E 210 -56.88 -36.02 -12.29
N PRO E 211 -58.05 -35.66 -11.76
CA PRO E 211 -59.07 -36.68 -11.49
C PRO E 211 -59.56 -37.32 -12.78
N SER E 212 -59.91 -38.61 -12.68
CA SER E 212 -60.32 -39.36 -13.87
C SER E 212 -61.70 -38.98 -14.37
N SER E 213 -62.49 -38.26 -13.56
CA SER E 213 -63.82 -37.85 -13.99
C SER E 213 -63.76 -36.77 -15.06
N SER E 214 -62.74 -35.91 -15.01
CA SER E 214 -62.59 -34.80 -15.93
C SER E 214 -61.78 -35.16 -17.18
N LEU E 215 -61.75 -36.43 -17.57
CA LEU E 215 -60.96 -36.83 -18.74
C LEU E 215 -61.65 -36.42 -20.04
N GLY E 216 -62.89 -36.89 -20.23
CA GLY E 216 -63.60 -36.63 -21.46
C GLY E 216 -64.33 -35.31 -21.54
N THR E 217 -64.31 -34.51 -20.48
CA THR E 217 -65.02 -33.25 -20.45
C THR E 217 -64.13 -32.01 -20.35
N GLN E 218 -62.90 -32.15 -19.85
CA GLN E 218 -61.99 -31.03 -19.67
C GLN E 218 -60.87 -31.10 -20.71
N THR E 219 -60.58 -29.96 -21.33
CA THR E 219 -59.53 -29.88 -22.34
C THR E 219 -58.21 -29.53 -21.69
N TYR E 220 -57.16 -30.28 -22.04
CA TYR E 220 -55.82 -30.05 -21.52
C TYR E 220 -54.89 -29.75 -22.68
N ILE E 221 -54.30 -28.56 -22.67
CA ILE E 221 -53.39 -28.12 -23.73
C ILE E 221 -52.08 -27.69 -23.09
N CYS E 222 -50.98 -28.24 -23.59
CA CYS E 222 -49.65 -27.86 -23.14
C CYS E 222 -49.05 -26.84 -24.10
N ASN E 223 -48.32 -25.88 -23.54
CA ASN E 223 -47.71 -24.79 -24.30
C ASN E 223 -46.19 -24.88 -24.15
N VAL E 224 -45.51 -25.35 -25.19
CA VAL E 224 -44.07 -25.52 -25.19
C VAL E 224 -43.43 -24.36 -25.95
N ASN E 225 -42.44 -23.72 -25.33
CA ASN E 225 -41.75 -22.58 -25.93
C ASN E 225 -40.26 -22.86 -25.94
N HIS E 226 -39.62 -22.64 -27.10
CA HIS E 226 -38.18 -22.78 -27.25
C HIS E 226 -37.66 -21.45 -27.79
N LYS E 227 -37.23 -20.58 -26.88
CA LYS E 227 -36.77 -19.25 -27.27
C LYS E 227 -35.55 -19.22 -28.19
N PRO E 228 -34.50 -20.05 -28.01
CA PRO E 228 -33.37 -19.98 -28.96
C PRO E 228 -33.75 -20.25 -30.41
N SER E 229 -34.72 -21.14 -30.65
CA SER E 229 -35.13 -21.47 -32.02
C SER E 229 -36.37 -20.72 -32.47
N ASN E 230 -36.92 -19.86 -31.61
CA ASN E 230 -38.13 -19.06 -31.89
C ASN E 230 -39.30 -19.97 -32.29
N THR E 231 -39.59 -20.93 -31.41
CA THR E 231 -40.62 -21.93 -31.68
C THR E 231 -41.59 -21.97 -30.51
N LYS E 232 -42.89 -21.81 -30.80
CA LYS E 232 -43.95 -21.97 -29.82
C LYS E 232 -44.96 -22.97 -30.36
N VAL E 233 -45.21 -24.04 -29.60
CA VAL E 233 -46.09 -25.12 -30.05
C VAL E 233 -47.10 -25.40 -28.94
N ASP E 234 -48.38 -25.34 -29.28
CA ASP E 234 -49.45 -25.75 -28.38
C ASP E 234 -50.03 -27.08 -28.85
N LYS E 235 -50.19 -28.01 -27.92
CA LYS E 235 -50.59 -29.38 -28.24
C LYS E 235 -51.72 -29.78 -27.32
N LYS E 236 -52.87 -30.11 -27.90
CA LYS E 236 -53.98 -30.63 -27.11
C LYS E 236 -53.72 -32.07 -26.70
N VAL E 237 -54.12 -32.41 -25.48
CA VAL E 237 -53.95 -33.76 -24.94
C VAL E 237 -55.33 -34.38 -24.79
N GLU E 238 -55.54 -35.50 -25.46
CA GLU E 238 -56.80 -36.22 -25.46
C GLU E 238 -56.59 -37.67 -25.04
N PRO E 239 -57.61 -38.35 -24.54
CA PRO E 239 -57.48 -39.78 -24.24
C PRO E 239 -57.22 -40.59 -25.49
N LYS E 240 -56.56 -41.74 -25.29
CA LYS E 240 -56.15 -42.59 -26.40
C LYS E 240 -57.35 -43.12 -27.17
N SER E 241 -57.26 -43.07 -28.49
CA SER E 241 -58.28 -43.62 -29.39
C SER E 241 -57.75 -44.91 -29.97
N CYS E 242 -58.33 -46.04 -29.55
CA CYS E 242 -57.87 -47.35 -29.99
C CYS E 242 -58.25 -47.58 -31.45
N ASP E 243 -57.30 -48.04 -32.25
CA ASP E 243 -57.53 -48.31 -33.66
C ASP E 243 -57.16 -49.75 -34.00
C1 NAG F . 13.79 -3.21 -7.82
C2 NAG F . 12.47 -2.43 -7.75
C3 NAG F . 11.47 -3.01 -8.74
C4 NAG F . 12.07 -3.07 -10.14
C5 NAG F . 13.40 -3.83 -10.11
C6 NAG F . 14.11 -3.81 -11.44
C7 NAG F . 11.27 -1.39 -5.89
C8 NAG F . 10.78 -1.56 -4.48
N2 NAG F . 11.93 -2.43 -6.41
O3 NAG F . 10.29 -2.21 -8.76
O4 NAG F . 11.17 -3.74 -11.03
O5 NAG F . 14.28 -3.21 -9.16
O6 NAG F . 14.48 -2.50 -11.83
O7 NAG F . 11.08 -0.36 -6.51
#